data_7H3Q
# 
_entry.id   7H3Q 
# 
_audit_conform.dict_name       mmcif_pdbx.dic 
_audit_conform.dict_version    5.397 
_audit_conform.dict_location   http://mmcif.pdb.org/dictionaries/ascii/mmcif_pdbx.dic 
# 
loop_
_database_2.database_id 
_database_2.database_code 
_database_2.pdbx_database_accession 
_database_2.pdbx_DOI 
PDB   7H3Q         pdb_00007h3q 10.2210/pdb7h3q/pdb 
WWPDB D_1001406985 ?            ?                   
# 
loop_
_pdbx_audit_revision_history.ordinal 
_pdbx_audit_revision_history.data_content_type 
_pdbx_audit_revision_history.major_revision 
_pdbx_audit_revision_history.minor_revision 
_pdbx_audit_revision_history.revision_date 
1 'Structure model' 1 0 2024-04-24 
2 'Structure model' 1 1 2024-10-16 
# 
_pdbx_audit_revision_details.ordinal             1 
_pdbx_audit_revision_details.revision_ordinal    1 
_pdbx_audit_revision_details.data_content_type   'Structure model' 
_pdbx_audit_revision_details.provider            repository 
_pdbx_audit_revision_details.type                'Initial release' 
_pdbx_audit_revision_details.description         ? 
_pdbx_audit_revision_details.details             ? 
# 
loop_
_pdbx_audit_revision_group.ordinal 
_pdbx_audit_revision_group.revision_ordinal 
_pdbx_audit_revision_group.data_content_type 
_pdbx_audit_revision_group.group 
1 2 'Structure model' 'Database references' 
2 2 'Structure model' 'Structure summary'   
# 
loop_
_pdbx_audit_revision_category.ordinal 
_pdbx_audit_revision_category.revision_ordinal 
_pdbx_audit_revision_category.data_content_type 
_pdbx_audit_revision_category.category 
1 2 'Structure model' citation           
2 2 'Structure model' citation_author    
3 2 'Structure model' pdbx_entry_details 
# 
loop_
_pdbx_audit_revision_item.ordinal 
_pdbx_audit_revision_item.revision_ordinal 
_pdbx_audit_revision_item.data_content_type 
_pdbx_audit_revision_item.item 
1 2 'Structure model' '_citation.country'                 
2 2 'Structure model' '_citation.journal_abbrev'          
3 2 'Structure model' '_citation.journal_id_CSD'          
4 2 'Structure model' '_citation.journal_id_ISSN'         
5 2 'Structure model' '_citation.pdbx_database_id_DOI'    
6 2 'Structure model' '_citation.pdbx_database_id_PubMed' 
7 2 'Structure model' '_citation.title'                   
8 2 'Structure model' '_citation.year'                    
# 
_pdbx_database_status.entry_id                        7H3Q 
_pdbx_database_status.status_code                     REL 
_pdbx_database_status.status_code_sf                  REL 
_pdbx_database_status.status_code_mr                  ? 
_pdbx_database_status.status_code_cs                  ? 
_pdbx_database_status.recvd_initial_deposition_date   2024-04-04 
_pdbx_database_status.status_code_nmr_data            ? 
_pdbx_database_status.deposit_site                    RCSB 
_pdbx_database_status.process_site                    RCSB 
_pdbx_database_status.SG_entry                        ? 
_pdbx_database_status.pdb_format_compatible           N 
_pdbx_database_status.methods_development_category    ? 
# 
_pdbx_contact_author.id                 1 
_pdbx_contact_author.email              frank.von-delft@diamond.ac.uk 
_pdbx_contact_author.name_first         Frank 
_pdbx_contact_author.name_last          'von Delft' 
_pdbx_contact_author.role               'principal investigator/group leader' 
_pdbx_contact_author.identifier_ORCID   0000-0003-0378-0017 
_pdbx_contact_author.name_mi            ? 
# 
loop_
_audit_author.name 
_audit_author.pdbx_ordinal 
'Lithgo, R.M.'        1  
'Fairhead, M.'        2  
'Koekemoer, L.'       3  
'Balcomb, B.H.'       4  
'Capkin, E.'          5  
'Chandran, A.V.'      6  
'Golding, M.'         7  
'Godoy, A.S.'         8  
'Aschenbrenner, J.C.' 9  
'Marples, P.G.'       10 
'Ni, X.'              11 
'Thompson, W.'        12 
'Tomlinson, C.W.E.'   13 
'Wild, C.'            14 
'Winokan, M.'         15 
'Xavier, M.-A.E.'     16 
'Fearon, D.'          17 
'von Delft, F.'       18 
# 
_citation.id                        primary 
_citation.title                     
;Crystallographic Fragment Screen of Coxsackievirus A16 2A Protease identifies new opportunities for the development of broad-spectrum anti-enterovirals.
;
_citation.journal_abbrev            Biorxiv 
_citation.journal_volume            ? 
_citation.page_first                ? 
_citation.page_last                 ? 
_citation.year                      2024 
_citation.journal_id_ASTM           ? 
_citation.country                   US 
_citation.journal_id_ISSN           2692-8205 
_citation.journal_id_CSD            ? 
_citation.book_publisher            ? 
_citation.pdbx_database_id_PubMed   38746446 
_citation.pdbx_database_id_DOI      10.1101/2024.04.29.591684 
# 
loop_
_citation_author.citation_id 
_citation_author.name 
_citation_author.identifier_ORCID 
_citation_author.ordinal 
primary 'Lithgo, R.M.'        0000-0002-4706-9916 1  
primary 'Tomlinson, C.W.E.'   0000-0002-1845-6028 2  
primary 'Fairhead, M.'        0000-0001-5361-3933 3  
primary 'Winokan, M.'         ?                   4  
primary 'Thompson, W.'        0000-0003-1474-7810 5  
primary 'Wild, C.'            0000-0003-0654-8141 6  
primary 'Aschenbrenner, J.C.' 0000-0002-4318-0481 7  
primary 'Balcomb, B.H.'       0000-0001-7599-8467 8  
primary 'Marples, P.G.'       0000-0002-8787-7969 9  
primary 'Chandran, A.V.'      0000-0001-9942-2614 10 
primary 'Golding, M.'         0009-0004-7472-8333 11 
primary 'Koekemoer, L.'       0000-0001-9226-9127 12 
primary 'Williams, E.P.'      0000-0002-1331-9518 13 
primary 'Wang, S.'            ?                   14 
primary 'Ni, X.'              0000-0002-7769-8297 15 
primary 'MacLean, E.'         0000-0003-1680-4292 16 
primary 'Giroud, C.'          0000-0002-1629-1581 17 
primary 'Godoy, A.S.'         0000-0002-0613-9164 18 
primary 'Xavier, M.A.'        0000-0002-1709-9479 19 
primary 'Walsh, M.'           0000-0001-5683-1151 20 
primary 'Fearon, D.'          0000-0003-3529-7863 21 
primary 'von Delft, F.'       0000-0003-0378-0017 22 
# 
loop_
_entity.id 
_entity.type 
_entity.src_method 
_entity.pdbx_description 
_entity.formula_weight 
_entity.pdbx_number_of_molecules 
_entity.pdbx_ec 
_entity.pdbx_mutation 
_entity.pdbx_fragment 
_entity.details 
1 polymer     man 'Protease 2A'                                 16493.311 1   3.4.22.29 ? ? ? 
2 non-polymer man '2-[4-(propan-2-yl)piperazin-1-yl]pyrimidine' 206.287   1   ?         ? ? ? 
3 non-polymer syn 'ZINC ION'                                    65.409    1   ?         ? ? ? 
4 non-polymer syn 'DIMETHYL SULFOXIDE'                          78.133    4   ?         ? ? ? 
5 non-polymer syn 'SULFATE ION'                                 96.063    2   ?         ? ? ? 
6 water       nat water                                         18.015    310 ?         ? ? ? 
# 
_entity_name_com.entity_id   1 
_entity_name_com.name        'P2A,Picornain 2A,Protein 2A' 
# 
_entity_poly.entity_id                      1 
_entity_poly.type                           'polypeptide(L)' 
_entity_poly.nstd_linkage                   no 
_entity_poly.nstd_monomer                   no 
_entity_poly.pdbx_seq_one_letter_code       
;QEQTGGSGAIYVGNYRVVNRHLATHNDWANLVWEDSSRDLLVSSTTAQGCDTIARCDCQTGVYYCSSRRKHYPVSFSKPS
LIFVEASEYYPARYQSHLMLAVGHSEPGDCGGILRCQHGVVGIVSTGGNGLVGFADVRDLLWLDEEAMEQ
;
_entity_poly.pdbx_seq_one_letter_code_can   
;QEQTGGSGAIYVGNYRVVNRHLATHNDWANLVWEDSSRDLLVSSTTAQGCDTIARCDCQTGVYYCSSRRKHYPVSFSKPS
LIFVEASEYYPARYQSHLMLAVGHSEPGDCGGILRCQHGVVGIVSTGGNGLVGFADVRDLLWLDEEAMEQ
;
_entity_poly.pdbx_strand_id                 A 
_entity_poly.pdbx_target_identifier         ? 
# 
loop_
_pdbx_entity_nonpoly.entity_id 
_pdbx_entity_nonpoly.name 
_pdbx_entity_nonpoly.comp_id 
2 '2-[4-(propan-2-yl)piperazin-1-yl]pyrimidine' A1AM6 
3 'ZINC ION'                                    ZN    
4 'DIMETHYL SULFOXIDE'                          DMS   
5 'SULFATE ION'                                 SO4   
6 water                                         HOH   
# 
loop_
_entity_poly_seq.entity_id 
_entity_poly_seq.num 
_entity_poly_seq.mon_id 
_entity_poly_seq.hetero 
1 1   GLN n 
1 2   GLU n 
1 3   GLN n 
1 4   THR n 
1 5   GLY n 
1 6   GLY n 
1 7   SER n 
1 8   GLY n 
1 9   ALA n 
1 10  ILE n 
1 11  TYR n 
1 12  VAL n 
1 13  GLY n 
1 14  ASN n 
1 15  TYR n 
1 16  ARG n 
1 17  VAL n 
1 18  VAL n 
1 19  ASN n 
1 20  ARG n 
1 21  HIS n 
1 22  LEU n 
1 23  ALA n 
1 24  THR n 
1 25  HIS n 
1 26  ASN n 
1 27  ASP n 
1 28  TRP n 
1 29  ALA n 
1 30  ASN n 
1 31  LEU n 
1 32  VAL n 
1 33  TRP n 
1 34  GLU n 
1 35  ASP n 
1 36  SER n 
1 37  SER n 
1 38  ARG n 
1 39  ASP n 
1 40  LEU n 
1 41  LEU n 
1 42  VAL n 
1 43  SER n 
1 44  SER n 
1 45  THR n 
1 46  THR n 
1 47  ALA n 
1 48  GLN n 
1 49  GLY n 
1 50  CYS n 
1 51  ASP n 
1 52  THR n 
1 53  ILE n 
1 54  ALA n 
1 55  ARG n 
1 56  CYS n 
1 57  ASP n 
1 58  CYS n 
1 59  GLN n 
1 60  THR n 
1 61  GLY n 
1 62  VAL n 
1 63  TYR n 
1 64  TYR n 
1 65  CYS n 
1 66  SER n 
1 67  SER n 
1 68  ARG n 
1 69  ARG n 
1 70  LYS n 
1 71  HIS n 
1 72  TYR n 
1 73  PRO n 
1 74  VAL n 
1 75  SER n 
1 76  PHE n 
1 77  SER n 
1 78  LYS n 
1 79  PRO n 
1 80  SER n 
1 81  LEU n 
1 82  ILE n 
1 83  PHE n 
1 84  VAL n 
1 85  GLU n 
1 86  ALA n 
1 87  SER n 
1 88  GLU n 
1 89  TYR n 
1 90  TYR n 
1 91  PRO n 
1 92  ALA n 
1 93  ARG n 
1 94  TYR n 
1 95  GLN n 
1 96  SER n 
1 97  HIS n 
1 98  LEU n 
1 99  MET n 
1 100 LEU n 
1 101 ALA n 
1 102 VAL n 
1 103 GLY n 
1 104 HIS n 
1 105 SER n 
1 106 GLU n 
1 107 PRO n 
1 108 GLY n 
1 109 ASP n 
1 110 CYS n 
1 111 GLY n 
1 112 GLY n 
1 113 ILE n 
1 114 LEU n 
1 115 ARG n 
1 116 CYS n 
1 117 GLN n 
1 118 HIS n 
1 119 GLY n 
1 120 VAL n 
1 121 VAL n 
1 122 GLY n 
1 123 ILE n 
1 124 VAL n 
1 125 SER n 
1 126 THR n 
1 127 GLY n 
1 128 GLY n 
1 129 ASN n 
1 130 GLY n 
1 131 LEU n 
1 132 VAL n 
1 133 GLY n 
1 134 PHE n 
1 135 ALA n 
1 136 ASP n 
1 137 VAL n 
1 138 ARG n 
1 139 ASP n 
1 140 LEU n 
1 141 LEU n 
1 142 TRP n 
1 143 LEU n 
1 144 ASP n 
1 145 GLU n 
1 146 GLU n 
1 147 ALA n 
1 148 MET n 
1 149 GLU n 
1 150 GLN n 
# 
loop_
_entity_src_gen.entity_id 
_entity_src_gen.pdbx_src_id 
_entity_src_gen.pdbx_alt_source_flag 
_entity_src_gen.pdbx_seq_type 
_entity_src_gen.pdbx_beg_seq_num 
_entity_src_gen.pdbx_end_seq_num 
_entity_src_gen.gene_src_common_name 
_entity_src_gen.gene_src_genus 
_entity_src_gen.pdbx_gene_src_gene 
_entity_src_gen.gene_src_species 
_entity_src_gen.gene_src_strain 
_entity_src_gen.gene_src_tissue 
_entity_src_gen.gene_src_tissue_fraction 
_entity_src_gen.gene_src_details 
_entity_src_gen.pdbx_gene_src_fragment 
_entity_src_gen.pdbx_gene_src_scientific_name 
_entity_src_gen.pdbx_gene_src_ncbi_taxonomy_id 
_entity_src_gen.pdbx_gene_src_variant 
_entity_src_gen.pdbx_gene_src_cell_line 
_entity_src_gen.pdbx_gene_src_atcc 
_entity_src_gen.pdbx_gene_src_organ 
_entity_src_gen.pdbx_gene_src_organelle 
_entity_src_gen.pdbx_gene_src_cell 
_entity_src_gen.pdbx_gene_src_cellular_location 
_entity_src_gen.host_org_common_name 
_entity_src_gen.pdbx_host_org_scientific_name 
_entity_src_gen.pdbx_host_org_ncbi_taxonomy_id 
_entity_src_gen.host_org_genus 
_entity_src_gen.pdbx_host_org_gene 
_entity_src_gen.pdbx_host_org_organ 
_entity_src_gen.host_org_species 
_entity_src_gen.pdbx_host_org_tissue 
_entity_src_gen.pdbx_host_org_tissue_fraction 
_entity_src_gen.pdbx_host_org_strain 
_entity_src_gen.pdbx_host_org_variant 
_entity_src_gen.pdbx_host_org_cell_line 
_entity_src_gen.pdbx_host_org_atcc 
_entity_src_gen.pdbx_host_org_culture_collection 
_entity_src_gen.pdbx_host_org_cell 
_entity_src_gen.pdbx_host_org_organelle 
_entity_src_gen.pdbx_host_org_cellular_location 
_entity_src_gen.pdbx_host_org_vector_type 
_entity_src_gen.pdbx_host_org_vector 
_entity_src_gen.host_org_details 
_entity_src_gen.expression_system_id 
_entity_src_gen.plasmid_name 
_entity_src_gen.plasmid_details 
_entity_src_gen.pdbx_description 
1 1 sample 'Biological sequence' 1 150 ? ? ? ? ? ? ? ? ? 'Coxsackievirus A16' 31704 ? ? ? ? ? ? ? ? 'Escherichia coli' 562 ? ? ? ? 
? ? ? ? ? ? ? ? ? ? ? ? ? ? ? ? ? 
2 1 sample ?                     ? ?   ? ? ? ? ? ? ? ? ? 'Coxsackievirus A16' 31704 ? ? ? ? ? ? ? ? 'Escherichia coli' 562 ? ? ? ? 
? ? ? ? ? ? ? ? ? ? ? ? ? ? ? ? ? 
# 
loop_
_chem_comp.id 
_chem_comp.type 
_chem_comp.mon_nstd_flag 
_chem_comp.name 
_chem_comp.pdbx_synonyms 
_chem_comp.formula 
_chem_comp.formula_weight 
A1AM6 non-polymer         . '2-[4-(propan-2-yl)piperazin-1-yl]pyrimidine' ? 'C11 H18 N4'     206.287 
ALA   'L-peptide linking' y ALANINE                                       ? 'C3 H7 N O2'     89.093  
ARG   'L-peptide linking' y ARGININE                                      ? 'C6 H15 N4 O2 1' 175.209 
ASN   'L-peptide linking' y ASPARAGINE                                    ? 'C4 H8 N2 O3'    132.118 
ASP   'L-peptide linking' y 'ASPARTIC ACID'                               ? 'C4 H7 N O4'     133.103 
CYS   'L-peptide linking' y CYSTEINE                                      ? 'C3 H7 N O2 S'   121.158 
DMS   non-polymer         . 'DIMETHYL SULFOXIDE'                          ? 'C2 H6 O S'      78.133  
GLN   'L-peptide linking' y GLUTAMINE                                     ? 'C5 H10 N2 O3'   146.144 
GLU   'L-peptide linking' y 'GLUTAMIC ACID'                               ? 'C5 H9 N O4'     147.129 
GLY   'peptide linking'   y GLYCINE                                       ? 'C2 H5 N O2'     75.067  
HIS   'L-peptide linking' y HISTIDINE                                     ? 'C6 H10 N3 O2 1' 156.162 
HOH   non-polymer         . WATER                                         ? 'H2 O'           18.015  
ILE   'L-peptide linking' y ISOLEUCINE                                    ? 'C6 H13 N O2'    131.173 
LEU   'L-peptide linking' y LEUCINE                                       ? 'C6 H13 N O2'    131.173 
LYS   'L-peptide linking' y LYSINE                                        ? 'C6 H15 N2 O2 1' 147.195 
MET   'L-peptide linking' y METHIONINE                                    ? 'C5 H11 N O2 S'  149.211 
PHE   'L-peptide linking' y PHENYLALANINE                                 ? 'C9 H11 N O2'    165.189 
PRO   'L-peptide linking' y PROLINE                                       ? 'C5 H9 N O2'     115.130 
SER   'L-peptide linking' y SERINE                                        ? 'C3 H7 N O3'     105.093 
SO4   non-polymer         . 'SULFATE ION'                                 ? 'O4 S -2'        96.063  
THR   'L-peptide linking' y THREONINE                                     ? 'C4 H9 N O3'     119.119 
TRP   'L-peptide linking' y TRYPTOPHAN                                    ? 'C11 H12 N2 O2'  204.225 
TYR   'L-peptide linking' y TYROSINE                                      ? 'C9 H11 N O3'    181.189 
VAL   'L-peptide linking' y VALINE                                        ? 'C5 H11 N O2'    117.146 
ZN    non-polymer         . 'ZINC ION'                                    ? 'Zn 2'           65.409  
# 
loop_
_pdbx_poly_seq_scheme.asym_id 
_pdbx_poly_seq_scheme.entity_id 
_pdbx_poly_seq_scheme.seq_id 
_pdbx_poly_seq_scheme.mon_id 
_pdbx_poly_seq_scheme.ndb_seq_num 
_pdbx_poly_seq_scheme.pdb_seq_num 
_pdbx_poly_seq_scheme.auth_seq_num 
_pdbx_poly_seq_scheme.pdb_mon_id 
_pdbx_poly_seq_scheme.auth_mon_id 
_pdbx_poly_seq_scheme.pdb_strand_id 
_pdbx_poly_seq_scheme.pdb_ins_code 
_pdbx_poly_seq_scheme.hetero 
A 1 1   GLN 1   1   ?   ?   ?   A . n 
A 1 2   GLU 2   2   ?   ?   ?   A . n 
A 1 3   GLN 3   3   ?   ?   ?   A . n 
A 1 4   THR 4   4   ?   ?   ?   A . n 
A 1 5   GLY 5   5   ?   ?   ?   A . n 
A 1 6   GLY 6   6   ?   ?   ?   A . n 
A 1 7   SER 7   7   7   SER SER A . n 
A 1 8   GLY 8   8   8   GLY GLY A . n 
A 1 9   ALA 9   9   9   ALA ALA A . n 
A 1 10  ILE 10  10  10  ILE ILE A . n 
A 1 11  TYR 11  11  11  TYR TYR A . n 
A 1 12  VAL 12  12  12  VAL VAL A . n 
A 1 13  GLY 13  13  13  GLY GLY A . n 
A 1 14  ASN 14  14  14  ASN ASN A . n 
A 1 15  TYR 15  15  15  TYR TYR A . n 
A 1 16  ARG 16  16  16  ARG ARG A . n 
A 1 17  VAL 17  17  17  VAL VAL A . n 
A 1 18  VAL 18  18  18  VAL VAL A . n 
A 1 19  ASN 19  19  19  ASN ASN A . n 
A 1 20  ARG 20  20  20  ARG ARG A . n 
A 1 21  HIS 21  21  21  HIS HIS A . n 
A 1 22  LEU 22  22  22  LEU LEU A . n 
A 1 23  ALA 23  23  23  ALA ALA A . n 
A 1 24  THR 24  24  24  THR THR A . n 
A 1 25  HIS 25  25  25  HIS HIS A . n 
A 1 26  ASN 26  26  26  ASN ASN A . n 
A 1 27  ASP 27  27  27  ASP ASP A . n 
A 1 28  TRP 28  28  28  TRP TRP A . n 
A 1 29  ALA 29  29  29  ALA ALA A . n 
A 1 30  ASN 30  30  30  ASN ASN A . n 
A 1 31  LEU 31  31  31  LEU LEU A . n 
A 1 32  VAL 32  32  32  VAL VAL A . n 
A 1 33  TRP 33  33  33  TRP TRP A . n 
A 1 34  GLU 34  34  34  GLU GLU A . n 
A 1 35  ASP 35  35  35  ASP ASP A . n 
A 1 36  SER 36  36  36  SER SER A . n 
A 1 37  SER 37  37  37  SER SER A . n 
A 1 38  ARG 38  38  38  ARG ARG A . n 
A 1 39  ASP 39  39  39  ASP ASP A . n 
A 1 40  LEU 40  40  40  LEU LEU A . n 
A 1 41  LEU 41  41  41  LEU LEU A . n 
A 1 42  VAL 42  42  42  VAL VAL A . n 
A 1 43  SER 43  43  43  SER SER A . n 
A 1 44  SER 44  44  44  SER SER A . n 
A 1 45  THR 45  45  45  THR THR A . n 
A 1 46  THR 46  46  46  THR THR A . n 
A 1 47  ALA 47  47  47  ALA ALA A . n 
A 1 48  GLN 48  48  48  GLN GLN A . n 
A 1 49  GLY 49  49  49  GLY GLY A . n 
A 1 50  CYS 50  50  50  CYS CYS A . n 
A 1 51  ASP 51  51  51  ASP ASP A . n 
A 1 52  THR 52  52  52  THR THR A . n 
A 1 53  ILE 53  53  53  ILE ILE A . n 
A 1 54  ALA 54  54  54  ALA ALA A . n 
A 1 55  ARG 55  55  55  ARG ARG A . n 
A 1 56  CYS 56  56  56  CYS CYS A . n 
A 1 57  ASP 57  57  57  ASP ASP A . n 
A 1 58  CYS 58  58  58  CYS CYS A . n 
A 1 59  GLN 59  59  59  GLN GLN A . n 
A 1 60  THR 60  60  60  THR THR A . n 
A 1 61  GLY 61  61  61  GLY GLY A . n 
A 1 62  VAL 62  62  62  VAL VAL A . n 
A 1 63  TYR 63  63  63  TYR TYR A . n 
A 1 64  TYR 64  64  64  TYR TYR A . n 
A 1 65  CYS 65  65  65  CYS CYS A . n 
A 1 66  SER 66  66  66  SER SER A . n 
A 1 67  SER 67  67  67  SER SER A . n 
A 1 68  ARG 68  68  68  ARG ARG A . n 
A 1 69  ARG 69  69  69  ARG ARG A . n 
A 1 70  LYS 70  70  70  LYS LYS A . n 
A 1 71  HIS 71  71  71  HIS HIS A . n 
A 1 72  TYR 72  72  72  TYR TYR A . n 
A 1 73  PRO 73  73  73  PRO PRO A . n 
A 1 74  VAL 74  74  74  VAL VAL A . n 
A 1 75  SER 75  75  75  SER SER A . n 
A 1 76  PHE 76  76  76  PHE PHE A . n 
A 1 77  SER 77  77  77  SER SER A . n 
A 1 78  LYS 78  78  78  LYS LYS A . n 
A 1 79  PRO 79  79  79  PRO PRO A . n 
A 1 80  SER 80  80  80  SER SER A . n 
A 1 81  LEU 81  81  81  LEU LEU A . n 
A 1 82  ILE 82  82  82  ILE ILE A . n 
A 1 83  PHE 83  83  83  PHE PHE A . n 
A 1 84  VAL 84  84  84  VAL VAL A . n 
A 1 85  GLU 85  85  85  GLU GLU A . n 
A 1 86  ALA 86  86  86  ALA ALA A . n 
A 1 87  SER 87  87  87  SER SER A . n 
A 1 88  GLU 88  88  88  GLU GLU A . n 
A 1 89  TYR 89  89  89  TYR TYR A . n 
A 1 90  TYR 90  90  90  TYR TYR A . n 
A 1 91  PRO 91  91  91  PRO PRO A . n 
A 1 92  ALA 92  92  92  ALA ALA A . n 
A 1 93  ARG 93  93  93  ARG ARG A . n 
A 1 94  TYR 94  94  94  TYR TYR A . n 
A 1 95  GLN 95  95  95  GLN GLN A . n 
A 1 96  SER 96  96  96  SER SER A . n 
A 1 97  HIS 97  97  97  HIS HIS A . n 
A 1 98  LEU 98  98  98  LEU LEU A . n 
A 1 99  MET 99  99  99  MET MET A . n 
A 1 100 LEU 100 100 100 LEU LEU A . n 
A 1 101 ALA 101 101 101 ALA ALA A . n 
A 1 102 VAL 102 102 102 VAL VAL A . n 
A 1 103 GLY 103 103 103 GLY GLY A . n 
A 1 104 HIS 104 104 104 HIS HIS A . n 
A 1 105 SER 105 105 105 SER SER A . n 
A 1 106 GLU 106 106 106 GLU GLU A . n 
A 1 107 PRO 107 107 107 PRO PRO A . n 
A 1 108 GLY 108 108 108 GLY GLY A . n 
A 1 109 ASP 109 109 109 ASP ASP A . n 
A 1 110 CYS 110 110 110 CYS CYS A . n 
A 1 111 GLY 111 111 111 GLY GLY A . n 
A 1 112 GLY 112 112 112 GLY GLY A . n 
A 1 113 ILE 113 113 113 ILE ILE A . n 
A 1 114 LEU 114 114 114 LEU LEU A . n 
A 1 115 ARG 115 115 115 ARG ARG A . n 
A 1 116 CYS 116 116 116 CYS CYS A . n 
A 1 117 GLN 117 117 117 GLN GLN A . n 
A 1 118 HIS 118 118 118 HIS HIS A . n 
A 1 119 GLY 119 119 119 GLY GLY A . n 
A 1 120 VAL 120 120 120 VAL VAL A . n 
A 1 121 VAL 121 121 121 VAL VAL A . n 
A 1 122 GLY 122 122 122 GLY GLY A . n 
A 1 123 ILE 123 123 123 ILE ILE A . n 
A 1 124 VAL 124 124 124 VAL VAL A . n 
A 1 125 SER 125 125 125 SER SER A . n 
A 1 126 THR 126 126 126 THR THR A . n 
A 1 127 GLY 127 127 127 GLY GLY A . n 
A 1 128 GLY 128 128 128 GLY GLY A . n 
A 1 129 ASN 129 129 129 ASN ASN A . n 
A 1 130 GLY 130 130 130 GLY GLY A . n 
A 1 131 LEU 131 131 131 LEU LEU A . n 
A 1 132 VAL 132 132 132 VAL VAL A . n 
A 1 133 GLY 133 133 133 GLY GLY A . n 
A 1 134 PHE 134 134 134 PHE PHE A . n 
A 1 135 ALA 135 135 135 ALA ALA A . n 
A 1 136 ASP 136 136 136 ASP ASP A . n 
A 1 137 VAL 137 137 137 VAL VAL A . n 
A 1 138 ARG 138 138 138 ARG ARG A . n 
A 1 139 ASP 139 139 139 ASP ASP A . n 
A 1 140 LEU 140 140 140 LEU LEU A . n 
A 1 141 LEU 141 141 141 LEU LEU A . n 
A 1 142 TRP 142 142 142 TRP TRP A . n 
A 1 143 LEU 143 143 143 LEU LEU A . n 
A 1 144 ASP 144 144 144 ASP ASP A . n 
A 1 145 GLU 145 145 145 GLU GLU A . n 
A 1 146 GLU 146 146 146 GLU GLU A . n 
A 1 147 ALA 147 147 ?   ?   ?   A . n 
A 1 148 MET 148 148 ?   ?   ?   A . n 
A 1 149 GLU 149 149 ?   ?   ?   A . n 
A 1 150 GLN 150 150 ?   ?   ?   A . n 
# 
loop_
_pdbx_nonpoly_scheme.asym_id 
_pdbx_nonpoly_scheme.entity_id 
_pdbx_nonpoly_scheme.mon_id 
_pdbx_nonpoly_scheme.ndb_seq_num 
_pdbx_nonpoly_scheme.pdb_seq_num 
_pdbx_nonpoly_scheme.auth_seq_num 
_pdbx_nonpoly_scheme.pdb_mon_id 
_pdbx_nonpoly_scheme.auth_mon_id 
_pdbx_nonpoly_scheme.pdb_strand_id 
_pdbx_nonpoly_scheme.pdb_ins_code 
B 2 A1AM6 1   201 147 A1AM6 LIG A . 
C 3 ZN    1   202 1   ZN    ZN  A . 
D 4 DMS   1   203 -1  DMS   DMS A . 
E 4 DMS   1   204 0   DMS   DMS A . 
F 4 DMS   1   205 1   DMS   DMS A . 
G 4 DMS   1   206 3   DMS   DMS A . 
H 5 SO4   1   207 1   SO4   SO4 A . 
I 5 SO4   1   208 2   SO4   SO4 A . 
J 6 HOH   1   301 137 HOH   HOH A . 
J 6 HOH   2   302 318 HOH   HOH A . 
J 6 HOH   3   303 227 HOH   HOH A . 
J 6 HOH   4   304 131 HOH   HOH A . 
J 6 HOH   5   305 3   HOH   HOH A . 
J 6 HOH   6   306 262 HOH   HOH A . 
J 6 HOH   7   307 240 HOH   HOH A . 
J 6 HOH   8   308 248 HOH   HOH A . 
J 6 HOH   9   309 234 HOH   HOH A . 
J 6 HOH   10  310 238 HOH   HOH A . 
J 6 HOH   11  311 322 HOH   HOH A . 
J 6 HOH   12  312 245 HOH   HOH A . 
J 6 HOH   13  313 108 HOH   HOH A . 
J 6 HOH   14  314 34  HOH   HOH A . 
J 6 HOH   15  315 269 HOH   HOH A . 
J 6 HOH   16  316 215 HOH   HOH A . 
J 6 HOH   17  317 94  HOH   HOH A . 
J 6 HOH   18  318 186 HOH   HOH A . 
J 6 HOH   19  319 148 HOH   HOH A . 
J 6 HOH   20  320 107 HOH   HOH A . 
J 6 HOH   21  321 259 HOH   HOH A . 
J 6 HOH   22  322 307 HOH   HOH A . 
J 6 HOH   23  323 72  HOH   HOH A . 
J 6 HOH   24  324 77  HOH   HOH A . 
J 6 HOH   25  325 181 HOH   HOH A . 
J 6 HOH   26  326 252 HOH   HOH A . 
J 6 HOH   27  327 220 HOH   HOH A . 
J 6 HOH   28  328 124 HOH   HOH A . 
J 6 HOH   29  329 68  HOH   HOH A . 
J 6 HOH   30  330 133 HOH   HOH A . 
J 6 HOH   31  331 116 HOH   HOH A . 
J 6 HOH   32  332 57  HOH   HOH A . 
J 6 HOH   33  333 4   HOH   HOH A . 
J 6 HOH   34  334 249 HOH   HOH A . 
J 6 HOH   35  335 191 HOH   HOH A . 
J 6 HOH   36  336 292 HOH   HOH A . 
J 6 HOH   37  337 46  HOH   HOH A . 
J 6 HOH   38  338 30  HOH   HOH A . 
J 6 HOH   39  339 104 HOH   HOH A . 
J 6 HOH   40  340 113 HOH   HOH A . 
J 6 HOH   41  341 266 HOH   HOH A . 
J 6 HOH   42  342 250 HOH   HOH A . 
J 6 HOH   43  343 152 HOH   HOH A . 
J 6 HOH   44  344 173 HOH   HOH A . 
J 6 HOH   45  345 118 HOH   HOH A . 
J 6 HOH   46  346 287 HOH   HOH A . 
J 6 HOH   47  347 211 HOH   HOH A . 
J 6 HOH   48  348 60  HOH   HOH A . 
J 6 HOH   49  349 88  HOH   HOH A . 
J 6 HOH   50  350 138 HOH   HOH A . 
J 6 HOH   51  351 309 HOH   HOH A . 
J 6 HOH   52  352 59  HOH   HOH A . 
J 6 HOH   53  353 178 HOH   HOH A . 
J 6 HOH   54  354 13  HOH   HOH A . 
J 6 HOH   55  355 103 HOH   HOH A . 
J 6 HOH   56  356 79  HOH   HOH A . 
J 6 HOH   57  357 16  HOH   HOH A . 
J 6 HOH   58  358 47  HOH   HOH A . 
J 6 HOH   59  359 43  HOH   HOH A . 
J 6 HOH   60  360 109 HOH   HOH A . 
J 6 HOH   61  361 29  HOH   HOH A . 
J 6 HOH   62  362 195 HOH   HOH A . 
J 6 HOH   63  363 217 HOH   HOH A . 
J 6 HOH   64  364 24  HOH   HOH A . 
J 6 HOH   65  365 37  HOH   HOH A . 
J 6 HOH   66  366 161 HOH   HOH A . 
J 6 HOH   67  367 253 HOH   HOH A . 
J 6 HOH   68  368 205 HOH   HOH A . 
J 6 HOH   69  369 21  HOH   HOH A . 
J 6 HOH   70  370 305 HOH   HOH A . 
J 6 HOH   71  371 219 HOH   HOH A . 
J 6 HOH   72  372 256 HOH   HOH A . 
J 6 HOH   73  373 147 HOH   HOH A . 
J 6 HOH   74  374 212 HOH   HOH A . 
J 6 HOH   75  375 168 HOH   HOH A . 
J 6 HOH   76  376 121 HOH   HOH A . 
J 6 HOH   77  377 33  HOH   HOH A . 
J 6 HOH   78  378 36  HOH   HOH A . 
J 6 HOH   79  379 7   HOH   HOH A . 
J 6 HOH   80  380 28  HOH   HOH A . 
J 6 HOH   81  381 2   HOH   HOH A . 
J 6 HOH   82  382 182 HOH   HOH A . 
J 6 HOH   83  383 81  HOH   HOH A . 
J 6 HOH   84  384 180 HOH   HOH A . 
J 6 HOH   85  385 216 HOH   HOH A . 
J 6 HOH   86  386 27  HOH   HOH A . 
J 6 HOH   87  387 97  HOH   HOH A . 
J 6 HOH   88  388 53  HOH   HOH A . 
J 6 HOH   89  389 90  HOH   HOH A . 
J 6 HOH   90  390 45  HOH   HOH A . 
J 6 HOH   91  391 144 HOH   HOH A . 
J 6 HOH   92  392 150 HOH   HOH A . 
J 6 HOH   93  393 39  HOH   HOH A . 
J 6 HOH   94  394 247 HOH   HOH A . 
J 6 HOH   95  395 119 HOH   HOH A . 
J 6 HOH   96  396 111 HOH   HOH A . 
J 6 HOH   97  397 25  HOH   HOH A . 
J 6 HOH   98  398 19  HOH   HOH A . 
J 6 HOH   99  399 71  HOH   HOH A . 
J 6 HOH   100 400 67  HOH   HOH A . 
J 6 HOH   101 401 277 HOH   HOH A . 
J 6 HOH   102 402 26  HOH   HOH A . 
J 6 HOH   103 403 48  HOH   HOH A . 
J 6 HOH   104 404 183 HOH   HOH A . 
J 6 HOH   105 405 251 HOH   HOH A . 
J 6 HOH   106 406 15  HOH   HOH A . 
J 6 HOH   107 407 167 HOH   HOH A . 
J 6 HOH   108 408 101 HOH   HOH A . 
J 6 HOH   109 409 82  HOH   HOH A . 
J 6 HOH   110 410 78  HOH   HOH A . 
J 6 HOH   111 411 50  HOH   HOH A . 
J 6 HOH   112 412 12  HOH   HOH A . 
J 6 HOH   113 413 306 HOH   HOH A . 
J 6 HOH   114 414 84  HOH   HOH A . 
J 6 HOH   115 415 9   HOH   HOH A . 
J 6 HOH   116 416 62  HOH   HOH A . 
J 6 HOH   117 417 204 HOH   HOH A . 
J 6 HOH   118 418 120 HOH   HOH A . 
J 6 HOH   119 419 14  HOH   HOH A . 
J 6 HOH   120 420 55  HOH   HOH A . 
J 6 HOH   121 421 42  HOH   HOH A . 
J 6 HOH   122 422 49  HOH   HOH A . 
J 6 HOH   123 423 141 HOH   HOH A . 
J 6 HOH   124 424 8   HOH   HOH A . 
J 6 HOH   125 425 5   HOH   HOH A . 
J 6 HOH   126 426 170 HOH   HOH A . 
J 6 HOH   127 427 106 HOH   HOH A . 
J 6 HOH   128 428 63  HOH   HOH A . 
J 6 HOH   129 429 179 HOH   HOH A . 
J 6 HOH   130 430 66  HOH   HOH A . 
J 6 HOH   131 431 174 HOH   HOH A . 
J 6 HOH   132 432 112 HOH   HOH A . 
J 6 HOH   133 433 169 HOH   HOH A . 
J 6 HOH   134 434 96  HOH   HOH A . 
J 6 HOH   135 435 70  HOH   HOH A . 
J 6 HOH   136 436 155 HOH   HOH A . 
J 6 HOH   137 437 177 HOH   HOH A . 
J 6 HOH   138 438 320 HOH   HOH A . 
J 6 HOH   139 439 52  HOH   HOH A . 
J 6 HOH   140 440 18  HOH   HOH A . 
J 6 HOH   141 441 95  HOH   HOH A . 
J 6 HOH   142 442 308 HOH   HOH A . 
J 6 HOH   143 443 54  HOH   HOH A . 
J 6 HOH   144 444 20  HOH   HOH A . 
J 6 HOH   145 445 241 HOH   HOH A . 
J 6 HOH   146 446 214 HOH   HOH A . 
J 6 HOH   147 447 40  HOH   HOH A . 
J 6 HOH   148 448 17  HOH   HOH A . 
J 6 HOH   149 449 197 HOH   HOH A . 
J 6 HOH   150 450 91  HOH   HOH A . 
J 6 HOH   151 451 41  HOH   HOH A . 
J 6 HOH   152 452 267 HOH   HOH A . 
J 6 HOH   153 453 314 HOH   HOH A . 
J 6 HOH   154 454 110 HOH   HOH A . 
J 6 HOH   155 455 105 HOH   HOH A . 
J 6 HOH   156 456 80  HOH   HOH A . 
J 6 HOH   157 457 270 HOH   HOH A . 
J 6 HOH   158 458 100 HOH   HOH A . 
J 6 HOH   159 459 64  HOH   HOH A . 
J 6 HOH   160 460 69  HOH   HOH A . 
J 6 HOH   161 461 198 HOH   HOH A . 
J 6 HOH   162 462 31  HOH   HOH A . 
J 6 HOH   163 463 303 HOH   HOH A . 
J 6 HOH   164 464 176 HOH   HOH A . 
J 6 HOH   165 465 11  HOH   HOH A . 
J 6 HOH   166 466 58  HOH   HOH A . 
J 6 HOH   167 467 146 HOH   HOH A . 
J 6 HOH   168 468 126 HOH   HOH A . 
J 6 HOH   169 469 102 HOH   HOH A . 
J 6 HOH   170 470 203 HOH   HOH A . 
J 6 HOH   171 471 51  HOH   HOH A . 
J 6 HOH   172 472 10  HOH   HOH A . 
J 6 HOH   173 473 192 HOH   HOH A . 
J 6 HOH   174 474 278 HOH   HOH A . 
J 6 HOH   175 475 38  HOH   HOH A . 
J 6 HOH   176 476 76  HOH   HOH A . 
J 6 HOH   177 477 35  HOH   HOH A . 
J 6 HOH   178 478 156 HOH   HOH A . 
J 6 HOH   179 479 135 HOH   HOH A . 
J 6 HOH   180 480 89  HOH   HOH A . 
J 6 HOH   181 481 93  HOH   HOH A . 
J 6 HOH   182 482 237 HOH   HOH A . 
J 6 HOH   183 483 254 HOH   HOH A . 
J 6 HOH   184 484 171 HOH   HOH A . 
J 6 HOH   185 485 23  HOH   HOH A . 
J 6 HOH   186 486 218 HOH   HOH A . 
J 6 HOH   187 487 6   HOH   HOH A . 
J 6 HOH   188 488 123 HOH   HOH A . 
J 6 HOH   189 489 132 HOH   HOH A . 
J 6 HOH   190 490 230 HOH   HOH A . 
J 6 HOH   191 491 128 HOH   HOH A . 
J 6 HOH   192 492 74  HOH   HOH A . 
J 6 HOH   193 493 61  HOH   HOH A . 
J 6 HOH   194 494 213 HOH   HOH A . 
J 6 HOH   195 495 263 HOH   HOH A . 
J 6 HOH   196 496 255 HOH   HOH A . 
J 6 HOH   197 497 224 HOH   HOH A . 
J 6 HOH   198 498 301 HOH   HOH A . 
J 6 HOH   199 499 257 HOH   HOH A . 
J 6 HOH   200 500 159 HOH   HOH A . 
J 6 HOH   201 501 22  HOH   HOH A . 
J 6 HOH   202 502 200 HOH   HOH A . 
J 6 HOH   203 503 136 HOH   HOH A . 
J 6 HOH   204 504 231 HOH   HOH A . 
J 6 HOH   205 505 117 HOH   HOH A . 
J 6 HOH   206 506 229 HOH   HOH A . 
J 6 HOH   207 507 246 HOH   HOH A . 
J 6 HOH   208 508 304 HOH   HOH A . 
J 6 HOH   209 509 321 HOH   HOH A . 
J 6 HOH   210 510 293 HOH   HOH A . 
J 6 HOH   211 511 154 HOH   HOH A . 
J 6 HOH   212 512 271 HOH   HOH A . 
J 6 HOH   213 513 302 HOH   HOH A . 
J 6 HOH   214 514 158 HOH   HOH A . 
J 6 HOH   215 515 98  HOH   HOH A . 
J 6 HOH   216 516 286 HOH   HOH A . 
J 6 HOH   217 517 289 HOH   HOH A . 
J 6 HOH   218 518 87  HOH   HOH A . 
J 6 HOH   219 519 207 HOH   HOH A . 
J 6 HOH   220 520 175 HOH   HOH A . 
J 6 HOH   221 521 272 HOH   HOH A . 
J 6 HOH   222 522 232 HOH   HOH A . 
J 6 HOH   223 523 65  HOH   HOH A . 
J 6 HOH   224 524 300 HOH   HOH A . 
J 6 HOH   225 525 228 HOH   HOH A . 
J 6 HOH   226 526 276 HOH   HOH A . 
J 6 HOH   227 527 291 HOH   HOH A . 
J 6 HOH   228 528 324 HOH   HOH A . 
J 6 HOH   229 529 99  HOH   HOH A . 
J 6 HOH   230 530 233 HOH   HOH A . 
J 6 HOH   231 531 225 HOH   HOH A . 
J 6 HOH   232 532 201 HOH   HOH A . 
J 6 HOH   233 533 151 HOH   HOH A . 
J 6 HOH   234 534 134 HOH   HOH A . 
J 6 HOH   235 535 162 HOH   HOH A . 
J 6 HOH   236 536 261 HOH   HOH A . 
J 6 HOH   237 537 226 HOH   HOH A . 
J 6 HOH   238 538 83  HOH   HOH A . 
J 6 HOH   239 539 140 HOH   HOH A . 
J 6 HOH   240 540 279 HOH   HOH A . 
J 6 HOH   241 541 264 HOH   HOH A . 
J 6 HOH   242 542 190 HOH   HOH A . 
J 6 HOH   243 543 223 HOH   HOH A . 
J 6 HOH   244 544 283 HOH   HOH A . 
J 6 HOH   245 545 157 HOH   HOH A . 
J 6 HOH   246 546 317 HOH   HOH A . 
J 6 HOH   247 547 282 HOH   HOH A . 
J 6 HOH   248 548 323 HOH   HOH A . 
J 6 HOH   249 549 127 HOH   HOH A . 
J 6 HOH   250 550 268 HOH   HOH A . 
J 6 HOH   251 551 288 HOH   HOH A . 
J 6 HOH   252 552 239 HOH   HOH A . 
J 6 HOH   253 553 319 HOH   HOH A . 
J 6 HOH   254 554 222 HOH   HOH A . 
J 6 HOH   255 555 310 HOH   HOH A . 
J 6 HOH   256 556 163 HOH   HOH A . 
J 6 HOH   257 557 275 HOH   HOH A . 
J 6 HOH   258 558 86  HOH   HOH A . 
J 6 HOH   259 559 122 HOH   HOH A . 
J 6 HOH   260 560 85  HOH   HOH A . 
J 6 HOH   261 561 189 HOH   HOH A . 
J 6 HOH   262 562 172 HOH   HOH A . 
J 6 HOH   263 563 32  HOH   HOH A . 
J 6 HOH   264 564 274 HOH   HOH A . 
J 6 HOH   265 565 294 HOH   HOH A . 
J 6 HOH   266 566 315 HOH   HOH A . 
J 6 HOH   267 567 73  HOH   HOH A . 
J 6 HOH   268 568 221 HOH   HOH A . 
J 6 HOH   269 569 209 HOH   HOH A . 
J 6 HOH   270 570 202 HOH   HOH A . 
J 6 HOH   271 571 260 HOH   HOH A . 
J 6 HOH   272 572 185 HOH   HOH A . 
J 6 HOH   273 573 165 HOH   HOH A . 
J 6 HOH   274 574 210 HOH   HOH A . 
J 6 HOH   275 575 265 HOH   HOH A . 
J 6 HOH   276 576 295 HOH   HOH A . 
J 6 HOH   277 577 129 HOH   HOH A . 
J 6 HOH   278 578 75  HOH   HOH A . 
J 6 HOH   279 579 284 HOH   HOH A . 
J 6 HOH   280 580 187 HOH   HOH A . 
J 6 HOH   281 581 290 HOH   HOH A . 
J 6 HOH   282 582 56  HOH   HOH A . 
J 6 HOH   283 583 236 HOH   HOH A . 
J 6 HOH   284 584 208 HOH   HOH A . 
J 6 HOH   285 585 199 HOH   HOH A . 
J 6 HOH   286 586 114 HOH   HOH A . 
J 6 HOH   287 587 235 HOH   HOH A . 
J 6 HOH   288 588 273 HOH   HOH A . 
J 6 HOH   289 589 312 HOH   HOH A . 
J 6 HOH   290 590 206 HOH   HOH A . 
J 6 HOH   291 591 142 HOH   HOH A . 
J 6 HOH   292 592 296 HOH   HOH A . 
J 6 HOH   293 593 297 HOH   HOH A . 
J 6 HOH   294 594 243 HOH   HOH A . 
J 6 HOH   295 595 153 HOH   HOH A . 
J 6 HOH   296 596 285 HOH   HOH A . 
J 6 HOH   297 597 92  HOH   HOH A . 
J 6 HOH   298 598 125 HOH   HOH A . 
J 6 HOH   299 599 258 HOH   HOH A . 
J 6 HOH   300 600 281 HOH   HOH A . 
J 6 HOH   301 601 242 HOH   HOH A . 
J 6 HOH   302 602 160 HOH   HOH A . 
J 6 HOH   303 603 298 HOH   HOH A . 
J 6 HOH   304 604 313 HOH   HOH A . 
J 6 HOH   305 605 164 HOH   HOH A . 
J 6 HOH   306 606 311 HOH   HOH A . 
J 6 HOH   307 607 316 HOH   HOH A . 
J 6 HOH   308 608 280 HOH   HOH A . 
J 6 HOH   309 609 244 HOH   HOH A . 
J 6 HOH   310 610 299 HOH   HOH A . 
# 
loop_
_software.classification 
_software.name 
_software.version 
_software.citation_id 
_software.pdbx_ordinal 
refinement       REFMAC  5.8.0267 ? 1 
refinement       REFMAC5 .        ? 2 
'data scaling'   Aimless .        ? 3 
phasing          PHASER  .        ? 4 
'data reduction' XDS     .        ? 5 
# 
_cell.entry_id           7H3Q 
_cell.length_a           86.540 
_cell.length_b           56.332 
_cell.length_c           32.419 
_cell.angle_alpha        90.00 
_cell.angle_beta         95.39 
_cell.angle_gamma        90.00 
_cell.Z_PDB              4 
_cell.pdbx_unique_axis   ? 
# 
_symmetry.entry_id                         7H3Q 
_symmetry.space_group_name_H-M             'C 1 2 1' 
_symmetry.pdbx_full_space_group_name_H-M   ? 
_symmetry.cell_setting                     ? 
_symmetry.Int_Tables_number                5 
# 
_exptl.entry_id          7H3Q 
_exptl.method            'X-RAY DIFFRACTION' 
_exptl.crystals_number   1 
# 
_exptl_crystal.id                    1 
_exptl_crystal.density_meas          ? 
_exptl_crystal.density_Matthews      2.38 
_exptl_crystal.density_percent_sol   48.43 
_exptl_crystal.description           ? 
# 
_exptl_crystal_grow.crystal_id      1 
_exptl_crystal_grow.method          'VAPOR DIFFUSION, SITTING DROP' 
_exptl_crystal_grow.pH              6.05 
_exptl_crystal_grow.temp            293.15 
_exptl_crystal_grow.pdbx_details    '0.1 M MES, pH 6.05, 16 % PEG 20,000' 
_exptl_crystal_grow.temp_details    ? 
_exptl_crystal_grow.pdbx_pH_range   ? 
# 
_diffrn.id                     1 
_diffrn.ambient_temp           100 
_diffrn.crystal_id             1 
_diffrn.ambient_temp_details   ? 
# 
_diffrn_detector.detector               PIXEL 
_diffrn_detector.type                   'DECTRIS EIGER2 XE 16M' 
_diffrn_detector.pdbx_collection_date   2023-10-11 
_diffrn_detector.diffrn_id              1 
_diffrn_detector.details                ? 
# 
_diffrn_radiation.diffrn_id                        1 
_diffrn_radiation.wavelength_id                    1 
_diffrn_radiation.pdbx_diffrn_protocol             'SINGLE WAVELENGTH' 
_diffrn_radiation.pdbx_monochromatic_or_laue_m_l   ? 
_diffrn_radiation.monochromator                    ? 
_diffrn_radiation.pdbx_scattering_type             x-ray 
# 
_diffrn_radiation_wavelength.id           1 
_diffrn_radiation_wavelength.wavelength   0.94055 
_diffrn_radiation_wavelength.wt           1.0 
# 
_diffrn_source.diffrn_id                   1 
_diffrn_source.source                      SYNCHROTRON 
_diffrn_source.type                        'DIAMOND BEAMLINE I03' 
_diffrn_source.pdbx_wavelength_list        0.94055 
_diffrn_source.pdbx_synchrotron_site       Diamond 
_diffrn_source.pdbx_synchrotron_beamline   I03 
_diffrn_source.pdbx_wavelength             ? 
# 
_reflns.entry_id                     7H3Q 
_reflns.pdbx_diffrn_id               1 
_reflns.pdbx_ordinal                 1 
_reflns.d_resolution_low             47.17 
_reflns.d_resolution_high            1.05 
_reflns.number_obs                   65344 
_reflns.percent_possible_obs         90.6 
_reflns.pdbx_Rmerge_I_obs            0.087 
_reflns.pdbx_netI_over_sigmaI        11.4 
_reflns.pdbx_redundancy              6.3 
_reflns.pdbx_Rrim_I_all              0.095 
_reflns.pdbx_Rpim_I_all              0.037 
_reflns.pdbx_CC_half                 0.998 
_reflns.pdbx_number_measured_all     410183 
_reflns.pdbx_chi_squared             0.64 
_reflns.observed_criterion_sigma_I   ? 
_reflns.observed_criterion_sigma_F   ? 
_reflns.number_all                   ? 
_reflns.pdbx_Rsym_value              ? 
_reflns.B_iso_Wilson_estimate        ? 
# 
_reflns_shell.pdbx_diffrn_id              1 
_reflns_shell.pdbx_ordinal                1 
_reflns_shell.d_res_high                  1.05 
_reflns_shell.d_res_low                   1.07 
_reflns_shell.number_measured_all         5414 
_reflns_shell.number_unique_obs           1464 
_reflns_shell.Rmerge_I_obs                2.934 
_reflns_shell.pdbx_chi_squared            0.21 
_reflns_shell.pdbx_redundancy             3.7 
_reflns_shell.percent_possible_obs        40.0 
_reflns_shell.pdbx_netI_over_sigmaI_obs   0.3 
_reflns_shell.pdbx_Rrim_I_all             3.392 
_reflns_shell.pdbx_Rpim_I_all             1.681 
_reflns_shell.pdbx_CC_half                0.280 
_reflns_shell.percent_possible_all        ? 
_reflns_shell.pdbx_Rsym_value             ? 
_reflns_shell.meanI_over_sigI_obs         ? 
# 
_refine.pdbx_refine_id                           'X-RAY DIFFRACTION' 
_refine.entry_id                                 7H3Q 
_refine.pdbx_diffrn_id                           1 
_refine.pdbx_TLS_residual_ADP_flag               ? 
_refine.ls_number_reflns_obs                     61507 
_refine.ls_number_reflns_all                     ? 
_refine.pdbx_ls_sigma_I                          ? 
_refine.pdbx_ls_sigma_F                          ? 
_refine.pdbx_data_cutoff_high_absF               ? 
_refine.pdbx_data_cutoff_low_absF                ? 
_refine.pdbx_data_cutoff_high_rms_absF           ? 
_refine.ls_d_res_low                             47.15 
_refine.ls_d_res_high                            1.05 
_refine.ls_percent_reflns_obs                    89.53 
_refine.ls_R_factor_obs                          0.17564 
_refine.ls_R_factor_all                          ? 
_refine.ls_R_factor_R_work                       0.17462 
_refine.ls_R_factor_R_free                       0.19458 
_refine.ls_R_factor_R_free_error                 ? 
_refine.ls_R_factor_R_free_error_details         ? 
_refine.ls_percent_reflns_R_free                 4.9 
_refine.ls_number_reflns_R_free                  3166 
_refine.ls_number_parameters                     ? 
_refine.ls_number_restraints                     ? 
_refine.occupancy_min                            ? 
_refine.occupancy_max                            ? 
_refine.correlation_coeff_Fo_to_Fc               0.977 
_refine.correlation_coeff_Fo_to_Fc_free          0.967 
_refine.B_iso_mean                               17.576 
_refine.aniso_B[1][1]                            -0.12 
_refine.aniso_B[2][2]                            0.69 
_refine.aniso_B[3][3]                            -0.52 
_refine.aniso_B[1][2]                            0.00 
_refine.aniso_B[1][3]                            -0.25 
_refine.aniso_B[2][3]                            0.00 
_refine.solvent_model_details                    MASK 
_refine.solvent_model_param_ksol                 ? 
_refine.solvent_model_param_bsol                 ? 
_refine.pdbx_solvent_vdw_probe_radii             1.20 
_refine.pdbx_solvent_ion_probe_radii             0.80 
_refine.pdbx_solvent_shrinkage_radii             0.80 
_refine.pdbx_ls_cross_valid_method               THROUGHOUT 
_refine.details                                  'HYDROGENS HAVE BEEN ADDED IN THE RIDING POSITIONS' 
_refine.pdbx_starting_model                      ? 
_refine.pdbx_method_to_determine_struct          'MOLECULAR REPLACEMENT' 
_refine.pdbx_isotropic_thermal_model             ? 
_refine.pdbx_stereochemistry_target_values       'MAXIMUM LIKELIHOOD' 
_refine.pdbx_stereochem_target_val_spec_case     ? 
_refine.pdbx_R_Free_selection_details            RANDOM 
_refine.pdbx_overall_ESU_R                       0.034 
_refine.pdbx_overall_ESU_R_Free                  0.036 
_refine.overall_SU_ML                            ? 
_refine.pdbx_overall_phase_error                 ? 
_refine.overall_SU_B                             ? 
_refine.overall_SU_R_Cruickshank_DPI             ? 
_refine.pdbx_overall_SU_R_free_Cruickshank_DPI   ? 
_refine.pdbx_overall_SU_R_Blow_DPI               ? 
_refine.pdbx_overall_SU_R_free_Blow_DPI          ? 
# 
_refine_hist.pdbx_refine_id                   'X-RAY DIFFRACTION' 
_refine_hist.cycle_id                         1 
_refine_hist.pdbx_number_atoms_protein        1083 
_refine_hist.pdbx_number_atoms_nucleic_acid   0 
_refine_hist.pdbx_number_atoms_ligand         42 
_refine_hist.number_atoms_solvent             310 
_refine_hist.number_atoms_total               1435 
_refine_hist.d_res_high                       1.05 
_refine_hist.d_res_low                        47.15 
# 
loop_
_refine_ls_restr.type 
_refine_ls_restr.dev_ideal 
_refine_ls_restr.dev_ideal_target 
_refine_ls_restr.weight 
_refine_ls_restr.number 
_refine_ls_restr.pdbx_refine_id 
_refine_ls_restr.pdbx_restraint_function 
r_bond_refined_d             0.012  0.014  ? 1566 'X-RAY DIFFRACTION' ? 
r_bond_other_d               0.036  0.015  ? 1151 'X-RAY DIFFRACTION' ? 
r_angle_refined_deg          1.768  1.625  ? 1829 'X-RAY DIFFRACTION' ? 
r_angle_other_deg            2.463  1.622  ? 2659 'X-RAY DIFFRACTION' ? 
r_dihedral_angle_1_deg       6.853  5.000  ? 169  'X-RAY DIFFRACTION' ? 
r_dihedral_angle_2_deg       31.277 22.432 ? 74   'X-RAY DIFFRACTION' ? 
r_dihedral_angle_3_deg       12.823 15.000 ? 193  'X-RAY DIFFRACTION' ? 
r_dihedral_angle_4_deg       24.322 15.000 ? 9    'X-RAY DIFFRACTION' ? 
r_chiral_restr               0.090  0.200  ? 159  'X-RAY DIFFRACTION' ? 
r_gen_planes_refined         0.011  0.020  ? 1619 'X-RAY DIFFRACTION' ? 
r_gen_planes_other           0.019  0.020  ? 311  'X-RAY DIFFRACTION' ? 
r_nbd_refined                ?      ?      ? ?    'X-RAY DIFFRACTION' ? 
r_nbd_other                  ?      ?      ? ?    'X-RAY DIFFRACTION' ? 
r_nbtor_refined              ?      ?      ? ?    'X-RAY DIFFRACTION' ? 
r_nbtor_other                ?      ?      ? ?    'X-RAY DIFFRACTION' ? 
r_xyhbond_nbd_refined        ?      ?      ? ?    'X-RAY DIFFRACTION' ? 
r_xyhbond_nbd_other          ?      ?      ? ?    'X-RAY DIFFRACTION' ? 
r_metal_ion_refined          ?      ?      ? ?    'X-RAY DIFFRACTION' ? 
r_metal_ion_other            ?      ?      ? ?    'X-RAY DIFFRACTION' ? 
r_symmetry_vdw_refined       ?      ?      ? ?    'X-RAY DIFFRACTION' ? 
r_symmetry_vdw_other         ?      ?      ? ?    'X-RAY DIFFRACTION' ? 
r_symmetry_hbond_refined     ?      ?      ? ?    'X-RAY DIFFRACTION' ? 
r_symmetry_hbond_other       ?      ?      ? ?    'X-RAY DIFFRACTION' ? 
r_symmetry_metal_ion_refined ?      ?      ? ?    'X-RAY DIFFRACTION' ? 
r_symmetry_metal_ion_other   ?      ?      ? ?    'X-RAY DIFFRACTION' ? 
r_mcbond_it                  1.037  1.681  ? 796  'X-RAY DIFFRACTION' ? 
r_mcbond_other               1.112  1.408  ? 693  'X-RAY DIFFRACTION' ? 
r_mcangle_it                 1.805  2.005  ? 825  'X-RAY DIFFRACTION' ? 
r_mcangle_other              1.810  1.997  ? 824  'X-RAY DIFFRACTION' ? 
r_scbond_it                  1.841  2.194  ? 770  'X-RAY DIFFRACTION' ? 
r_scbond_other               1.843  1.894  ? 732  'X-RAY DIFFRACTION' ? 
r_scangle_it                 ?      ?      ? ?    'X-RAY DIFFRACTION' ? 
r_scangle_other              2.731  2.543  ? 969  'X-RAY DIFFRACTION' ? 
r_long_range_B_refined       11.603 19.982 ? 1639 'X-RAY DIFFRACTION' ? 
r_long_range_B_other         11.599 19.983 ? 1640 'X-RAY DIFFRACTION' ? 
r_rigid_bond_restr           ?      ?      ? ?    'X-RAY DIFFRACTION' ? 
r_sphericity_free            ?      ?      ? ?    'X-RAY DIFFRACTION' ? 
r_sphericity_bonded          ?      ?      ? ?    'X-RAY DIFFRACTION' ? 
# 
_refine_ls_shell.pdbx_refine_id                   'X-RAY DIFFRACTION' 
_refine_ls_shell.pdbx_total_number_of_bins_used   20 
_refine_ls_shell.d_res_high                       1.050 
_refine_ls_shell.d_res_low                        1.077 
_refine_ls_shell.number_reflns_R_work             1744 
_refine_ls_shell.R_factor_R_work                  0.411 
_refine_ls_shell.percent_reflns_obs               34.47 
_refine_ls_shell.R_factor_R_free                  0.408 
_refine_ls_shell.R_factor_R_free_error            ? 
_refine_ls_shell.percent_reflns_R_free            ? 
_refine_ls_shell.number_reflns_R_free             89 
_refine_ls_shell.number_reflns_all                ? 
_refine_ls_shell.R_factor_all                     ? 
# 
_struct.entry_id                  7H3Q 
_struct.title                     
;Group deposition for crystallographic fragment screening of Coxsackievirus A16 (G-10) 2A protease -- Crystal structure of Coxsackievirus A16 (G-10) 2A protease in complex with Z104924088 (A71EV2A-x0469)
;
_struct.pdbx_model_details        ? 
_struct.pdbx_CASP_flag            ? 
_struct.pdbx_model_type_details   ? 
# 
_struct_keywords.entry_id        7H3Q 
_struct_keywords.pdbx_keywords   HYDROLASE 
_struct_keywords.text            
;Diamond Light Source, I03, ASAP, Coxsackievirus A16, crystallographic fragment screening, PanDDA, Pandda2, XChemExplorer, viral protein, HYDROLASE
;
# 
loop_
_struct_asym.id 
_struct_asym.pdbx_blank_PDB_chainid_flag 
_struct_asym.pdbx_modified 
_struct_asym.entity_id 
_struct_asym.details 
A N N 1 ? 
B N N 2 ? 
C N N 3 ? 
D N N 4 ? 
E N N 4 ? 
F N N 4 ? 
G N N 4 ? 
H N N 5 ? 
I N N 5 ? 
J N N 6 ? 
# 
_struct_ref.id                         1 
_struct_ref.db_name                    UNP 
_struct_ref.db_code                    POLG_CX16G 
_struct_ref.pdbx_db_accession          Q65900 
_struct_ref.pdbx_db_isoform            ? 
_struct_ref.entity_id                  1 
_struct_ref.pdbx_seq_one_letter_code   
;SGAIYVGNYRVVNRHLATHNDWANLVWEDSSRDLLVSSTTAQGCDTIARCDCQTGVYYCSSRRKHYPVSFSKPSLIFVEA
SEYYPARYQSHLMLAVGHSEPGDCGGILRCQHGVVGIVSTGGNGLVGFADVRDLLWLDEEAMEQ
;
_struct_ref.pdbx_align_begin           869 
# 
_struct_ref_seq.align_id                      1 
_struct_ref_seq.ref_id                        1 
_struct_ref_seq.pdbx_PDB_id_code              7H3Q 
_struct_ref_seq.pdbx_strand_id                A 
_struct_ref_seq.seq_align_beg                 7 
_struct_ref_seq.pdbx_seq_align_beg_ins_code   ? 
_struct_ref_seq.seq_align_end                 150 
_struct_ref_seq.pdbx_seq_align_end_ins_code   ? 
_struct_ref_seq.pdbx_db_accession             Q65900 
_struct_ref_seq.db_align_beg                  869 
_struct_ref_seq.pdbx_db_align_beg_ins_code    ? 
_struct_ref_seq.db_align_end                  1012 
_struct_ref_seq.pdbx_db_align_end_ins_code    ? 
_struct_ref_seq.pdbx_auth_seq_align_beg       7 
_struct_ref_seq.pdbx_auth_seq_align_end       150 
# 
loop_
_struct_ref_seq_dif.align_id 
_struct_ref_seq_dif.pdbx_pdb_id_code 
_struct_ref_seq_dif.mon_id 
_struct_ref_seq_dif.pdbx_pdb_strand_id 
_struct_ref_seq_dif.seq_num 
_struct_ref_seq_dif.pdbx_pdb_ins_code 
_struct_ref_seq_dif.pdbx_seq_db_name 
_struct_ref_seq_dif.pdbx_seq_db_accession_code 
_struct_ref_seq_dif.db_mon_id 
_struct_ref_seq_dif.pdbx_seq_db_seq_num 
_struct_ref_seq_dif.details 
_struct_ref_seq_dif.pdbx_auth_seq_num 
_struct_ref_seq_dif.pdbx_ordinal 
1 7H3Q GLN A 1 ? UNP Q65900 ? ? 'expression tag' 1 1 
1 7H3Q GLU A 2 ? UNP Q65900 ? ? 'expression tag' 2 2 
1 7H3Q GLN A 3 ? UNP Q65900 ? ? 'expression tag' 3 3 
1 7H3Q THR A 4 ? UNP Q65900 ? ? 'expression tag' 4 4 
1 7H3Q GLY A 5 ? UNP Q65900 ? ? 'expression tag' 5 5 
1 7H3Q GLY A 6 ? UNP Q65900 ? ? 'expression tag' 6 6 
# 
_pdbx_struct_assembly.id                   1 
_pdbx_struct_assembly.details              author_and_software_defined_assembly 
_pdbx_struct_assembly.method_details       PISA 
_pdbx_struct_assembly.oligomeric_details   monomeric 
_pdbx_struct_assembly.oligomeric_count     1 
# 
loop_
_pdbx_struct_assembly_prop.biol_id 
_pdbx_struct_assembly_prop.type 
_pdbx_struct_assembly_prop.value 
_pdbx_struct_assembly_prop.details 
1 'ABSA (A^2)' 830  ? 
1 MORE         -17  ? 
1 'SSA (A^2)'  7470 ? 
# 
_pdbx_struct_assembly_gen.assembly_id       1 
_pdbx_struct_assembly_gen.oper_expression   1 
_pdbx_struct_assembly_gen.asym_id_list      A,B,C,D,E,F,G,H,I,J 
# 
_pdbx_struct_oper_list.id                   1 
_pdbx_struct_oper_list.type                 'identity operation' 
_pdbx_struct_oper_list.name                 1_555 
_pdbx_struct_oper_list.symmetry_operation   x,y,z 
_pdbx_struct_oper_list.matrix[1][1]         1.0000000000 
_pdbx_struct_oper_list.matrix[1][2]         0.0000000000 
_pdbx_struct_oper_list.matrix[1][3]         0.0000000000 
_pdbx_struct_oper_list.vector[1]            0.0000000000 
_pdbx_struct_oper_list.matrix[2][1]         0.0000000000 
_pdbx_struct_oper_list.matrix[2][2]         1.0000000000 
_pdbx_struct_oper_list.matrix[2][3]         0.0000000000 
_pdbx_struct_oper_list.vector[2]            0.0000000000 
_pdbx_struct_oper_list.matrix[3][1]         0.0000000000 
_pdbx_struct_oper_list.matrix[3][2]         0.0000000000 
_pdbx_struct_oper_list.matrix[3][3]         1.0000000000 
_pdbx_struct_oper_list.vector[3]            0.0000000000 
# 
loop_
_struct_conf.conf_type_id 
_struct_conf.id 
_struct_conf.pdbx_PDB_helix_id 
_struct_conf.beg_label_comp_id 
_struct_conf.beg_label_asym_id 
_struct_conf.beg_label_seq_id 
_struct_conf.pdbx_beg_PDB_ins_code 
_struct_conf.end_label_comp_id 
_struct_conf.end_label_asym_id 
_struct_conf.end_label_seq_id 
_struct_conf.pdbx_end_PDB_ins_code 
_struct_conf.beg_auth_comp_id 
_struct_conf.beg_auth_asym_id 
_struct_conf.beg_auth_seq_id 
_struct_conf.end_auth_comp_id 
_struct_conf.end_auth_asym_id 
_struct_conf.end_auth_seq_id 
_struct_conf.pdbx_PDB_helix_class 
_struct_conf.details 
_struct_conf.pdbx_PDB_helix_length 
HELX_P HELX_P1 AA1 HIS A 21  ? ALA A 23  ? HIS A 21  ALA A 23  5 ? 3 
HELX_P HELX_P2 AA2 THR A 24  ? ASN A 30  ? THR A 24  ASN A 30  1 ? 7 
HELX_P HELX_P3 AA3 SER A 36  ? ARG A 38  ? SER A 36  ARG A 38  5 ? 3 
HELX_P HELX_P4 AA4 SER A 66  ? ARG A 69  ? SER A 66  ARG A 69  5 ? 4 
HELX_P HELX_P5 AA5 GLU A 106 ? CYS A 110 ? GLU A 106 CYS A 110 5 ? 5 
HELX_P HELX_P6 AA6 LEU A 140 ? GLU A 145 ? LEU A 140 GLU A 145 5 ? 6 
# 
_struct_conf_type.id          HELX_P 
_struct_conf_type.criteria    ? 
_struct_conf_type.reference   ? 
# 
loop_
_struct_conn.id 
_struct_conn.conn_type_id 
_struct_conn.pdbx_leaving_atom_flag 
_struct_conn.pdbx_PDB_id 
_struct_conn.ptnr1_label_asym_id 
_struct_conn.ptnr1_label_comp_id 
_struct_conn.ptnr1_label_seq_id 
_struct_conn.ptnr1_label_atom_id 
_struct_conn.pdbx_ptnr1_label_alt_id 
_struct_conn.pdbx_ptnr1_PDB_ins_code 
_struct_conn.pdbx_ptnr1_standard_comp_id 
_struct_conn.ptnr1_symmetry 
_struct_conn.ptnr2_label_asym_id 
_struct_conn.ptnr2_label_comp_id 
_struct_conn.ptnr2_label_seq_id 
_struct_conn.ptnr2_label_atom_id 
_struct_conn.pdbx_ptnr2_label_alt_id 
_struct_conn.pdbx_ptnr2_PDB_ins_code 
_struct_conn.ptnr1_auth_asym_id 
_struct_conn.ptnr1_auth_comp_id 
_struct_conn.ptnr1_auth_seq_id 
_struct_conn.ptnr2_auth_asym_id 
_struct_conn.ptnr2_auth_comp_id 
_struct_conn.ptnr2_auth_seq_id 
_struct_conn.ptnr2_symmetry 
_struct_conn.pdbx_ptnr3_label_atom_id 
_struct_conn.pdbx_ptnr3_label_seq_id 
_struct_conn.pdbx_ptnr3_label_comp_id 
_struct_conn.pdbx_ptnr3_label_asym_id 
_struct_conn.pdbx_ptnr3_label_alt_id 
_struct_conn.pdbx_ptnr3_PDB_ins_code 
_struct_conn.details 
_struct_conn.pdbx_dist_value 
_struct_conn.pdbx_value_order 
_struct_conn.pdbx_role 
metalc1 metalc ? ? A CYS 56  SG  ? ? ? 1_555 C ZN . ZN ? ? A CYS 56  A ZN 202 1_555 ? ? ? ? ? ? ? 2.332 ? ? 
metalc2 metalc ? ? A CYS 58  SG  ? ? ? 1_555 C ZN . ZN ? ? A CYS 58  A ZN 202 1_555 ? ? ? ? ? ? ? 2.318 ? ? 
metalc3 metalc ? ? A CYS 116 SG  ? ? ? 1_555 C ZN . ZN ? ? A CYS 116 A ZN 202 1_555 ? ? ? ? ? ? ? 2.275 ? ? 
metalc4 metalc ? ? A HIS 118 ND1 ? ? ? 1_555 C ZN . ZN ? ? A HIS 118 A ZN 202 1_555 ? ? ? ? ? ? ? 2.042 ? ? 
# 
_struct_conn_type.id          metalc 
_struct_conn_type.criteria    ? 
_struct_conn_type.reference   ? 
# 
loop_
_pdbx_struct_conn_angle.id 
_pdbx_struct_conn_angle.ptnr1_label_atom_id 
_pdbx_struct_conn_angle.ptnr1_label_alt_id 
_pdbx_struct_conn_angle.ptnr1_label_asym_id 
_pdbx_struct_conn_angle.ptnr1_label_comp_id 
_pdbx_struct_conn_angle.ptnr1_label_seq_id 
_pdbx_struct_conn_angle.ptnr1_auth_atom_id 
_pdbx_struct_conn_angle.ptnr1_auth_asym_id 
_pdbx_struct_conn_angle.ptnr1_auth_comp_id 
_pdbx_struct_conn_angle.ptnr1_auth_seq_id 
_pdbx_struct_conn_angle.ptnr1_PDB_ins_code 
_pdbx_struct_conn_angle.ptnr1_symmetry 
_pdbx_struct_conn_angle.ptnr2_label_atom_id 
_pdbx_struct_conn_angle.ptnr2_label_alt_id 
_pdbx_struct_conn_angle.ptnr2_label_asym_id 
_pdbx_struct_conn_angle.ptnr2_label_comp_id 
_pdbx_struct_conn_angle.ptnr2_label_seq_id 
_pdbx_struct_conn_angle.ptnr2_auth_atom_id 
_pdbx_struct_conn_angle.ptnr2_auth_asym_id 
_pdbx_struct_conn_angle.ptnr2_auth_comp_id 
_pdbx_struct_conn_angle.ptnr2_auth_seq_id 
_pdbx_struct_conn_angle.ptnr2_PDB_ins_code 
_pdbx_struct_conn_angle.ptnr2_symmetry 
_pdbx_struct_conn_angle.ptnr3_label_atom_id 
_pdbx_struct_conn_angle.ptnr3_label_alt_id 
_pdbx_struct_conn_angle.ptnr3_label_asym_id 
_pdbx_struct_conn_angle.ptnr3_label_comp_id 
_pdbx_struct_conn_angle.ptnr3_label_seq_id 
_pdbx_struct_conn_angle.ptnr3_auth_atom_id 
_pdbx_struct_conn_angle.ptnr3_auth_asym_id 
_pdbx_struct_conn_angle.ptnr3_auth_comp_id 
_pdbx_struct_conn_angle.ptnr3_auth_seq_id 
_pdbx_struct_conn_angle.ptnr3_PDB_ins_code 
_pdbx_struct_conn_angle.ptnr3_symmetry 
_pdbx_struct_conn_angle.value 
_pdbx_struct_conn_angle.value_esd 
1 SG ? A CYS 56  ? A CYS 56  ? 1_555 ZN ? C ZN . ? A ZN 202 ? 1_555 SG  ? A CYS 58  ? A CYS 58  ? 1_555 109.6 ? 
2 SG ? A CYS 56  ? A CYS 56  ? 1_555 ZN ? C ZN . ? A ZN 202 ? 1_555 SG  ? A CYS 116 ? A CYS 116 ? 1_555 106.4 ? 
3 SG ? A CYS 58  ? A CYS 58  ? 1_555 ZN ? C ZN . ? A ZN 202 ? 1_555 SG  ? A CYS 116 ? A CYS 116 ? 1_555 117.9 ? 
4 SG ? A CYS 56  ? A CYS 56  ? 1_555 ZN ? C ZN . ? A ZN 202 ? 1_555 ND1 ? A HIS 118 ? A HIS 118 ? 1_555 105.7 ? 
5 SG ? A CYS 58  ? A CYS 58  ? 1_555 ZN ? C ZN . ? A ZN 202 ? 1_555 ND1 ? A HIS 118 ? A HIS 118 ? 1_555 101.3 ? 
6 SG ? A CYS 116 ? A CYS 116 ? 1_555 ZN ? C ZN . ? A ZN 202 ? 1_555 ND1 ? A HIS 118 ? A HIS 118 ? 1_555 115.3 ? 
# 
loop_
_struct_sheet.id 
_struct_sheet.type 
_struct_sheet.number_strands 
_struct_sheet.details 
AA1 ? 4 ? 
AA2 ? 7 ? 
# 
loop_
_struct_sheet_order.sheet_id 
_struct_sheet_order.range_id_1 
_struct_sheet_order.range_id_2 
_struct_sheet_order.offset 
_struct_sheet_order.sense 
AA1 1 2 ? anti-parallel 
AA1 2 3 ? anti-parallel 
AA1 3 4 ? anti-parallel 
AA2 1 2 ? anti-parallel 
AA2 2 3 ? anti-parallel 
AA2 3 4 ? anti-parallel 
AA2 4 5 ? anti-parallel 
AA2 5 6 ? anti-parallel 
AA2 6 7 ? anti-parallel 
# 
loop_
_struct_sheet_range.sheet_id 
_struct_sheet_range.id 
_struct_sheet_range.beg_label_comp_id 
_struct_sheet_range.beg_label_asym_id 
_struct_sheet_range.beg_label_seq_id 
_struct_sheet_range.pdbx_beg_PDB_ins_code 
_struct_sheet_range.end_label_comp_id 
_struct_sheet_range.end_label_asym_id 
_struct_sheet_range.end_label_seq_id 
_struct_sheet_range.pdbx_end_PDB_ins_code 
_struct_sheet_range.beg_auth_comp_id 
_struct_sheet_range.beg_auth_asym_id 
_struct_sheet_range.beg_auth_seq_id 
_struct_sheet_range.end_auth_comp_id 
_struct_sheet_range.end_auth_asym_id 
_struct_sheet_range.end_auth_seq_id 
AA1 1 ILE A 10  ? VAL A 12  ? ILE A 10  VAL A 12  
AA1 2 TYR A 15  ? ASN A 19  ? TYR A 15  ASN A 19  
AA1 3 LEU A 40  ? SER A 44  ? LEU A 40  SER A 44  
AA1 4 LEU A 31  ? ASP A 35  ? LEU A 31  ASP A 35  
AA2 1 LYS A 70  ? SER A 75  ? LYS A 70  SER A 75  
AA2 2 THR A 60  ? CYS A 65  ? THR A 60  CYS A 65  
AA2 3 ILE A 113 ? CYS A 116 ? ILE A 113 CYS A 116 
AA2 4 GLY A 119 ? THR A 126 ? GLY A 119 THR A 126 
AA2 5 LEU A 131 ? ASP A 136 ? LEU A 131 ASP A 136 
AA2 6 ARG A 93  ? VAL A 102 ? ARG A 93  VAL A 102 
AA2 7 SER A 80  ? VAL A 84  ? SER A 80  VAL A 84  
# 
loop_
_pdbx_struct_sheet_hbond.sheet_id 
_pdbx_struct_sheet_hbond.range_id_1 
_pdbx_struct_sheet_hbond.range_id_2 
_pdbx_struct_sheet_hbond.range_1_label_atom_id 
_pdbx_struct_sheet_hbond.range_1_label_comp_id 
_pdbx_struct_sheet_hbond.range_1_label_asym_id 
_pdbx_struct_sheet_hbond.range_1_label_seq_id 
_pdbx_struct_sheet_hbond.range_1_PDB_ins_code 
_pdbx_struct_sheet_hbond.range_1_auth_atom_id 
_pdbx_struct_sheet_hbond.range_1_auth_comp_id 
_pdbx_struct_sheet_hbond.range_1_auth_asym_id 
_pdbx_struct_sheet_hbond.range_1_auth_seq_id 
_pdbx_struct_sheet_hbond.range_2_label_atom_id 
_pdbx_struct_sheet_hbond.range_2_label_comp_id 
_pdbx_struct_sheet_hbond.range_2_label_asym_id 
_pdbx_struct_sheet_hbond.range_2_label_seq_id 
_pdbx_struct_sheet_hbond.range_2_PDB_ins_code 
_pdbx_struct_sheet_hbond.range_2_auth_atom_id 
_pdbx_struct_sheet_hbond.range_2_auth_comp_id 
_pdbx_struct_sheet_hbond.range_2_auth_asym_id 
_pdbx_struct_sheet_hbond.range_2_auth_seq_id 
AA1 1 2 N ILE A 10  ? N ILE A 10  O VAL A 17  ? O VAL A 17  
AA1 2 3 N VAL A 18  ? N VAL A 18  O LEU A 41  ? O LEU A 41  
AA1 3 4 O VAL A 42  ? O VAL A 42  N TRP A 33  ? N TRP A 33  
AA2 1 2 O LYS A 70  ? O LYS A 70  N CYS A 65  ? N CYS A 65  
AA2 2 3 N VAL A 62  ? N VAL A 62  O ARG A 115 ? O ARG A 115 
AA2 3 4 N LEU A 114 ? N LEU A 114 O VAL A 121 ? O VAL A 121 
AA2 4 5 N SER A 125 ? N SER A 125 O GLY A 133 ? O GLY A 133 
AA2 5 6 O VAL A 132 ? O VAL A 132 N ALA A 101 ? N ALA A 101 
AA2 6 7 O ARG A 93  ? O ARG A 93  N VAL A 84  ? N VAL A 84  
# 
_pdbx_entry_details.entry_id                   7H3Q 
_pdbx_entry_details.compound_details           ? 
_pdbx_entry_details.source_details             ? 
_pdbx_entry_details.nonpolymer_details         ? 
_pdbx_entry_details.sequence_details           ? 
_pdbx_entry_details.has_ligand_of_interest     ? 
_pdbx_entry_details.has_protein_modification   N 
# 
loop_
_pdbx_validate_close_contact.id 
_pdbx_validate_close_contact.PDB_model_num 
_pdbx_validate_close_contact.auth_atom_id_1 
_pdbx_validate_close_contact.auth_asym_id_1 
_pdbx_validate_close_contact.auth_comp_id_1 
_pdbx_validate_close_contact.auth_seq_id_1 
_pdbx_validate_close_contact.PDB_ins_code_1 
_pdbx_validate_close_contact.label_alt_id_1 
_pdbx_validate_close_contact.auth_atom_id_2 
_pdbx_validate_close_contact.auth_asym_id_2 
_pdbx_validate_close_contact.auth_comp_id_2 
_pdbx_validate_close_contact.auth_seq_id_2 
_pdbx_validate_close_contact.PDB_ins_code_2 
_pdbx_validate_close_contact.label_alt_id_2 
_pdbx_validate_close_contact.dist 
1 1 O   A HOH 469 ? ? O A HOH 548 ? ? 1.97 
2 1 O   A HOH 308 ? ? O A HOH 478 ? ? 1.97 
3 1 OE1 A GLU 106 ? ? O A HOH 301 ? ? 2.06 
4 1 O   A HOH 334 ? ? O A HOH 335 ? ? 2.16 
# 
_pdbx_validate_symm_contact.id                1 
_pdbx_validate_symm_contact.PDB_model_num     1 
_pdbx_validate_symm_contact.auth_atom_id_1    O 
_pdbx_validate_symm_contact.auth_asym_id_1    A 
_pdbx_validate_symm_contact.auth_comp_id_1    HOH 
_pdbx_validate_symm_contact.auth_seq_id_1     463 
_pdbx_validate_symm_contact.PDB_ins_code_1    ? 
_pdbx_validate_symm_contact.label_alt_id_1    ? 
_pdbx_validate_symm_contact.site_symmetry_1   1_555 
_pdbx_validate_symm_contact.auth_atom_id_2    O 
_pdbx_validate_symm_contact.auth_asym_id_2    A 
_pdbx_validate_symm_contact.auth_comp_id_2    HOH 
_pdbx_validate_symm_contact.auth_seq_id_2     463 
_pdbx_validate_symm_contact.PDB_ins_code_2    ? 
_pdbx_validate_symm_contact.label_alt_id_2    ? 
_pdbx_validate_symm_contact.site_symmetry_2   2_556 
_pdbx_validate_symm_contact.dist              1.42 
# 
_pdbx_validate_rmsd_bond.id                        1 
_pdbx_validate_rmsd_bond.PDB_model_num             1 
_pdbx_validate_rmsd_bond.auth_atom_id_1            CD 
_pdbx_validate_rmsd_bond.auth_asym_id_1            A 
_pdbx_validate_rmsd_bond.auth_comp_id_1            GLU 
_pdbx_validate_rmsd_bond.auth_seq_id_1             106 
_pdbx_validate_rmsd_bond.PDB_ins_code_1            ? 
_pdbx_validate_rmsd_bond.label_alt_id_1            ? 
_pdbx_validate_rmsd_bond.auth_atom_id_2            OE2 
_pdbx_validate_rmsd_bond.auth_asym_id_2            A 
_pdbx_validate_rmsd_bond.auth_comp_id_2            GLU 
_pdbx_validate_rmsd_bond.auth_seq_id_2             106 
_pdbx_validate_rmsd_bond.PDB_ins_code_2            ? 
_pdbx_validate_rmsd_bond.label_alt_id_2            ? 
_pdbx_validate_rmsd_bond.bond_value                1.185 
_pdbx_validate_rmsd_bond.bond_target_value         1.252 
_pdbx_validate_rmsd_bond.bond_deviation            -0.067 
_pdbx_validate_rmsd_bond.bond_standard_deviation   0.011 
_pdbx_validate_rmsd_bond.linker_flag               N 
# 
loop_
_pdbx_validate_rmsd_angle.id 
_pdbx_validate_rmsd_angle.PDB_model_num 
_pdbx_validate_rmsd_angle.auth_atom_id_1 
_pdbx_validate_rmsd_angle.auth_asym_id_1 
_pdbx_validate_rmsd_angle.auth_comp_id_1 
_pdbx_validate_rmsd_angle.auth_seq_id_1 
_pdbx_validate_rmsd_angle.PDB_ins_code_1 
_pdbx_validate_rmsd_angle.label_alt_id_1 
_pdbx_validate_rmsd_angle.auth_atom_id_2 
_pdbx_validate_rmsd_angle.auth_asym_id_2 
_pdbx_validate_rmsd_angle.auth_comp_id_2 
_pdbx_validate_rmsd_angle.auth_seq_id_2 
_pdbx_validate_rmsd_angle.PDB_ins_code_2 
_pdbx_validate_rmsd_angle.label_alt_id_2 
_pdbx_validate_rmsd_angle.auth_atom_id_3 
_pdbx_validate_rmsd_angle.auth_asym_id_3 
_pdbx_validate_rmsd_angle.auth_comp_id_3 
_pdbx_validate_rmsd_angle.auth_seq_id_3 
_pdbx_validate_rmsd_angle.PDB_ins_code_3 
_pdbx_validate_rmsd_angle.label_alt_id_3 
_pdbx_validate_rmsd_angle.angle_value 
_pdbx_validate_rmsd_angle.angle_target_value 
_pdbx_validate_rmsd_angle.angle_deviation 
_pdbx_validate_rmsd_angle.angle_standard_deviation 
_pdbx_validate_rmsd_angle.linker_flag 
1 1 NE A ARG 16 ? ? CZ A ARG 16 ? ? NH1 A ARG 16 ? ? 123.49 120.30 3.19  0.50 N 
2 1 NE A ARG 16 ? ? CZ A ARG 16 ? ? NH2 A ARG 16 ? ? 116.41 120.30 -3.89 0.50 N 
# 
_pdbx_struct_special_symmetry.id              1 
_pdbx_struct_special_symmetry.PDB_model_num   1 
_pdbx_struct_special_symmetry.auth_asym_id    A 
_pdbx_struct_special_symmetry.auth_comp_id    SO4 
_pdbx_struct_special_symmetry.auth_seq_id     207 
_pdbx_struct_special_symmetry.PDB_ins_code    ? 
_pdbx_struct_special_symmetry.label_asym_id   H 
_pdbx_struct_special_symmetry.label_comp_id   SO4 
_pdbx_struct_special_symmetry.label_seq_id    . 
# 
loop_
_pdbx_distant_solvent_atoms.id 
_pdbx_distant_solvent_atoms.PDB_model_num 
_pdbx_distant_solvent_atoms.auth_atom_id 
_pdbx_distant_solvent_atoms.label_alt_id 
_pdbx_distant_solvent_atoms.auth_asym_id 
_pdbx_distant_solvent_atoms.auth_comp_id 
_pdbx_distant_solvent_atoms.auth_seq_id 
_pdbx_distant_solvent_atoms.PDB_ins_code 
_pdbx_distant_solvent_atoms.neighbor_macromolecule_distance 
_pdbx_distant_solvent_atoms.neighbor_ligand_distance 
1 1 O ? A HOH 603 ? 6.28  . 
2 1 O ? A HOH 604 ? 6.42  . 
3 1 O ? A HOH 605 ? 6.49  . 
4 1 O ? A HOH 606 ? 6.70  . 
5 1 O ? A HOH 607 ? 7.52  . 
6 1 O ? A HOH 608 ? 7.72  . 
7 1 O ? A HOH 609 ? 7.98  . 
8 1 O ? A HOH 610 ? 11.14 . 
# 
loop_
_pdbx_unobs_or_zero_occ_residues.id 
_pdbx_unobs_or_zero_occ_residues.PDB_model_num 
_pdbx_unobs_or_zero_occ_residues.polymer_flag 
_pdbx_unobs_or_zero_occ_residues.occupancy_flag 
_pdbx_unobs_or_zero_occ_residues.auth_asym_id 
_pdbx_unobs_or_zero_occ_residues.auth_comp_id 
_pdbx_unobs_or_zero_occ_residues.auth_seq_id 
_pdbx_unobs_or_zero_occ_residues.PDB_ins_code 
_pdbx_unobs_or_zero_occ_residues.label_asym_id 
_pdbx_unobs_or_zero_occ_residues.label_comp_id 
_pdbx_unobs_or_zero_occ_residues.label_seq_id 
1  1 Y 1 A GLN 1   ? A GLN 1   
2  1 Y 1 A GLU 2   ? A GLU 2   
3  1 Y 1 A GLN 3   ? A GLN 3   
4  1 Y 1 A THR 4   ? A THR 4   
5  1 Y 1 A GLY 5   ? A GLY 5   
6  1 Y 1 A GLY 6   ? A GLY 6   
7  1 Y 1 A ALA 147 ? A ALA 147 
8  1 Y 1 A MET 148 ? A MET 148 
9  1 Y 1 A GLU 149 ? A GLU 149 
10 1 Y 1 A GLN 150 ? A GLN 150 
# 
loop_
_chem_comp_atom.comp_id 
_chem_comp_atom.atom_id 
_chem_comp_atom.type_symbol 
_chem_comp_atom.pdbx_aromatic_flag 
_chem_comp_atom.pdbx_stereo_config 
_chem_comp_atom.pdbx_ordinal 
A1AM6 N1   N  N N 1   
A1AM6 N3   N  Y N 2   
A1AM6 C4   C  N N 3   
A1AM6 C5   C  N N 4   
A1AM6 C6   C  N N 5   
A1AM6 C7   C  Y N 6   
A1AM6 C8   C  Y N 7   
A1AM6 C10  C  Y N 8   
A1AM6 N    N  N N 9   
A1AM6 C    C  N N 10  
A1AM6 C1   C  N N 11  
A1AM6 C2   C  N N 12  
A1AM6 C3   C  N N 13  
A1AM6 C9   C  Y N 14  
A1AM6 N2   N  Y N 15  
A1AM6 H9   H  N N 16  
A1AM6 H10  H  N N 17  
A1AM6 H11  H  N N 18  
A1AM6 H12  H  N N 19  
A1AM6 H13  H  N N 20  
A1AM6 H14  H  N N 21  
A1AM6 H15  H  N N 22  
A1AM6 H17  H  N N 23  
A1AM6 H1   H  N N 24  
A1AM6 H    H  N N 25  
A1AM6 H2   H  N N 26  
A1AM6 H3   H  N N 27  
A1AM6 H4   H  N N 28  
A1AM6 H5   H  N N 29  
A1AM6 H6   H  N N 30  
A1AM6 H7   H  N N 31  
A1AM6 H8   H  N N 32  
A1AM6 H16  H  N N 33  
ALA   N    N  N N 34  
ALA   CA   C  N S 35  
ALA   C    C  N N 36  
ALA   O    O  N N 37  
ALA   CB   C  N N 38  
ALA   OXT  O  N N 39  
ALA   H    H  N N 40  
ALA   H2   H  N N 41  
ALA   HA   H  N N 42  
ALA   HB1  H  N N 43  
ALA   HB2  H  N N 44  
ALA   HB3  H  N N 45  
ALA   HXT  H  N N 46  
ARG   N    N  N N 47  
ARG   CA   C  N S 48  
ARG   C    C  N N 49  
ARG   O    O  N N 50  
ARG   CB   C  N N 51  
ARG   CG   C  N N 52  
ARG   CD   C  N N 53  
ARG   NE   N  N N 54  
ARG   CZ   C  N N 55  
ARG   NH1  N  N N 56  
ARG   NH2  N  N N 57  
ARG   OXT  O  N N 58  
ARG   H    H  N N 59  
ARG   H2   H  N N 60  
ARG   HA   H  N N 61  
ARG   HB2  H  N N 62  
ARG   HB3  H  N N 63  
ARG   HG2  H  N N 64  
ARG   HG3  H  N N 65  
ARG   HD2  H  N N 66  
ARG   HD3  H  N N 67  
ARG   HE   H  N N 68  
ARG   HH11 H  N N 69  
ARG   HH12 H  N N 70  
ARG   HH21 H  N N 71  
ARG   HH22 H  N N 72  
ARG   HXT  H  N N 73  
ASN   N    N  N N 74  
ASN   CA   C  N S 75  
ASN   C    C  N N 76  
ASN   O    O  N N 77  
ASN   CB   C  N N 78  
ASN   CG   C  N N 79  
ASN   OD1  O  N N 80  
ASN   ND2  N  N N 81  
ASN   OXT  O  N N 82  
ASN   H    H  N N 83  
ASN   H2   H  N N 84  
ASN   HA   H  N N 85  
ASN   HB2  H  N N 86  
ASN   HB3  H  N N 87  
ASN   HD21 H  N N 88  
ASN   HD22 H  N N 89  
ASN   HXT  H  N N 90  
ASP   N    N  N N 91  
ASP   CA   C  N S 92  
ASP   C    C  N N 93  
ASP   O    O  N N 94  
ASP   CB   C  N N 95  
ASP   CG   C  N N 96  
ASP   OD1  O  N N 97  
ASP   OD2  O  N N 98  
ASP   OXT  O  N N 99  
ASP   H    H  N N 100 
ASP   H2   H  N N 101 
ASP   HA   H  N N 102 
ASP   HB2  H  N N 103 
ASP   HB3  H  N N 104 
ASP   HD2  H  N N 105 
ASP   HXT  H  N N 106 
CYS   N    N  N N 107 
CYS   CA   C  N R 108 
CYS   C    C  N N 109 
CYS   O    O  N N 110 
CYS   CB   C  N N 111 
CYS   SG   S  N N 112 
CYS   OXT  O  N N 113 
CYS   H    H  N N 114 
CYS   H2   H  N N 115 
CYS   HA   H  N N 116 
CYS   HB2  H  N N 117 
CYS   HB3  H  N N 118 
CYS   HG   H  N N 119 
CYS   HXT  H  N N 120 
DMS   S    S  N N 121 
DMS   O    O  N N 122 
DMS   C1   C  N N 123 
DMS   C2   C  N N 124 
DMS   H11  H  N N 125 
DMS   H12  H  N N 126 
DMS   H13  H  N N 127 
DMS   H21  H  N N 128 
DMS   H22  H  N N 129 
DMS   H23  H  N N 130 
GLN   N    N  N N 131 
GLN   CA   C  N S 132 
GLN   C    C  N N 133 
GLN   O    O  N N 134 
GLN   CB   C  N N 135 
GLN   CG   C  N N 136 
GLN   CD   C  N N 137 
GLN   OE1  O  N N 138 
GLN   NE2  N  N N 139 
GLN   OXT  O  N N 140 
GLN   H    H  N N 141 
GLN   H2   H  N N 142 
GLN   HA   H  N N 143 
GLN   HB2  H  N N 144 
GLN   HB3  H  N N 145 
GLN   HG2  H  N N 146 
GLN   HG3  H  N N 147 
GLN   HE21 H  N N 148 
GLN   HE22 H  N N 149 
GLN   HXT  H  N N 150 
GLU   N    N  N N 151 
GLU   CA   C  N S 152 
GLU   C    C  N N 153 
GLU   O    O  N N 154 
GLU   CB   C  N N 155 
GLU   CG   C  N N 156 
GLU   CD   C  N N 157 
GLU   OE1  O  N N 158 
GLU   OE2  O  N N 159 
GLU   OXT  O  N N 160 
GLU   H    H  N N 161 
GLU   H2   H  N N 162 
GLU   HA   H  N N 163 
GLU   HB2  H  N N 164 
GLU   HB3  H  N N 165 
GLU   HG2  H  N N 166 
GLU   HG3  H  N N 167 
GLU   HE2  H  N N 168 
GLU   HXT  H  N N 169 
GLY   N    N  N N 170 
GLY   CA   C  N N 171 
GLY   C    C  N N 172 
GLY   O    O  N N 173 
GLY   OXT  O  N N 174 
GLY   H    H  N N 175 
GLY   H2   H  N N 176 
GLY   HA2  H  N N 177 
GLY   HA3  H  N N 178 
GLY   HXT  H  N N 179 
HIS   N    N  N N 180 
HIS   CA   C  N S 181 
HIS   C    C  N N 182 
HIS   O    O  N N 183 
HIS   CB   C  N N 184 
HIS   CG   C  Y N 185 
HIS   ND1  N  Y N 186 
HIS   CD2  C  Y N 187 
HIS   CE1  C  Y N 188 
HIS   NE2  N  Y N 189 
HIS   OXT  O  N N 190 
HIS   H    H  N N 191 
HIS   H2   H  N N 192 
HIS   HA   H  N N 193 
HIS   HB2  H  N N 194 
HIS   HB3  H  N N 195 
HIS   HD1  H  N N 196 
HIS   HD2  H  N N 197 
HIS   HE1  H  N N 198 
HIS   HE2  H  N N 199 
HIS   HXT  H  N N 200 
HOH   O    O  N N 201 
HOH   H1   H  N N 202 
HOH   H2   H  N N 203 
ILE   N    N  N N 204 
ILE   CA   C  N S 205 
ILE   C    C  N N 206 
ILE   O    O  N N 207 
ILE   CB   C  N S 208 
ILE   CG1  C  N N 209 
ILE   CG2  C  N N 210 
ILE   CD1  C  N N 211 
ILE   OXT  O  N N 212 
ILE   H    H  N N 213 
ILE   H2   H  N N 214 
ILE   HA   H  N N 215 
ILE   HB   H  N N 216 
ILE   HG12 H  N N 217 
ILE   HG13 H  N N 218 
ILE   HG21 H  N N 219 
ILE   HG22 H  N N 220 
ILE   HG23 H  N N 221 
ILE   HD11 H  N N 222 
ILE   HD12 H  N N 223 
ILE   HD13 H  N N 224 
ILE   HXT  H  N N 225 
LEU   N    N  N N 226 
LEU   CA   C  N S 227 
LEU   C    C  N N 228 
LEU   O    O  N N 229 
LEU   CB   C  N N 230 
LEU   CG   C  N N 231 
LEU   CD1  C  N N 232 
LEU   CD2  C  N N 233 
LEU   OXT  O  N N 234 
LEU   H    H  N N 235 
LEU   H2   H  N N 236 
LEU   HA   H  N N 237 
LEU   HB2  H  N N 238 
LEU   HB3  H  N N 239 
LEU   HG   H  N N 240 
LEU   HD11 H  N N 241 
LEU   HD12 H  N N 242 
LEU   HD13 H  N N 243 
LEU   HD21 H  N N 244 
LEU   HD22 H  N N 245 
LEU   HD23 H  N N 246 
LEU   HXT  H  N N 247 
LYS   N    N  N N 248 
LYS   CA   C  N S 249 
LYS   C    C  N N 250 
LYS   O    O  N N 251 
LYS   CB   C  N N 252 
LYS   CG   C  N N 253 
LYS   CD   C  N N 254 
LYS   CE   C  N N 255 
LYS   NZ   N  N N 256 
LYS   OXT  O  N N 257 
LYS   H    H  N N 258 
LYS   H2   H  N N 259 
LYS   HA   H  N N 260 
LYS   HB2  H  N N 261 
LYS   HB3  H  N N 262 
LYS   HG2  H  N N 263 
LYS   HG3  H  N N 264 
LYS   HD2  H  N N 265 
LYS   HD3  H  N N 266 
LYS   HE2  H  N N 267 
LYS   HE3  H  N N 268 
LYS   HZ1  H  N N 269 
LYS   HZ2  H  N N 270 
LYS   HZ3  H  N N 271 
LYS   HXT  H  N N 272 
MET   N    N  N N 273 
MET   CA   C  N S 274 
MET   C    C  N N 275 
MET   O    O  N N 276 
MET   CB   C  N N 277 
MET   CG   C  N N 278 
MET   SD   S  N N 279 
MET   CE   C  N N 280 
MET   OXT  O  N N 281 
MET   H    H  N N 282 
MET   H2   H  N N 283 
MET   HA   H  N N 284 
MET   HB2  H  N N 285 
MET   HB3  H  N N 286 
MET   HG2  H  N N 287 
MET   HG3  H  N N 288 
MET   HE1  H  N N 289 
MET   HE2  H  N N 290 
MET   HE3  H  N N 291 
MET   HXT  H  N N 292 
PHE   N    N  N N 293 
PHE   CA   C  N S 294 
PHE   C    C  N N 295 
PHE   O    O  N N 296 
PHE   CB   C  N N 297 
PHE   CG   C  Y N 298 
PHE   CD1  C  Y N 299 
PHE   CD2  C  Y N 300 
PHE   CE1  C  Y N 301 
PHE   CE2  C  Y N 302 
PHE   CZ   C  Y N 303 
PHE   OXT  O  N N 304 
PHE   H    H  N N 305 
PHE   H2   H  N N 306 
PHE   HA   H  N N 307 
PHE   HB2  H  N N 308 
PHE   HB3  H  N N 309 
PHE   HD1  H  N N 310 
PHE   HD2  H  N N 311 
PHE   HE1  H  N N 312 
PHE   HE2  H  N N 313 
PHE   HZ   H  N N 314 
PHE   HXT  H  N N 315 
PRO   N    N  N N 316 
PRO   CA   C  N S 317 
PRO   C    C  N N 318 
PRO   O    O  N N 319 
PRO   CB   C  N N 320 
PRO   CG   C  N N 321 
PRO   CD   C  N N 322 
PRO   OXT  O  N N 323 
PRO   H    H  N N 324 
PRO   HA   H  N N 325 
PRO   HB2  H  N N 326 
PRO   HB3  H  N N 327 
PRO   HG2  H  N N 328 
PRO   HG3  H  N N 329 
PRO   HD2  H  N N 330 
PRO   HD3  H  N N 331 
PRO   HXT  H  N N 332 
SER   N    N  N N 333 
SER   CA   C  N S 334 
SER   C    C  N N 335 
SER   O    O  N N 336 
SER   CB   C  N N 337 
SER   OG   O  N N 338 
SER   OXT  O  N N 339 
SER   H    H  N N 340 
SER   H2   H  N N 341 
SER   HA   H  N N 342 
SER   HB2  H  N N 343 
SER   HB3  H  N N 344 
SER   HG   H  N N 345 
SER   HXT  H  N N 346 
SO4   S    S  N N 347 
SO4   O1   O  N N 348 
SO4   O2   O  N N 349 
SO4   O3   O  N N 350 
SO4   O4   O  N N 351 
THR   N    N  N N 352 
THR   CA   C  N S 353 
THR   C    C  N N 354 
THR   O    O  N N 355 
THR   CB   C  N R 356 
THR   OG1  O  N N 357 
THR   CG2  C  N N 358 
THR   OXT  O  N N 359 
THR   H    H  N N 360 
THR   H2   H  N N 361 
THR   HA   H  N N 362 
THR   HB   H  N N 363 
THR   HG1  H  N N 364 
THR   HG21 H  N N 365 
THR   HG22 H  N N 366 
THR   HG23 H  N N 367 
THR   HXT  H  N N 368 
TRP   N    N  N N 369 
TRP   CA   C  N S 370 
TRP   C    C  N N 371 
TRP   O    O  N N 372 
TRP   CB   C  N N 373 
TRP   CG   C  Y N 374 
TRP   CD1  C  Y N 375 
TRP   CD2  C  Y N 376 
TRP   NE1  N  Y N 377 
TRP   CE2  C  Y N 378 
TRP   CE3  C  Y N 379 
TRP   CZ2  C  Y N 380 
TRP   CZ3  C  Y N 381 
TRP   CH2  C  Y N 382 
TRP   OXT  O  N N 383 
TRP   H    H  N N 384 
TRP   H2   H  N N 385 
TRP   HA   H  N N 386 
TRP   HB2  H  N N 387 
TRP   HB3  H  N N 388 
TRP   HD1  H  N N 389 
TRP   HE1  H  N N 390 
TRP   HE3  H  N N 391 
TRP   HZ2  H  N N 392 
TRP   HZ3  H  N N 393 
TRP   HH2  H  N N 394 
TRP   HXT  H  N N 395 
TYR   N    N  N N 396 
TYR   CA   C  N S 397 
TYR   C    C  N N 398 
TYR   O    O  N N 399 
TYR   CB   C  N N 400 
TYR   CG   C  Y N 401 
TYR   CD1  C  Y N 402 
TYR   CD2  C  Y N 403 
TYR   CE1  C  Y N 404 
TYR   CE2  C  Y N 405 
TYR   CZ   C  Y N 406 
TYR   OH   O  N N 407 
TYR   OXT  O  N N 408 
TYR   H    H  N N 409 
TYR   H2   H  N N 410 
TYR   HA   H  N N 411 
TYR   HB2  H  N N 412 
TYR   HB3  H  N N 413 
TYR   HD1  H  N N 414 
TYR   HD2  H  N N 415 
TYR   HE1  H  N N 416 
TYR   HE2  H  N N 417 
TYR   HH   H  N N 418 
TYR   HXT  H  N N 419 
VAL   N    N  N N 420 
VAL   CA   C  N S 421 
VAL   C    C  N N 422 
VAL   O    O  N N 423 
VAL   CB   C  N N 424 
VAL   CG1  C  N N 425 
VAL   CG2  C  N N 426 
VAL   OXT  O  N N 427 
VAL   H    H  N N 428 
VAL   H2   H  N N 429 
VAL   HA   H  N N 430 
VAL   HB   H  N N 431 
VAL   HG11 H  N N 432 
VAL   HG12 H  N N 433 
VAL   HG13 H  N N 434 
VAL   HG21 H  N N 435 
VAL   HG22 H  N N 436 
VAL   HG23 H  N N 437 
VAL   HXT  H  N N 438 
ZN    ZN   ZN N N 439 
# 
loop_
_chem_comp_bond.comp_id 
_chem_comp_bond.atom_id_1 
_chem_comp_bond.atom_id_2 
_chem_comp_bond.value_order 
_chem_comp_bond.pdbx_aromatic_flag 
_chem_comp_bond.pdbx_stereo_config 
_chem_comp_bond.pdbx_ordinal 
A1AM6 C   C1   sing N N 1   
A1AM6 C1  C2   sing N N 2   
A1AM6 N   C1   sing N N 3   
A1AM6 N   C3   sing N N 4   
A1AM6 C3  C4   sing N N 5   
A1AM6 C4  N1   sing N N 6   
A1AM6 N1  C5   sing N N 7   
A1AM6 C5  C6   sing N N 8   
A1AM6 C6  N    sing N N 9   
A1AM6 C7  N1   sing N N 10  
A1AM6 C7  N2   doub Y N 11  
A1AM6 N2  C8   sing Y N 12  
A1AM6 C8  C9   doub Y N 13  
A1AM6 C9  C10  sing Y N 14  
A1AM6 C10 N3   doub Y N 15  
A1AM6 N3  C7   sing Y N 16  
A1AM6 C4  H9   sing N N 17  
A1AM6 C4  H10  sing N N 18  
A1AM6 C5  H11  sing N N 19  
A1AM6 C5  H12  sing N N 20  
A1AM6 C6  H13  sing N N 21  
A1AM6 C6  H14  sing N N 22  
A1AM6 C8  H15  sing N N 23  
A1AM6 C10 H17  sing N N 24  
A1AM6 C   H1   sing N N 25  
A1AM6 C   H    sing N N 26  
A1AM6 C   H2   sing N N 27  
A1AM6 C1  H3   sing N N 28  
A1AM6 C2  H4   sing N N 29  
A1AM6 C2  H5   sing N N 30  
A1AM6 C2  H6   sing N N 31  
A1AM6 C3  H7   sing N N 32  
A1AM6 C3  H8   sing N N 33  
A1AM6 C9  H16  sing N N 34  
ALA   N   CA   sing N N 35  
ALA   N   H    sing N N 36  
ALA   N   H2   sing N N 37  
ALA   CA  C    sing N N 38  
ALA   CA  CB   sing N N 39  
ALA   CA  HA   sing N N 40  
ALA   C   O    doub N N 41  
ALA   C   OXT  sing N N 42  
ALA   CB  HB1  sing N N 43  
ALA   CB  HB2  sing N N 44  
ALA   CB  HB3  sing N N 45  
ALA   OXT HXT  sing N N 46  
ARG   N   CA   sing N N 47  
ARG   N   H    sing N N 48  
ARG   N   H2   sing N N 49  
ARG   CA  C    sing N N 50  
ARG   CA  CB   sing N N 51  
ARG   CA  HA   sing N N 52  
ARG   C   O    doub N N 53  
ARG   C   OXT  sing N N 54  
ARG   CB  CG   sing N N 55  
ARG   CB  HB2  sing N N 56  
ARG   CB  HB3  sing N N 57  
ARG   CG  CD   sing N N 58  
ARG   CG  HG2  sing N N 59  
ARG   CG  HG3  sing N N 60  
ARG   CD  NE   sing N N 61  
ARG   CD  HD2  sing N N 62  
ARG   CD  HD3  sing N N 63  
ARG   NE  CZ   sing N N 64  
ARG   NE  HE   sing N N 65  
ARG   CZ  NH1  sing N N 66  
ARG   CZ  NH2  doub N N 67  
ARG   NH1 HH11 sing N N 68  
ARG   NH1 HH12 sing N N 69  
ARG   NH2 HH21 sing N N 70  
ARG   NH2 HH22 sing N N 71  
ARG   OXT HXT  sing N N 72  
ASN   N   CA   sing N N 73  
ASN   N   H    sing N N 74  
ASN   N   H2   sing N N 75  
ASN   CA  C    sing N N 76  
ASN   CA  CB   sing N N 77  
ASN   CA  HA   sing N N 78  
ASN   C   O    doub N N 79  
ASN   C   OXT  sing N N 80  
ASN   CB  CG   sing N N 81  
ASN   CB  HB2  sing N N 82  
ASN   CB  HB3  sing N N 83  
ASN   CG  OD1  doub N N 84  
ASN   CG  ND2  sing N N 85  
ASN   ND2 HD21 sing N N 86  
ASN   ND2 HD22 sing N N 87  
ASN   OXT HXT  sing N N 88  
ASP   N   CA   sing N N 89  
ASP   N   H    sing N N 90  
ASP   N   H2   sing N N 91  
ASP   CA  C    sing N N 92  
ASP   CA  CB   sing N N 93  
ASP   CA  HA   sing N N 94  
ASP   C   O    doub N N 95  
ASP   C   OXT  sing N N 96  
ASP   CB  CG   sing N N 97  
ASP   CB  HB2  sing N N 98  
ASP   CB  HB3  sing N N 99  
ASP   CG  OD1  doub N N 100 
ASP   CG  OD2  sing N N 101 
ASP   OD2 HD2  sing N N 102 
ASP   OXT HXT  sing N N 103 
CYS   N   CA   sing N N 104 
CYS   N   H    sing N N 105 
CYS   N   H2   sing N N 106 
CYS   CA  C    sing N N 107 
CYS   CA  CB   sing N N 108 
CYS   CA  HA   sing N N 109 
CYS   C   O    doub N N 110 
CYS   C   OXT  sing N N 111 
CYS   CB  SG   sing N N 112 
CYS   CB  HB2  sing N N 113 
CYS   CB  HB3  sing N N 114 
CYS   SG  HG   sing N N 115 
CYS   OXT HXT  sing N N 116 
DMS   S   O    doub N N 117 
DMS   S   C1   sing N N 118 
DMS   S   C2   sing N N 119 
DMS   C1  H11  sing N N 120 
DMS   C1  H12  sing N N 121 
DMS   C1  H13  sing N N 122 
DMS   C2  H21  sing N N 123 
DMS   C2  H22  sing N N 124 
DMS   C2  H23  sing N N 125 
GLN   N   CA   sing N N 126 
GLN   N   H    sing N N 127 
GLN   N   H2   sing N N 128 
GLN   CA  C    sing N N 129 
GLN   CA  CB   sing N N 130 
GLN   CA  HA   sing N N 131 
GLN   C   O    doub N N 132 
GLN   C   OXT  sing N N 133 
GLN   CB  CG   sing N N 134 
GLN   CB  HB2  sing N N 135 
GLN   CB  HB3  sing N N 136 
GLN   CG  CD   sing N N 137 
GLN   CG  HG2  sing N N 138 
GLN   CG  HG3  sing N N 139 
GLN   CD  OE1  doub N N 140 
GLN   CD  NE2  sing N N 141 
GLN   NE2 HE21 sing N N 142 
GLN   NE2 HE22 sing N N 143 
GLN   OXT HXT  sing N N 144 
GLU   N   CA   sing N N 145 
GLU   N   H    sing N N 146 
GLU   N   H2   sing N N 147 
GLU   CA  C    sing N N 148 
GLU   CA  CB   sing N N 149 
GLU   CA  HA   sing N N 150 
GLU   C   O    doub N N 151 
GLU   C   OXT  sing N N 152 
GLU   CB  CG   sing N N 153 
GLU   CB  HB2  sing N N 154 
GLU   CB  HB3  sing N N 155 
GLU   CG  CD   sing N N 156 
GLU   CG  HG2  sing N N 157 
GLU   CG  HG3  sing N N 158 
GLU   CD  OE1  doub N N 159 
GLU   CD  OE2  sing N N 160 
GLU   OE2 HE2  sing N N 161 
GLU   OXT HXT  sing N N 162 
GLY   N   CA   sing N N 163 
GLY   N   H    sing N N 164 
GLY   N   H2   sing N N 165 
GLY   CA  C    sing N N 166 
GLY   CA  HA2  sing N N 167 
GLY   CA  HA3  sing N N 168 
GLY   C   O    doub N N 169 
GLY   C   OXT  sing N N 170 
GLY   OXT HXT  sing N N 171 
HIS   N   CA   sing N N 172 
HIS   N   H    sing N N 173 
HIS   N   H2   sing N N 174 
HIS   CA  C    sing N N 175 
HIS   CA  CB   sing N N 176 
HIS   CA  HA   sing N N 177 
HIS   C   O    doub N N 178 
HIS   C   OXT  sing N N 179 
HIS   CB  CG   sing N N 180 
HIS   CB  HB2  sing N N 181 
HIS   CB  HB3  sing N N 182 
HIS   CG  ND1  sing Y N 183 
HIS   CG  CD2  doub Y N 184 
HIS   ND1 CE1  doub Y N 185 
HIS   ND1 HD1  sing N N 186 
HIS   CD2 NE2  sing Y N 187 
HIS   CD2 HD2  sing N N 188 
HIS   CE1 NE2  sing Y N 189 
HIS   CE1 HE1  sing N N 190 
HIS   NE2 HE2  sing N N 191 
HIS   OXT HXT  sing N N 192 
HOH   O   H1   sing N N 193 
HOH   O   H2   sing N N 194 
ILE   N   CA   sing N N 195 
ILE   N   H    sing N N 196 
ILE   N   H2   sing N N 197 
ILE   CA  C    sing N N 198 
ILE   CA  CB   sing N N 199 
ILE   CA  HA   sing N N 200 
ILE   C   O    doub N N 201 
ILE   C   OXT  sing N N 202 
ILE   CB  CG1  sing N N 203 
ILE   CB  CG2  sing N N 204 
ILE   CB  HB   sing N N 205 
ILE   CG1 CD1  sing N N 206 
ILE   CG1 HG12 sing N N 207 
ILE   CG1 HG13 sing N N 208 
ILE   CG2 HG21 sing N N 209 
ILE   CG2 HG22 sing N N 210 
ILE   CG2 HG23 sing N N 211 
ILE   CD1 HD11 sing N N 212 
ILE   CD1 HD12 sing N N 213 
ILE   CD1 HD13 sing N N 214 
ILE   OXT HXT  sing N N 215 
LEU   N   CA   sing N N 216 
LEU   N   H    sing N N 217 
LEU   N   H2   sing N N 218 
LEU   CA  C    sing N N 219 
LEU   CA  CB   sing N N 220 
LEU   CA  HA   sing N N 221 
LEU   C   O    doub N N 222 
LEU   C   OXT  sing N N 223 
LEU   CB  CG   sing N N 224 
LEU   CB  HB2  sing N N 225 
LEU   CB  HB3  sing N N 226 
LEU   CG  CD1  sing N N 227 
LEU   CG  CD2  sing N N 228 
LEU   CG  HG   sing N N 229 
LEU   CD1 HD11 sing N N 230 
LEU   CD1 HD12 sing N N 231 
LEU   CD1 HD13 sing N N 232 
LEU   CD2 HD21 sing N N 233 
LEU   CD2 HD22 sing N N 234 
LEU   CD2 HD23 sing N N 235 
LEU   OXT HXT  sing N N 236 
LYS   N   CA   sing N N 237 
LYS   N   H    sing N N 238 
LYS   N   H2   sing N N 239 
LYS   CA  C    sing N N 240 
LYS   CA  CB   sing N N 241 
LYS   CA  HA   sing N N 242 
LYS   C   O    doub N N 243 
LYS   C   OXT  sing N N 244 
LYS   CB  CG   sing N N 245 
LYS   CB  HB2  sing N N 246 
LYS   CB  HB3  sing N N 247 
LYS   CG  CD   sing N N 248 
LYS   CG  HG2  sing N N 249 
LYS   CG  HG3  sing N N 250 
LYS   CD  CE   sing N N 251 
LYS   CD  HD2  sing N N 252 
LYS   CD  HD3  sing N N 253 
LYS   CE  NZ   sing N N 254 
LYS   CE  HE2  sing N N 255 
LYS   CE  HE3  sing N N 256 
LYS   NZ  HZ1  sing N N 257 
LYS   NZ  HZ2  sing N N 258 
LYS   NZ  HZ3  sing N N 259 
LYS   OXT HXT  sing N N 260 
MET   N   CA   sing N N 261 
MET   N   H    sing N N 262 
MET   N   H2   sing N N 263 
MET   CA  C    sing N N 264 
MET   CA  CB   sing N N 265 
MET   CA  HA   sing N N 266 
MET   C   O    doub N N 267 
MET   C   OXT  sing N N 268 
MET   CB  CG   sing N N 269 
MET   CB  HB2  sing N N 270 
MET   CB  HB3  sing N N 271 
MET   CG  SD   sing N N 272 
MET   CG  HG2  sing N N 273 
MET   CG  HG3  sing N N 274 
MET   SD  CE   sing N N 275 
MET   CE  HE1  sing N N 276 
MET   CE  HE2  sing N N 277 
MET   CE  HE3  sing N N 278 
MET   OXT HXT  sing N N 279 
PHE   N   CA   sing N N 280 
PHE   N   H    sing N N 281 
PHE   N   H2   sing N N 282 
PHE   CA  C    sing N N 283 
PHE   CA  CB   sing N N 284 
PHE   CA  HA   sing N N 285 
PHE   C   O    doub N N 286 
PHE   C   OXT  sing N N 287 
PHE   CB  CG   sing N N 288 
PHE   CB  HB2  sing N N 289 
PHE   CB  HB3  sing N N 290 
PHE   CG  CD1  doub Y N 291 
PHE   CG  CD2  sing Y N 292 
PHE   CD1 CE1  sing Y N 293 
PHE   CD1 HD1  sing N N 294 
PHE   CD2 CE2  doub Y N 295 
PHE   CD2 HD2  sing N N 296 
PHE   CE1 CZ   doub Y N 297 
PHE   CE1 HE1  sing N N 298 
PHE   CE2 CZ   sing Y N 299 
PHE   CE2 HE2  sing N N 300 
PHE   CZ  HZ   sing N N 301 
PHE   OXT HXT  sing N N 302 
PRO   N   CA   sing N N 303 
PRO   N   CD   sing N N 304 
PRO   N   H    sing N N 305 
PRO   CA  C    sing N N 306 
PRO   CA  CB   sing N N 307 
PRO   CA  HA   sing N N 308 
PRO   C   O    doub N N 309 
PRO   C   OXT  sing N N 310 
PRO   CB  CG   sing N N 311 
PRO   CB  HB2  sing N N 312 
PRO   CB  HB3  sing N N 313 
PRO   CG  CD   sing N N 314 
PRO   CG  HG2  sing N N 315 
PRO   CG  HG3  sing N N 316 
PRO   CD  HD2  sing N N 317 
PRO   CD  HD3  sing N N 318 
PRO   OXT HXT  sing N N 319 
SER   N   CA   sing N N 320 
SER   N   H    sing N N 321 
SER   N   H2   sing N N 322 
SER   CA  C    sing N N 323 
SER   CA  CB   sing N N 324 
SER   CA  HA   sing N N 325 
SER   C   O    doub N N 326 
SER   C   OXT  sing N N 327 
SER   CB  OG   sing N N 328 
SER   CB  HB2  sing N N 329 
SER   CB  HB3  sing N N 330 
SER   OG  HG   sing N N 331 
SER   OXT HXT  sing N N 332 
SO4   S   O1   doub N N 333 
SO4   S   O2   doub N N 334 
SO4   S   O3   sing N N 335 
SO4   S   O4   sing N N 336 
THR   N   CA   sing N N 337 
THR   N   H    sing N N 338 
THR   N   H2   sing N N 339 
THR   CA  C    sing N N 340 
THR   CA  CB   sing N N 341 
THR   CA  HA   sing N N 342 
THR   C   O    doub N N 343 
THR   C   OXT  sing N N 344 
THR   CB  OG1  sing N N 345 
THR   CB  CG2  sing N N 346 
THR   CB  HB   sing N N 347 
THR   OG1 HG1  sing N N 348 
THR   CG2 HG21 sing N N 349 
THR   CG2 HG22 sing N N 350 
THR   CG2 HG23 sing N N 351 
THR   OXT HXT  sing N N 352 
TRP   N   CA   sing N N 353 
TRP   N   H    sing N N 354 
TRP   N   H2   sing N N 355 
TRP   CA  C    sing N N 356 
TRP   CA  CB   sing N N 357 
TRP   CA  HA   sing N N 358 
TRP   C   O    doub N N 359 
TRP   C   OXT  sing N N 360 
TRP   CB  CG   sing N N 361 
TRP   CB  HB2  sing N N 362 
TRP   CB  HB3  sing N N 363 
TRP   CG  CD1  doub Y N 364 
TRP   CG  CD2  sing Y N 365 
TRP   CD1 NE1  sing Y N 366 
TRP   CD1 HD1  sing N N 367 
TRP   CD2 CE2  doub Y N 368 
TRP   CD2 CE3  sing Y N 369 
TRP   NE1 CE2  sing Y N 370 
TRP   NE1 HE1  sing N N 371 
TRP   CE2 CZ2  sing Y N 372 
TRP   CE3 CZ3  doub Y N 373 
TRP   CE3 HE3  sing N N 374 
TRP   CZ2 CH2  doub Y N 375 
TRP   CZ2 HZ2  sing N N 376 
TRP   CZ3 CH2  sing Y N 377 
TRP   CZ3 HZ3  sing N N 378 
TRP   CH2 HH2  sing N N 379 
TRP   OXT HXT  sing N N 380 
TYR   N   CA   sing N N 381 
TYR   N   H    sing N N 382 
TYR   N   H2   sing N N 383 
TYR   CA  C    sing N N 384 
TYR   CA  CB   sing N N 385 
TYR   CA  HA   sing N N 386 
TYR   C   O    doub N N 387 
TYR   C   OXT  sing N N 388 
TYR   CB  CG   sing N N 389 
TYR   CB  HB2  sing N N 390 
TYR   CB  HB3  sing N N 391 
TYR   CG  CD1  doub Y N 392 
TYR   CG  CD2  sing Y N 393 
TYR   CD1 CE1  sing Y N 394 
TYR   CD1 HD1  sing N N 395 
TYR   CD2 CE2  doub Y N 396 
TYR   CD2 HD2  sing N N 397 
TYR   CE1 CZ   doub Y N 398 
TYR   CE1 HE1  sing N N 399 
TYR   CE2 CZ   sing Y N 400 
TYR   CE2 HE2  sing N N 401 
TYR   CZ  OH   sing N N 402 
TYR   OH  HH   sing N N 403 
TYR   OXT HXT  sing N N 404 
VAL   N   CA   sing N N 405 
VAL   N   H    sing N N 406 
VAL   N   H2   sing N N 407 
VAL   CA  C    sing N N 408 
VAL   CA  CB   sing N N 409 
VAL   CA  HA   sing N N 410 
VAL   C   O    doub N N 411 
VAL   C   OXT  sing N N 412 
VAL   CB  CG1  sing N N 413 
VAL   CB  CG2  sing N N 414 
VAL   CB  HB   sing N N 415 
VAL   CG1 HG11 sing N N 416 
VAL   CG1 HG12 sing N N 417 
VAL   CG1 HG13 sing N N 418 
VAL   CG2 HG21 sing N N 419 
VAL   CG2 HG22 sing N N 420 
VAL   CG2 HG23 sing N N 421 
VAL   OXT HXT  sing N N 422 
# 
_pdbx_audit_support.funding_organization   
'National Institutes of Health/National Institute Of Allergy and Infectious Diseases (NIH/NIAID)' 
_pdbx_audit_support.country                'United States' 
_pdbx_audit_support.grant_number           U19AI171399 
_pdbx_audit_support.ordinal                1 
# 
_pdbx_deposit_group.group_id            G_1002288 
_pdbx_deposit_group.group_description   'Crystallographic fragment screening of Coxsackievirus A16 (G-10) 2A protease' 
_pdbx_deposit_group.group_title         
'Group deposition for crystallographic fragment screening of Coxsackievirus A16 (G-10) 2A protease' 
_pdbx_deposit_group.group_type          'changed state' 
# 
_atom_sites.entry_id                    7H3Q 
_atom_sites.fract_transf_matrix[1][1]   0.00182017 
_atom_sites.fract_transf_matrix[1][2]   -0.00566629 
_atom_sites.fract_transf_matrix[1][3]   0.00996425 
_atom_sites.fract_transf_matrix[2][1]   0.01618723 
_atom_sites.fract_transf_matrix[2][2]   0.00719830 
_atom_sites.fract_transf_matrix[2][3]   0.00113647 
_atom_sites.fract_transf_matrix[3][1]   -0.01124601 
_atom_sites.fract_transf_matrix[3][2]   0.02241744 
_atom_sites.fract_transf_matrix[3][3]   0.01819153 
_atom_sites.fract_transf_vector[1]      0.184313 
_atom_sites.fract_transf_vector[2]      0.124469 
_atom_sites.fract_transf_vector[3]      0.449715 
# 
loop_
_atom_type.symbol 
C  
N  
O  
S  
ZN 
# 
loop_
_atom_site.group_PDB 
_atom_site.id 
_atom_site.type_symbol 
_atom_site.label_atom_id 
_atom_site.label_alt_id 
_atom_site.label_comp_id 
_atom_site.label_asym_id 
_atom_site.label_entity_id 
_atom_site.label_seq_id 
_atom_site.pdbx_PDB_ins_code 
_atom_site.Cartn_x 
_atom_site.Cartn_y 
_atom_site.Cartn_z 
_atom_site.occupancy 
_atom_site.B_iso_or_equiv 
_atom_site.pdbx_formal_charge 
_atom_site.auth_seq_id 
_atom_site.auth_comp_id 
_atom_site.auth_asym_id 
_atom_site.auth_atom_id 
_atom_site.pdbx_PDB_model_num 
ATOM   1    N  N   . SER   A 1 7   ? -3.571  5.352   8.665   1.00 14.12 ? 7   SER   A N   1 
ATOM   2    C  CA  . SER   A 1 7   ? -2.938  4.147   9.201   1.00 13.75 ? 7   SER   A CA  1 
ATOM   3    C  C   . SER   A 1 7   ? -3.588  2.911   8.606   1.00 13.63 ? 7   SER   A C   1 
ATOM   4    O  O   . SER   A 1 7   ? -4.705  3.001   8.049   1.00 14.91 ? 7   SER   A O   1 
ATOM   5    C  CB  . SER   A 1 7   ? -2.997  4.111   10.700  1.00 17.70 ? 7   SER   A CB  1 
ATOM   6    O  OG  . SER   A 1 7   ? -4.338  4.153   11.089  1.00 20.36 ? 7   SER   A OG  1 
ATOM   7    N  N   . GLY   A 1 8   ? -2.880  1.800   8.715   1.00 13.07 ? 8   GLY   A N   1 
ATOM   8    C  CA  . GLY   A 1 8   ? -3.419  0.513   8.277   1.00 12.84 ? 8   GLY   A CA  1 
ATOM   9    C  C   . GLY   A 1 8   ? -2.344  -0.430  7.799   1.00 12.38 ? 8   GLY   A C   1 
ATOM   10   O  O   . GLY   A 1 8   ? -1.266  0.007   7.422   1.00 13.99 ? 8   GLY   A O   1 
ATOM   11   N  N   . ALA   A 1 9   ? -2.672  -1.716  7.795   1.00 12.12 ? 9   ALA   A N   1 
ATOM   12   C  CA  . ALA   A 1 9   ? -1.728  -2.750  7.390   1.00 12.33 ? 9   ALA   A CA  1 
ATOM   13   C  C   . ALA   A 1 9   ? -2.445  -3.850  6.624   1.00 10.92 ? 9   ALA   A C   1 
ATOM   14   O  O   . ALA   A 1 9   ? -3.684  -3.968  6.751   1.00 13.13 ? 9   ALA   A O   1 
ATOM   15   C  CB  . ALA   A 1 9   ? -0.998  -3.320  8.573   1.00 13.92 ? 9   ALA   A CB  1 
ATOM   16   N  N   . ILE   A 1 10  ? -1.657  -4.671  5.977   1.00 10.84 ? 10  ILE   A N   1 
ATOM   17   C  CA  . ILE   A 1 10  ? -2.110  -5.930  5.392   1.00 11.43 ? 10  ILE   A CA  1 
ATOM   18   C  C   . ILE   A 1 10  ? -1.555  -7.013  6.304   1.00 13.21 ? 10  ILE   A C   1 
ATOM   19   O  O   . ILE   A 1 10  ? -0.346  -6.997  6.604   1.00 12.94 ? 10  ILE   A O   1 
ATOM   20   C  CB  . ILE   A 1 10  ? -1.618  -6.152  3.940   1.00 10.85 ? 10  ILE   A CB  1 
ATOM   21   C  CG1 . ILE   A 1 10  ? -1.876  -4.935  3.049   1.00 11.71 ? 10  ILE   A CG1 1 
ATOM   22   C  CG2 . ILE   A 1 10  ? -2.311  -7.403  3.372   1.00 11.56 ? 10  ILE   A CG2 1 
ATOM   23   C  CD1 . ILE   A 1 10  ? -1.126  -4.998  1.760   1.00 11.24 ? 10  ILE   A CD1 1 
ATOM   24   N  N   . TYR   A 1 11  ? -2.420  -7.964  6.638   1.00 14.60 ? 11  TYR   A N   1 
ATOM   25   C  CA  . TYR   A 1 11  ? -2.115  -9.138  7.482   1.00 14.67 ? 11  TYR   A CA  1 
ATOM   26   C  C   . TYR   A 1 11  ? -2.317  -10.397 6.650   1.00 14.93 ? 11  TYR   A C   1 
ATOM   27   O  O   . TYR   A 1 11  ? -3.405  -10.863 6.555   1.00 15.10 ? 11  TYR   A O   1 
ATOM   28   C  CB  . TYR   A 1 11  ? -2.948  -9.096  8.770   1.00 15.26 ? 11  TYR   A CB  1 
ATOM   29   C  CG  . TYR   A 1 11  ? -2.573  -7.939  9.659   1.00 14.48 ? 11  TYR   A CG  1 
ATOM   30   C  CD1 . TYR   A 1 11  ? -1.431  -7.988  10.455  1.00 15.95 ? 11  TYR   A CD1 1 
ATOM   31   C  CD2 . TYR   A 1 11  ? -3.358  -6.823  9.698   1.00 17.66 ? 11  TYR   A CD2 1 
ATOM   32   C  CE1 . TYR   A 1 11  ? -1.068  -6.903  11.245  1.00 15.09 ? 11  TYR   A CE1 1 
ATOM   33   C  CE2 . TYR   A 1 11  ? -3.012  -5.731  10.466  1.00 17.20 ? 11  TYR   A CE2 1 
ATOM   34   C  CZ  . TYR   A 1 11  ? -1.865  -5.781  11.232  1.00 17.13 ? 11  TYR   A CZ  1 
ATOM   35   O  OH  . TYR   A 1 11  ? -1.541  -4.692  11.989  1.00 17.30 ? 11  TYR   A OH  1 
ATOM   36   N  N   . VAL   A 1 12  ? -1.239  -10.856 6.087   1.00 13.42 ? 12  VAL   A N   1 
ATOM   37   C  CA  . VAL   A 1 12  ? -1.226  -12.053 5.200   1.00 15.50 ? 12  VAL   A CA  1 
ATOM   38   C  C   . VAL   A 1 12  ? -0.290  -13.078 5.811   1.00 15.92 ? 12  VAL   A C   1 
ATOM   39   O  O   . VAL   A 1 12  ? 0.880   -12.779 6.071   1.00 16.36 ? 12  VAL   A O   1 
ATOM   40   C  CB  . VAL   A 1 12  ? -0.868  -11.749 3.721   1.00 15.55 ? 12  VAL   A CB  1 
ATOM   41   C  CG1 . VAL   A 1 12  ? 0.420   -11.007 3.517   1.00 15.82 ? 12  VAL   A CG1 1 
ATOM   42   C  CG2 . VAL   A 1 12  ? -0.888  -13.035 2.917   1.00 15.94 ? 12  VAL   A CG2 1 
ATOM   43   N  N   . GLY   A 1 13  ? -0.802  -14.287 6.071   1.00 17.08 ? 13  GLY   A N   1 
ATOM   44   C  CA  . GLY   A 1 13  ? 0.045   -15.302 6.706   1.00 17.19 ? 13  GLY   A CA  1 
ATOM   45   C  C   . GLY   A 1 13  ? 0.620   -14.752 8.011   1.00 14.87 ? 13  GLY   A C   1 
ATOM   46   O  O   . GLY   A 1 13  ? -0.148  -14.200 8.780   1.00 17.43 ? 13  GLY   A O   1 
ATOM   47   N  N   . ASN   A 1 14  ? 1.907   -14.904 8.163   1.00 16.75 ? 14  ASN   A N   1 
ATOM   48   C  CA  . ASN   A 1 14  ? 2.626   -14.359 9.339   1.00 17.06 ? 14  ASN   A CA  1 
ATOM   49   C  C   . ASN   A 1 14  ? 3.371   -13.057 9.014   1.00 18.00 ? 14  ASN   A C   1 
ATOM   50   O  O   . ASN   A 1 14  ? 4.474   -12.815 9.559   1.00 19.18 ? 14  ASN   A O   1 
ATOM   51   C  CB  . ASN   A 1 14  ? 3.491   -15.427 10.008  1.00 19.45 ? 14  ASN   A CB  1 
ATOM   52   C  CG  . ASN   A 1 14  ? 2.672   -16.407 10.833  1.00 20.40 ? 14  ASN   A CG  1 
ATOM   53   O  OD1 . ASN   A 1 14  ? 2.432   -16.191 12.028  1.00 25.99 ? 14  ASN   A OD1 1 
ATOM   54   N  ND2 . ASN   A 1 14  ? 2.191   -17.451 10.175  1.00 19.10 ? 14  ASN   A ND2 1 
ATOM   55   N  N   . TYR   A 1 15  ? 2.819   -12.254 8.090   1.00 15.71 ? 15  TYR   A N   1 
ATOM   56   C  CA  . TYR   A 1 15  ? 3.458   -10.987 7.650   1.00 14.92 ? 15  TYR   A CA  1 
ATOM   57   C  C   . TYR   A 1 15  ? 2.467   -9.871  7.905   1.00 14.03 ? 15  TYR   A C   1 
ATOM   58   O  O   . TYR   A 1 15  ? 1.249   -9.996  7.801   1.00 14.53 ? 15  TYR   A O   1 
ATOM   59   C  CB  . TYR   A 1 15  ? 3.785   -11.034 6.163   1.00 16.41 ? 15  TYR   A CB  1 
ATOM   60   C  CG  . TYR   A 1 15  ? 4.773   -12.079 5.769   1.00 16.17 ? 15  TYR   A CG  1 
ATOM   61   C  CD1 . TYR   A 1 15  ? 6.081   -12.085 6.230   1.00 19.20 ? 15  TYR   A CD1 1 
ATOM   62   C  CD2 . TYR   A 1 15  ? 4.417   -13.039 4.829   1.00 17.60 ? 15  TYR   A CD2 1 
ATOM   63   C  CE1 . TYR   A 1 15  ? 6.992   -13.054 5.854   1.00 21.43 ? 15  TYR   A CE1 1 
ATOM   64   C  CE2 . TYR   A 1 15  ? 5.328   -13.980 4.411   1.00 18.10 ? 15  TYR   A CE2 1 
ATOM   65   C  CZ  . TYR   A 1 15  ? 6.609   -14.005 4.920   1.00 22.10 ? 15  TYR   A CZ  1 
ATOM   66   O  OH  . TYR   A 1 15  ? 7.466   -14.980 4.506   1.00 24.87 ? 15  TYR   A OH  1 
ATOM   67   N  N   . ARG   A 1 16  ? 3.055   -8.723  8.295   1.00 13.78 ? 16  ARG   A N   1 
ATOM   68   C  CA  . ARG   A 1 16  ? 2.405   -7.423  8.419   1.00 13.15 ? 16  ARG   A CA  1 
ATOM   69   C  C   . ARG   A 1 16  ? 3.061   -6.499  7.408   1.00 12.61 ? 16  ARG   A C   1 
ATOM   70   O  O   . ARG   A 1 16  ? 4.292   -6.299  7.438   1.00 13.22 ? 16  ARG   A O   1 
ATOM   71   C  CB  . ARG   A 1 16  ? 2.540   -6.925  9.860   1.00 12.57 ? 16  ARG   A CB  1 
ATOM   72   C  CG  . ARG   A 1 16  ? 2.203   -5.467  10.085  1.00 13.42 ? 16  ARG   A CG  1 
ATOM   73   C  CD  . ARG   A 1 16  ? 2.308   -5.143  11.579  1.00 13.75 ? 16  ARG   A CD  1 
ATOM   74   N  NE  . ARG   A 1 16  ? 2.759   -3.788  11.855  1.00 13.21 ? 16  ARG   A NE  1 
ATOM   75   C  CZ  . ARG   A 1 16  ? 2.028   -2.714  11.928  1.00 14.16 ? 16  ARG   A CZ  1 
ATOM   76   N  NH1 . ARG   A 1 16  ? 0.717   -2.705  11.723  1.00 15.53 ? 16  ARG   A NH1 1 
ATOM   77   N  NH2 . ARG   A 1 16  ? 2.672   -1.576  12.185  1.00 14.57 ? 16  ARG   A NH2 1 
ATOM   78   N  N   . VAL   A 1 17  ? 2.242   -5.966  6.499   1.00 11.22 ? 17  VAL   A N   1 
ATOM   79   C  CA  . VAL   A 1 17  ? 2.722   -5.045  5.453   1.00 11.26 ? 17  VAL   A CA  1 
ATOM   80   C  C   . VAL   A 1 17  ? 2.201   -3.668  5.782   1.00 10.74 ? 17  VAL   A C   1 
ATOM   81   O  O   . VAL   A 1 17  ? 0.990   -3.485  5.914   1.00 11.34 ? 17  VAL   A O   1 
ATOM   82   C  CB  . VAL   A 1 17  ? 2.223   -5.467  4.060   1.00 11.28 ? 17  VAL   A CB  1 
ATOM   83   C  CG1 . VAL   A 1 17  ? 2.883   -4.567  3.008   1.00 11.69 ? 17  VAL   A CG1 1 
ATOM   84   C  CG2 . VAL   A 1 17  ? 2.407   -6.953  3.811   1.00 12.70 ? 17  VAL   A CG2 1 
ATOM   85   N  N   . VAL   A 1 18  ? 3.140   -2.747  5.975   1.00 11.31 ? 18  VAL   A N   1 
ATOM   86   C  CA  . VAL   A 1 18  ? 2.837   -1.373  6.382   1.00 11.56 ? 18  VAL   A CA  1 
ATOM   87   C  C   . VAL   A 1 18  ? 3.552   -0.420  5.467   1.00 10.86 ? 18  VAL   A C   1 
ATOM   88   O  O   . VAL   A 1 18  ? 4.537   -0.735  4.814   1.00 11.22 ? 18  VAL   A O   1 
ATOM   89   C  CB  . VAL   A 1 18  ? 3.187   -1.080  7.854   1.00 12.35 ? 18  VAL   A CB  1 
ATOM   90   C  CG1 . VAL   A 1 18  ? 2.204   -1.791  8.761   1.00 14.17 ? 18  VAL   A CG1 1 
ATOM   91   C  CG2 . VAL   A 1 18  ? 4.653   -1.323  8.210   1.00 11.99 ? 18  VAL   A CG2 1 
ATOM   92   N  N   . ASN   A 1 19  ? 3.058   0.805   5.465   1.00 10.01 ? 19  ASN   A N   1 
ATOM   93   C  CA  . ASN   A 1 19  ? 3.851   1.895   4.863   1.00 10.44 ? 19  ASN   A CA  1 
ATOM   94   C  C   . ASN   A 1 19  ? 5.181   2.007   5.601   1.00 10.42 ? 19  ASN   A C   1 
ATOM   95   O  O   . ASN   A 1 19  ? 5.180   2.090   6.851   1.00 10.36 ? 19  ASN   A O   1 
ATOM   96   C  CB  . ASN   A 1 19  ? 3.144   3.240   4.943   1.00 10.01 ? 19  ASN   A CB  1 
ATOM   97   C  CG  . ASN   A 1 19  ? 1.827   3.278   4.215   1.00 10.30 ? 19  ASN   A CG  1 
ATOM   98   O  OD1 . ASN   A 1 19  ? 0.770   3.037   4.793   1.00 10.91 ? 19  ASN   A OD1 1 
ATOM   99   N  ND2 . ASN   A 1 19  ? 1.868   3.591   2.939   1.00 11.03 ? 19  ASN   A ND2 1 
ATOM   100  N  N   . ARG   A 1 20  ? 6.286   2.048   4.883   1.00 9.89  ? 20  ARG   A N   1 
ATOM   101  C  CA  . ARG   A 1 20  ? 7.606   2.173   5.546   1.00 10.13 ? 20  ARG   A CA  1 
ATOM   102  C  C   . ARG   A 1 20  ? 7.631   3.363   6.507   1.00 10.51 ? 20  ARG   A C   1 
ATOM   103  O  O   . ARG   A 1 20  ? 8.202   3.248   7.624   1.00 10.93 ? 20  ARG   A O   1 
ATOM   104  C  CB  . ARG   A 1 20  ? 8.732   2.266   4.534   1.00 10.30 ? 20  ARG   A CB  1 
ATOM   105  C  CG  . ARG   A 1 20  ? 10.129  2.088   5.135   1.00 11.11 ? 20  ARG   A CG  1 
ATOM   106  C  CD  . ARG   A 1 20  ? 11.163  2.265   4.040   1.00 13.50 ? 20  ARG   A CD  1 
ATOM   107  N  NE  . ARG   A 1 20  ? 12.568  2.147   4.503   1.00 14.04 ? 20  ARG   A NE  1 
ATOM   108  C  CZ  . ARG   A 1 20  ? 13.272  3.113   5.052   1.00 15.02 ? 20  ARG   A CZ  1 
ATOM   109  N  NH1 . ARG   A 1 20  ? 12.753  4.264   5.398   1.00 16.84 ? 20  ARG   A NH1 1 
ATOM   110  N  NH2 . ARG   A 1 20  ? 14.560  2.898   5.354   1.00 16.71 ? 20  ARG   A NH2 1 
ATOM   111  N  N   . HIS   A 1 21  ? 7.021   4.489   6.094   1.00 10.83 ? 21  HIS   A N   1 
ATOM   112  C  CA  . HIS   A 1 21  ? 7.121   5.702   6.917   1.00 10.96 ? 21  HIS   A CA  1 
ATOM   113  C  C   . HIS   A 1 21  ? 6.296   5.577   8.168   1.00 11.09 ? 21  HIS   A C   1 
ATOM   114  O  O   . HIS   A 1 21  ? 6.459   6.435   9.060   1.00 12.34 ? 21  HIS   A O   1 
ATOM   115  C  CB  . HIS   A 1 21  ? 6.765   6.969   6.138   1.00 10.96 ? 21  HIS   A CB  1 
ATOM   116  C  CG  . HIS   A 1 21  ? 5.306   7.128   5.792   1.00 10.83 ? 21  HIS   A CG  1 
ATOM   117  N  ND1 . HIS   A 1 21  ? 4.720   6.580   4.657   1.00 10.60 ? 21  HIS   A ND1 1 
ATOM   118  C  CD2 . HIS   A 1 21  ? 4.310   7.804   6.432   1.00 11.18 ? 21  HIS   A CD2 1 
ATOM   119  C  CE1 . HIS   A 1 21  ? 3.413   6.875   4.683   1.00 10.88 ? 21  HIS   A CE1 1 
ATOM   120  N  NE2 . HIS   A 1 21  ? 3.155   7.668   5.687   1.00 11.76 ? 21  HIS   A NE2 1 
ATOM   121  N  N   . LEU   A 1 22  ? 5.449   4.587   8.321   1.00 10.26 ? 22  LEU   A N   1 
ATOM   122  C  CA  . LEU   A 1 22  ? 4.596   4.380   9.519   1.00 10.83 ? 22  LEU   A CA  1 
ATOM   123  C  C   . LEU   A 1 22  ? 5.079   3.155   10.282  1.00 11.11 ? 22  LEU   A C   1 
ATOM   124  O  O   . LEU   A 1 22  ? 4.468   2.814   11.301  1.00 12.21 ? 22  LEU   A O   1 
ATOM   125  C  CB  . LEU   A 1 22  ? 3.132   4.215   9.112   1.00 11.38 ? 22  LEU   A CB  1 
ATOM   126  C  CG  . LEU   A 1 22  ? 2.520   5.467   8.492   1.00 11.98 ? 22  LEU   A CG  1 
ATOM   127  C  CD1 . LEU   A 1 22  ? 1.067   5.257   8.114   1.00 13.18 ? 22  LEU   A CD1 1 
ATOM   128  C  CD2 . LEU   A 1 22  ? 2.625   6.685   9.416   1.00 11.97 ? 22  LEU   A CD2 1 
ATOM   129  N  N   . ALA   A 1 23  ? 6.162   2.523   9.885   1.00 10.91 ? 23  ALA   A N   1 
ATOM   130  C  CA  . ALA   A 1 23  ? 6.639   1.313   10.571  1.00 11.66 ? 23  ALA   A CA  1 
ATOM   131  C  C   . ALA   A 1 23  ? 7.069   1.692   11.993  1.00 12.20 ? 23  ALA   A C   1 
ATOM   132  O  O   . ALA   A 1 23  ? 7.676   2.764   12.198  1.00 12.92 ? 23  ALA   A O   1 
ATOM   133  C  CB  . ALA   A 1 23  ? 7.796   0.722   9.799   1.00 12.70 ? 23  ALA   A CB  1 
ATOM   134  N  N   . THR   A 1 24  ? 6.831   0.806   12.907  1.00 12.12 ? 24  THR   A N   1 
ATOM   135  C  CA  . THR   A 1 24  ? 7.181   1.052   14.322  1.00 12.48 ? 24  THR   A CA  1 
ATOM   136  C  C   . THR   A 1 24  ? 8.540   0.453   14.646  1.00 12.04 ? 24  THR   A C   1 
ATOM   137  O  O   . THR   A 1 24  ? 9.145   -0.240  13.860  1.00 11.49 ? 24  THR   A O   1 
ATOM   138  C  CB  . THR   A 1 24  ? 6.121   0.406   15.209  1.00 12.96 ? 24  THR   A CB  1 
ATOM   139  O  OG1 . THR   A 1 24  ? 6.191   -1.002  15.058  1.00 14.39 ? 24  THR   A OG1 1 
ATOM   140  C  CG2 . THR   A 1 24  ? 4.702   0.856   14.924  1.00 15.21 ? 24  THR   A CG2 1 
ATOM   141  N  N   . HIS   A 1 25  ? 9.044   0.712   15.868  1.00 12.52 ? 25  HIS   A N   1 
ATOM   142  C  CA  . HIS   A 1 25  ? 10.288  0.063   16.314  1.00 13.34 ? 25  HIS   A CA  1 
ATOM   143  C  C   . HIS   A 1 25  ? 10.093  -1.457  16.296  1.00 12.37 ? 25  HIS   A C   1 
ATOM   144  O  O   . HIS   A 1 25  ? 10.988  -2.167  15.862  1.00 13.45 ? 25  HIS   A O   1 
ATOM   145  C  CB  . HIS   A 1 25  ? 10.703  0.544   17.723  1.00 14.12 ? 25  HIS   A CB  1 
ATOM   146  C  CG  . HIS   A 1 25  ? 11.681  -0.387  18.377  1.00 16.47 ? 25  HIS   A CG  1 
ATOM   147  N  ND1 . HIS   A 1 25  ? 13.031  -0.392  18.094  1.00 16.98 ? 25  HIS   A ND1 1 
ATOM   148  C  CD2 . HIS   A 1 25  ? 11.472  -1.475  19.187  1.00 18.78 ? 25  HIS   A CD2 1 
ATOM   149  C  CE1 . HIS   A 1 25  ? 13.630  -1.346  18.788  1.00 17.61 ? 25  HIS   A CE1 1 
ATOM   150  N  NE2 . HIS   A 1 25  ? 12.673  -2.083  19.422  1.00 19.99 ? 25  HIS   A NE2 1 
ATOM   151  N  N   . ASN   A 1 26  ? 8.938   -1.957  16.726  1.00 13.32 ? 26  ASN   A N   1 
ATOM   152  C  CA  . ASN   A 1 26  ? 8.713   -3.416  16.741  1.00 13.92 ? 26  ASN   A CA  1 
ATOM   153  C  C   . ASN   A 1 26  ? 8.749   -3.968  15.308  1.00 12.59 ? 26  ASN   A C   1 
ATOM   154  O  O   . ASN   A 1 26  ? 9.264   -5.030  15.089  1.00 13.66 ? 26  ASN   A O   1 
ATOM   155  C  CB  . ASN   A 1 26  ? 7.370   -3.791  17.355  1.00 16.36 ? 26  ASN   A CB  1 
ATOM   156  C  CG  . ASN   A 1 26  ? 7.218   -5.292  17.469  1.00 22.17 ? 26  ASN   A CG  1 
ATOM   157  O  OD1 . ASN   A 1 26  ? 7.893   -5.920  18.298  1.00 25.27 ? 26  ASN   A OD1 1 
ATOM   158  N  ND2 . ASN   A 1 26  ? 6.438   -5.902  16.588  1.00 22.68 ? 26  ASN   A ND2 1 
ATOM   159  N  N   . ASP   A 1 27  ? 8.250   -3.209  14.325  1.00 12.76 ? 27  ASP   A N   1 
ATOM   160  C  CA  . ASP   A 1 27  ? 8.341   -3.660  12.934  1.00 11.80 ? 27  ASP   A CA  1 
ATOM   161  C  C   . ASP   A 1 27  ? 9.801   -3.807  12.562  1.00 11.37 ? 27  ASP   A C   1 
ATOM   162  O  O   . ASP   A 1 27  ? 10.202  -4.804  11.938  1.00 12.15 ? 27  ASP   A O   1 
ATOM   163  C  CB  . ASP   A 1 27  ? 7.659   -2.687  11.968  1.00 11.78 ? 27  ASP   A CB  1 
ATOM   164  C  CG  . ASP   A 1 27  ? 6.145   -2.692  12.070  1.00 12.02 ? 27  ASP   A CG  1 
ATOM   165  O  OD1 . ASP   A 1 27  ? 5.554   -3.799  12.173  1.00 13.40 ? 27  ASP   A OD1 1 
ATOM   166  O  OD2 . ASP   A 1 27  ? 5.529   -1.620  11.965  1.00 12.69 ? 27  ASP   A OD2 1 
ATOM   167  N  N   . TRP   A 1 28  ? 10.629  -2.783  12.819  1.00 10.84 ? 28  TRP   A N   1 
ATOM   168  C  CA  . TRP   A 1 28  ? 12.049  -2.801  12.446  1.00 11.18 ? 28  TRP   A CA  1 
ATOM   169  C  C   . TRP   A 1 28  ? 12.772  -3.927  13.185  1.00 11.11 ? 28  TRP   A C   1 
ATOM   170  O  O   . TRP   A 1 28  ? 13.668  -4.468  12.641  1.00 12.76 ? 28  TRP   A O   1 
ATOM   171  C  CB  . TRP   A 1 28  ? 12.698  -1.441  12.710  1.00 11.38 ? 28  TRP   A CB  1 
ATOM   172  C  CG  . TRP   A 1 28  ? 12.396  -0.397  11.668  1.00 11.22 ? 28  TRP   A CG  1 
ATOM   173  C  CD1 . TRP   A 1 28  ? 11.482  0.608   11.690  1.00 12.03 ? 28  TRP   A CD1 1 
ATOM   174  C  CD2 . TRP   A 1 28  ? 13.024  -0.352  10.386  1.00 10.70 ? 28  TRP   A CD2 1 
ATOM   175  N  NE1 . TRP   A 1 28  ? 11.560  1.310   10.508  1.00 11.42 ? 28  TRP   A NE1 1 
ATOM   176  C  CE2 . TRP   A 1 28  ? 12.505  0.766   9.692   1.00 10.20 ? 28  TRP   A CE2 1 
ATOM   177  C  CE3 . TRP   A 1 28  ? 14.046  -1.097  9.783   1.00 11.43 ? 28  TRP   A CE3 1 
ATOM   178  C  CZ2 . TRP   A 1 28  ? 12.970  1.130   8.431   1.00 11.80 ? 28  TRP   A CZ2 1 
ATOM   179  C  CZ3 . TRP   A 1 28  ? 14.505  -0.748  8.540   1.00 11.56 ? 28  TRP   A CZ3 1 
ATOM   180  C  CH2 . TRP   A 1 28  ? 13.935  0.340   7.852   1.00 11.84 ? 28  TRP   A CH2 1 
ATOM   181  N  N   . ALA   A 1 29  ? 12.374  -4.210  14.428  1.00 12.11 ? 29  ALA   A N   1 
ATOM   182  C  CA  . ALA   A 1 29  ? 13.007  -5.260  15.241  1.00 13.39 ? 29  ALA   A CA  1 
ATOM   183  C  C   . ALA   A 1 29  ? 12.630  -6.638  14.733  1.00 14.18 ? 29  ALA   A C   1 
ATOM   184  O  O   . ALA   A 1 29  ? 13.295  -7.642  15.158  1.00 15.63 ? 29  ALA   A O   1 
ATOM   185  C  CB  . ALA   A 1 29  ? 12.633  -5.070  16.698  1.00 13.99 ? 29  ALA   A CB  1 
ATOM   186  N  N   . ASN   A 1 30  ? 11.541  -6.748  13.972  1.00 14.56 ? 30  ASN   A N   1 
ATOM   187  C  CA  . ASN   A 1 30  ? 11.036  -8.035  13.425  1.00 15.25 ? 30  ASN   A CA  1 
ATOM   188  C  C   . ASN   A 1 30  ? 11.002  -7.923  11.899  1.00 15.35 ? 30  ASN   A C   1 
ATOM   189  O  O   . ASN   A 1 30  ? 10.026  -8.432  11.281  1.00 15.81 ? 30  ASN   A O   1 
ATOM   190  C  CB  . ASN   A 1 30  ? 9.687   -8.343  14.049  1.00 16.85 ? 30  ASN   A CB  1 
ATOM   191  C  CG  . ASN   A 1 30  ? 9.855   -8.648  15.521  1.00 17.89 ? 30  ASN   A CG  1 
ATOM   192  O  OD1 . ASN   A 1 30  ? 10.227  -9.768  15.888  1.00 20.88 ? 30  ASN   A OD1 1 
ATOM   193  N  ND2 . ASN   A 1 30  ? 9.559   -7.687  16.353  1.00 18.31 ? 30  ASN   A ND2 1 
ATOM   194  N  N   . LEU   A 1 31  ? 11.972  -7.291  11.293  1.00 14.45 ? 31  LEU   A N   1 
ATOM   195  C  CA  . LEU   A 1 31  ? 11.942  -6.903  9.865   1.00 14.89 ? 31  LEU   A CA  1 
ATOM   196  C  C   . LEU   A 1 31  ? 12.076  -8.133  8.989   1.00 15.67 ? 31  LEU   A C   1 
ATOM   197  O  O   . LEU   A 1 31  ? 12.943  -9.013  9.267   1.00 16.10 ? 31  LEU   A O   1 
ATOM   198  C  CB  . LEU   A 1 31  ? 13.123  -5.996  9.578   1.00 13.84 ? 31  LEU   A CB  1 
ATOM   199  C  CG  . LEU   A 1 31  ? 13.232  -5.469  8.140   1.00 14.06 ? 31  LEU   A CG  1 
ATOM   200  C  CD1 . LEU   A 1 31  ? 12.036  -4.612  7.770   1.00 15.37 ? 31  LEU   A CD1 1 
ATOM   201  C  CD2 . LEU   A 1 31  ? 14.510  -4.703  7.959   1.00 14.17 ? 31  LEU   A CD2 1 
ATOM   202  N  N   . VAL   A 1 32  ? 11.250  -8.208  7.952   1.00 14.37 ? 32  VAL   A N   1 
ATOM   203  C  CA  . VAL   A 1 32  ? 11.399  -9.203  6.864   1.00 15.26 ? 32  VAL   A CA  1 
ATOM   204  C  C   . VAL   A 1 32  ? 12.014  -8.522  5.652   1.00 14.90 ? 32  VAL   A C   1 
ATOM   205  O  O   . VAL   A 1 32  ? 12.965  -9.030  5.034   1.00 17.12 ? 32  VAL   A O   1 
ATOM   206  C  CB  . VAL   A 1 32  ? 10.041  -9.846  6.590   1.00 15.57 ? 32  VAL   A CB  1 
ATOM   207  C  CG1 . VAL   A 1 32  ? 10.114  -10.773 5.372   1.00 16.50 ? 32  VAL   A CG1 1 
ATOM   208  C  CG2 . VAL   A 1 32  ? 9.493   -10.596 7.784   1.00 17.09 ? 32  VAL   A CG2 1 
ATOM   209  N  N   . TRP   A 1 33  ? 11.488  -7.368  5.245   1.00 14.43 ? 33  TRP   A N   1 
ATOM   210  C  CA  . TRP   A 1 33  ? 11.893  -6.723  3.986   1.00 14.43 ? 33  TRP   A CA  1 
ATOM   211  C  C   . TRP   A 1 33  ? 11.429  -5.274  4.020   1.00 13.22 ? 33  TRP   A C   1 
ATOM   212  O  O   . TRP   A 1 33  ? 10.358  -5.024  4.587   1.00 13.16 ? 33  TRP   A O   1 
ATOM   213  C  CB  . TRP   A 1 33  ? 11.290  -7.493  2.789   1.00 15.67 ? 33  TRP   A CB  1 
ATOM   214  C  CG  . TRP   A 1 33  ? 11.400  -6.842  1.455   1.00 15.43 ? 33  TRP   A CG  1 
ATOM   215  C  CD1 . TRP   A 1 33  ? 12.468  -6.859  0.621   1.00 17.25 ? 33  TRP   A CD1 1 
ATOM   216  C  CD2 . TRP   A 1 33  ? 10.423  -5.999  0.822   1.00 14.36 ? 33  TRP   A CD2 1 
ATOM   217  N  NE1 . TRP   A 1 33  ? 12.206  -6.116  -0.511  1.00 18.86 ? 33  TRP   A NE1 1 
ATOM   218  C  CE2 . TRP   A 1 33  ? 10.951  -5.585  -0.417  1.00 15.62 ? 33  TRP   A CE2 1 
ATOM   219  C  CE3 . TRP   A 1 33  ? 9.156   -5.585  1.173   1.00 14.29 ? 33  TRP   A CE3 1 
ATOM   220  C  CZ2 . TRP   A 1 33  ? 10.229  -4.806  -1.313  1.00 15.42 ? 33  TRP   A CZ2 1 
ATOM   221  C  CZ3 . TRP   A 1 33  ? 8.437   -4.801  0.302   1.00 15.27 ? 33  TRP   A CZ3 1 
ATOM   222  C  CH2 . TRP   A 1 33  ? 8.970   -4.429  -0.918  1.00 14.70 ? 33  TRP   A CH2 1 
ATOM   223  N  N   . GLU   A 1 34  ? 12.215  -4.379  3.482   1.00 12.92 ? 34  GLU   A N   1 
ATOM   224  C  CA  . GLU   A 1 34  ? 11.755  -2.977  3.353   1.00 13.78 ? 34  GLU   A CA  1 
ATOM   225  C  C   . GLU   A 1 34  ? 12.346  -2.334  2.104   1.00 13.54 ? 34  GLU   A C   1 
ATOM   226  O  O   . GLU   A 1 34  ? 13.428  -2.763  1.654   1.00 14.14 ? 34  GLU   A O   1 
ATOM   227  C  CB  . GLU   A 1 34  ? 12.102  -2.172  4.601   1.00 13.68 ? 34  GLU   A CB  1 
ATOM   228  C  CG  . GLU   A 1 34  ? 13.582  -2.188  4.954   1.00 13.37 ? 34  GLU   A CG  1 
ATOM   229  C  CD  . GLU   A 1 34  ? 14.472  -1.154  4.260   1.00 14.32 ? 34  GLU   A CD  1 
ATOM   230  O  OE1 . GLU   A 1 34  ? 15.711  -1.363  4.239   1.00 15.86 ? 34  GLU   A OE1 1 
ATOM   231  O  OE2 . GLU   A 1 34  ? 13.976  -0.142  3.760   1.00 14.54 ? 34  GLU   A OE2 1 
ATOM   232  N  N   . ASP   A 1 35  ? 11.644  -1.345  1.555   1.00 13.42 ? 35  ASP   A N   1 
ATOM   233  C  CA  . ASP   A 1 35  ? 12.090  -0.628  0.338   1.00 13.69 ? 35  ASP   A CA  1 
ATOM   234  C  C   . ASP   A 1 35  ? 11.541  0.800   0.418   1.00 13.66 ? 35  ASP   A C   1 
ATOM   235  O  O   . ASP   A 1 35  ? 10.344  1.004   0.293   1.00 13.19 ? 35  ASP   A O   1 
ATOM   236  C  CB  . ASP   A 1 35  ? 11.592  -1.402  -0.889  1.00 15.63 ? 35  ASP   A CB  1 
ATOM   237  C  CG  . ASP   A 1 35  ? 11.999  -0.819  -2.222  1.00 15.68 ? 35  ASP   A CG  1 
ATOM   238  O  OD1 . ASP   A 1 35  ? 11.989  0.394   -2.356  1.00 17.36 ? 35  ASP   A OD1 1 
ATOM   239  O  OD2 . ASP   A 1 35  ? 12.233  -1.652  -3.145  1.00 20.49 ? 35  ASP   A OD2 1 
ATOM   240  N  N   A SER   A 1 36  ? 12.404  1.789   0.680   0.35 13.17 ? 36  SER   A N   1 
ATOM   241  N  N   B SER   A 1 36  ? 12.426  1.763   0.682   0.33 14.70 ? 36  SER   A N   1 
ATOM   242  C  CA  A SER   A 1 36  ? 12.026  3.221   0.776   0.35 13.17 ? 36  SER   A CA  1 
ATOM   243  C  CA  B SER   A 1 36  ? 12.121  3.210   0.763   0.33 15.59 ? 36  SER   A CA  1 
ATOM   244  C  C   A SER   A 1 36  ? 11.421  3.699   -0.545  0.35 13.05 ? 36  SER   A C   1 
ATOM   245  C  C   B SER   A 1 36  ? 11.457  3.692   -0.528  0.33 14.46 ? 36  SER   A C   1 
ATOM   246  O  O   A SER   A 1 36  ? 10.417  4.427   -0.504  0.35 13.57 ? 36  SER   A O   1 
ATOM   247  O  O   B SER   A 1 36  ? 10.456  4.418   -0.447  0.33 14.91 ? 36  SER   A O   1 
ATOM   248  C  CB  A SER   A 1 36  ? 13.205  4.084   1.145   0.35 13.26 ? 36  SER   A CB  1 
ATOM   249  C  CB  B SER   A 1 36  ? 13.377  3.997   1.025   0.33 17.39 ? 36  SER   A CB  1 
ATOM   250  O  OG  A SER   A 1 36  ? 12.910  5.462   1.012   0.35 12.69 ? 36  SER   A OG  1 
ATOM   251  O  OG  B SER   A 1 36  ? 14.490  3.395   0.374   0.33 20.85 ? 36  SER   A OG  1 
ATOM   252  N  N   . SER   A 1 37  ? 11.999  3.281   -1.672  1.00 14.25 ? 37  SER   A N   1 
ATOM   253  C  CA  . SER   A 1 37  ? 11.480  3.739   -2.983  1.00 14.46 ? 37  SER   A CA  1 
ATOM   254  C  C   . SER   A 1 37  ? 10.026  3.320   -3.192  1.00 12.86 ? 37  SER   A C   1 
ATOM   255  O  O   . SER   A 1 37  ? 9.313   4.062   -3.858  1.00 14.16 ? 37  SER   A O   1 
ATOM   256  C  CB  . SER   A 1 37  ? 12.316  3.324   -4.123  1.00 15.71 ? 37  SER   A CB  1 
ATOM   257  O  OG  . SER   A 1 37  ? 12.160  1.985   -4.404  1.00 20.43 ? 37  SER   A OG  1 
ATOM   258  N  N   . ARG   A 1 38  ? 9.585   2.239   -2.543  1.00 11.48 ? 38  ARG   A N   1 
ATOM   259  C  CA  . ARG   A 1 38  ? 8.183   1.749   -2.630  1.00 11.03 ? 38  ARG   A CA  1 
ATOM   260  C  C   . ARG   A 1 38  ? 7.311   2.201   -1.450  1.00 10.34 ? 38  ARG   A C   1 
ATOM   261  O  O   . ARG   A 1 38  ? 6.110   1.948   -1.469  1.00 10.36 ? 38  ARG   A O   1 
ATOM   262  C  CB  . ARG   A 1 38  ? 8.186   0.221   -2.713  1.00 12.02 ? 38  ARG   A CB  1 
ATOM   263  C  CG  . ARG   A 1 38  ? 8.848   -0.336  -3.962  1.00 12.56 ? 38  ARG   A CG  1 
ATOM   264  C  CD  . ARG   A 1 38  ? 8.805   -1.855  -3.941  1.00 12.22 ? 38  ARG   A CD  1 
ATOM   265  N  NE  . ARG   A 1 38  ? 7.459   -2.379  -4.075  1.00 10.72 ? 38  ARG   A NE  1 
ATOM   266  C  CZ  . ARG   A 1 38  ? 7.155   -3.474  -4.769  1.00 10.91 ? 38  ARG   A CZ  1 
ATOM   267  N  NH1 . ARG   A 1 38  ? 8.122   -4.247  -5.274  1.00 12.05 ? 38  ARG   A NH1 1 
ATOM   268  N  NH2 . ARG   A 1 38  ? 5.901   -3.836  -4.915  1.00 12.11 ? 38  ARG   A NH2 1 
ATOM   269  N  N   . ASP   A 1 39  ? 7.931   2.784   -0.433  1.00 10.62 ? 39  ASP   A N   1 
ATOM   270  C  CA  . ASP   A 1 39  ? 7.211   3.124   0.826   1.00 10.27 ? 39  ASP   A CA  1 
ATOM   271  C  C   . ASP   A 1 39  ? 6.621   1.860   1.456   1.00 9.54  ? 39  ASP   A C   1 
ATOM   272  O  O   . ASP   A 1 39  ? 5.531   1.944   2.013   1.00 11.11 ? 39  ASP   A O   1 
ATOM   273  C  CB  . ASP   A 1 39  ? 6.130   4.210   0.652   1.00 10.19 ? 39  ASP   A CB  1 
ATOM   274  C  CG  . ASP   A 1 39  ? 5.476   4.645   1.965   1.00 10.87 ? 39  ASP   A CG  1 
ATOM   275  O  OD1 . ASP   A 1 39  ? 6.223   4.733   2.983   1.00 11.45 ? 39  ASP   A OD1 1 
ATOM   276  O  OD2 . ASP   A 1 39  ? 4.274   4.931   1.943   1.00 11.21 ? 39  ASP   A OD2 1 
ATOM   277  N  N   . LEU   A 1 40  ? 7.331   0.724   1.407   1.00 10.41 ? 40  LEU   A N   1 
ATOM   278  C  CA  . LEU   A 1 40  ? 6.844   -0.516  2.049   1.00 10.56 ? 40  LEU   A CA  1 
ATOM   279  C  C   . LEU   A 1 40  ? 7.839   -1.065  3.052   1.00 9.72  ? 40  LEU   A C   1 
ATOM   280  O  O   . LEU   A 1 40  ? 9.038   -1.015  2.841   1.00 10.68 ? 40  LEU   A O   1 
ATOM   281  C  CB  . LEU   A 1 40  ? 6.561   -1.593  0.998   1.00 11.01 ? 40  LEU   A CB  1 
ATOM   282  C  CG  . LEU   A 1 40  ? 5.350   -1.361  0.076   1.00 10.62 ? 40  LEU   A CG  1 
ATOM   283  C  CD1 . LEU   A 1 40  ? 5.219   -2.557  -0.891  1.00 11.88 ? 40  LEU   A CD1 1 
ATOM   284  C  CD2 . LEU   A 1 40  ? 4.087   -1.244  0.873   1.00 11.75 ? 40  LEU   A CD2 1 
ATOM   285  N  N   . LEU   A 1 41  ? 7.256   -1.697  4.046   1.00 9.89  ? 41  LEU   A N   1 
ATOM   286  C  CA  . LEU   A 1 41  ? 8.014   -2.492  5.021   1.00 9.76  ? 41  LEU   A CA  1 
ATOM   287  C  C   . LEU   A 1 41  ? 7.122   -3.661  5.430   1.00 10.25 ? 41  LEU   A C   1 
ATOM   288  O  O   . LEU   A 1 41  ? 5.931   -3.516  5.638   1.00 10.60 ? 41  LEU   A O   1 
ATOM   289  C  CB  . LEU   A 1 41  ? 8.400   -1.623  6.228   1.00 10.81 ? 41  LEU   A CB  1 
ATOM   290  C  CG  . LEU   A 1 41  ? 9.272   -2.316  7.281   1.00 10.72 ? 41  LEU   A CG  1 
ATOM   291  C  CD1 . LEU   A 1 41  ? 10.282  -1.366  7.901   1.00 10.34 ? 41  LEU   A CD1 1 
ATOM   292  C  CD2 . LEU   A 1 41  ? 8.394   -2.957  8.335   1.00 10.89 ? 41  LEU   A CD2 1 
ATOM   293  N  N   . VAL   A 1 42  ? 7.779   -4.798  5.590   1.00 10.42 ? 42  VAL   A N   1 
ATOM   294  C  CA  . VAL   A 1 42  ? 7.115   -6.047  6.009   1.00 12.00 ? 42  VAL   A CA  1 
ATOM   295  C  C   . VAL   A 1 42  ? 7.841   -6.555  7.268   1.00 12.13 ? 42  VAL   A C   1 
ATOM   296  O  O   . VAL   A 1 42  ? 9.064   -6.661  7.230   1.00 12.88 ? 42  VAL   A O   1 
ATOM   297  C  CB  . VAL   A 1 42  ? 7.133   -7.090  4.893   1.00 12.54 ? 42  VAL   A CB  1 
ATOM   298  C  CG1 . VAL   A 1 42  ? 6.427   -8.346  5.357   1.00 13.39 ? 42  VAL   A CG1 1 
ATOM   299  C  CG2 . VAL   A 1 42  ? 6.453   -6.551  3.637   1.00 12.07 ? 42  VAL   A CG2 1 
ATOM   300  N  N   . SER   A 1 43  ? 7.065   -6.863  8.280   1.00 12.33 ? 43  SER   A N   1 
ATOM   301  C  CA  . SER   A 1 43  ? 7.569   -7.457  9.537   1.00 12.76 ? 43  SER   A CA  1 
ATOM   302  C  C   . SER   A 1 43  ? 6.864   -8.794  9.773   1.00 14.85 ? 43  SER   A C   1 
ATOM   303  O  O   . SER   A 1 43  ? 5.776   -9.086  9.180   1.00 14.70 ? 43  SER   A O   1 
ATOM   304  C  CB  . SER   A 1 43  ? 7.354   -6.519  10.693  1.00 12.01 ? 43  SER   A CB  1 
ATOM   305  O  OG  . SER   A 1 43  ? 6.014   -6.207  10.915  1.00 13.40 ? 43  SER   A OG  1 
ATOM   306  N  N   . SER   A 1 44  ? 7.408   -9.587  10.694  1.00 14.71 ? 44  SER   A N   1 
ATOM   307  C  CA  . SER   A 1 44  ? 6.847   -10.916 11.056  1.00 16.51 ? 44  SER   A CA  1 
ATOM   308  C  C   . SER   A 1 44  ? 5.822   -10.810 12.173  1.00 16.82 ? 44  SER   A C   1 
ATOM   309  O  O   . SER   A 1 44  ? 6.016   -9.948  13.050  1.00 19.36 ? 44  SER   A O   1 
ATOM   310  C  CB  . SER   A 1 44  ? 7.954   -11.835 11.410  1.00 18.23 ? 44  SER   A CB  1 
ATOM   311  O  OG  . SER   A 1 44  ? 8.647   -11.366 12.552  1.00 21.77 ? 44  SER   A OG  1 
ATOM   312  N  N   . THR   A 1 45  ? 4.781   -11.656 12.184  1.00 17.86 ? 45  THR   A N   1 
ATOM   313  C  CA  . THR   A 1 45  ? 3.670   -11.631 13.181  1.00 18.48 ? 45  THR   A CA  1 
ATOM   314  C  C   . THR   A 1 45  ? 3.607   -12.970 13.943  1.00 20.23 ? 45  THR   A C   1 
ATOM   315  O  O   . THR   A 1 45  ? 4.014   -13.998 13.360  1.00 22.15 ? 45  THR   A O   1 
ATOM   316  C  CB  . THR   A 1 45  ? 2.296   -11.348 12.561  1.00 18.46 ? 45  THR   A CB  1 
ATOM   317  O  OG1 . THR   A 1 45  ? 1.947   -12.433 11.704  1.00 20.32 ? 45  THR   A OG1 1 
ATOM   318  C  CG2 . THR   A 1 45  ? 2.290   -10.090 11.719  1.00 19.73 ? 45  THR   A CG2 1 
ATOM   319  N  N   . THR   A 1 46  ? 3.059   -12.959 15.153  1.00 22.99 ? 46  THR   A N   1 
ATOM   320  C  CA  . THR   A 1 46  ? 2.892   -14.221 15.898  1.00 24.81 ? 46  THR   A CA  1 
ATOM   321  C  C   . THR   A 1 46  ? 1.610   -14.891 15.384  1.00 24.82 ? 46  THR   A C   1 
ATOM   322  O  O   . THR   A 1 46  ? 1.655   -16.095 15.155  1.00 28.93 ? 46  THR   A O   1 
ATOM   323  C  CB  . THR   A 1 46  ? 2.960   -13.938 17.400  1.00 26.01 ? 46  THR   A CB  1 
ATOM   324  O  OG1 . THR   A 1 46  ? 1.884   -13.077 17.757  1.00 33.56 ? 46  THR   A OG1 1 
ATOM   325  C  CG2 . THR   A 1 46  ? 4.231   -13.239 17.812  1.00 27.83 ? 46  THR   A CG2 1 
ATOM   326  N  N   . ALA   A 1 47  ? 0.500   -14.145 15.284  1.00 23.43 ? 47  ALA   A N   1 
ATOM   327  C  CA  . ALA   A 1 47  ? -0.813  -14.679 14.840  1.00 21.46 ? 47  ALA   A CA  1 
ATOM   328  C  C   . ALA   A 1 47  ? -0.925  -14.599 13.314  1.00 20.51 ? 47  ALA   A C   1 
ATOM   329  O  O   . ALA   A 1 47  ? -0.442  -13.592 12.735  1.00 20.75 ? 47  ALA   A O   1 
ATOM   330  C  CB  . ALA   A 1 47  ? -1.932  -13.932 15.511  1.00 23.99 ? 47  ALA   A CB  1 
ATOM   331  N  N   . GLN   A 1 48  ? -1.536  -15.597 12.666  1.00 19.80 ? 48  GLN   A N   1 
ATOM   332  C  CA  . GLN   A 1 48  ? -1.837  -15.551 11.212  1.00 19.26 ? 48  GLN   A CA  1 
ATOM   333  C  C   . GLN   A 1 48  ? -2.952  -14.550 10.931  1.00 14.73 ? 48  GLN   A C   1 
ATOM   334  O  O   . GLN   A 1 48  ? -3.828  -14.273 11.765  1.00 19.42 ? 48  GLN   A O   1 
ATOM   335  C  CB  . GLN   A 1 48  ? -2.207  -16.941 10.693  1.00 20.10 ? 48  GLN   A CB  1 
ATOM   336  C  CG  . GLN   A 1 48  ? -1.021  -17.886 10.780  1.00 28.39 ? 48  GLN   A CG  1 
ATOM   337  C  CD  . GLN   A 1 48  ? -1.126  -19.113 9.912   1.00 36.04 ? 48  GLN   A CD  1 
ATOM   338  O  OE1 . GLN   A 1 48  ? -0.424  -20.099 10.129  1.00 50.64 ? 48  GLN   A OE1 1 
ATOM   339  N  NE2 . GLN   A 1 48  ? -1.973  -19.054 8.892   1.00 39.41 ? 48  GLN   A NE2 1 
ATOM   340  N  N   . GLY   A 1 49  ? -2.839  -13.911 9.755   1.00 17.23 ? 49  GLY   A N   1 
ATOM   341  C  CA  . GLY   A 1 49  ? -3.729  -12.823 9.322   1.00 16.47 ? 49  GLY   A CA  1 
ATOM   342  C  C   . GLY   A 1 49  ? -4.809  -13.265 8.346   1.00 14.98 ? 49  GLY   A C   1 
ATOM   343  O  O   . GLY   A 1 49  ? -4.811  -14.407 7.826   1.00 16.34 ? 49  GLY   A O   1 
ATOM   344  N  N   . CYS   A 1 50  ? -5.779  -12.391 8.162   1.00 14.95 ? 50  CYS   A N   1 
ATOM   345  C  CA  . CYS   A 1 50  ? -7.052  -12.700 7.494   1.00 15.82 ? 50  CYS   A CA  1 
ATOM   346  C  C   . CYS   A 1 50  ? -6.973  -12.329 5.994   1.00 14.95 ? 50  CYS   A C   1 
ATOM   347  O  O   . CYS   A 1 50  ? -7.886  -12.707 5.314   1.00 16.42 ? 50  CYS   A O   1 
ATOM   348  C  CB  . CYS   A 1 50  ? -8.229  -11.971 8.153   1.00 15.76 ? 50  CYS   A CB  1 
ATOM   349  S  SG  . CYS   A 1 50  ? -8.688  -12.494 9.843   1.00 18.97 ? 50  CYS   A SG  1 
ATOM   350  N  N   . ASP   A 1 51  ? -5.946  -11.619 5.529   1.00 15.10 ? 51  ASP   A N   1 
ATOM   351  C  CA  . ASP   A 1 51  ? -5.943  -11.069 4.141   1.00 13.66 ? 51  ASP   A CA  1 
ATOM   352  C  C   . ASP   A 1 51  ? -5.306  -12.019 3.136   1.00 14.35 ? 51  ASP   A C   1 
ATOM   353  O  O   . ASP   A 1 51  ? -4.387  -12.760 3.454   1.00 16.01 ? 51  ASP   A O   1 
ATOM   354  C  CB  . ASP   A 1 51  ? -5.248  -9.708  4.107   1.00 14.61 ? 51  ASP   A CB  1 
ATOM   355  C  CG  . ASP   A 1 51  ? -5.904  -8.670  4.982   1.00 14.23 ? 51  ASP   A CG  1 
ATOM   356  O  OD1 . ASP   A 1 51  ? -7.147  -8.577  5.015   1.00 18.76 ? 51  ASP   A OD1 1 
ATOM   357  O  OD2 . ASP   A 1 51  ? -5.134  -7.880  5.639   1.00 16.15 ? 51  ASP   A OD2 1 
ATOM   358  N  N   . THR   A 1 52  ? -5.804  -11.944 1.898   1.00 13.36 ? 52  THR   A N   1 
ATOM   359  C  CA  . THR   A 1 52  ? -5.324  -12.653 0.701   1.00 13.62 ? 52  THR   A CA  1 
ATOM   360  C  C   . THR   A 1 52  ? -4.791  -11.587 -0.246  1.00 11.21 ? 52  THR   A C   1 
ATOM   361  O  O   . THR   A 1 52  ? -5.469  -10.576 -0.461  1.00 12.47 ? 52  THR   A O   1 
ATOM   362  C  CB  . THR   A 1 52  ? -6.434  -13.459 0.035   1.00 14.10 ? 52  THR   A CB  1 
ATOM   363  O  OG1 . THR   A 1 52  ? -6.863  -14.469 0.961   1.00 17.56 ? 52  THR   A OG1 1 
ATOM   364  C  CG2 . THR   A 1 52  ? -6.016  -14.140 -1.254  1.00 17.16 ? 52  THR   A CG2 1 
ATOM   365  N  N   . ILE   A 1 53  ? -3.619  -11.806 -0.781  1.00 11.26 ? 53  ILE   A N   1 
ATOM   366  C  CA  . ILE   A 1 53  ? -3.024  -10.883 -1.780  1.00 10.53 ? 53  ILE   A CA  1 
ATOM   367  C  C   . ILE   A 1 53  ? -3.547  -11.246 -3.165  1.00 10.96 ? 53  ILE   A C   1 
ATOM   368  O  O   . ILE   A 1 53  ? -3.558  -12.428 -3.538  1.00 11.47 ? 53  ILE   A O   1 
ATOM   369  C  CB  . ILE   A 1 53  ? -1.489  -10.903 -1.746  1.00 11.16 ? 53  ILE   A CB  1 
ATOM   370  C  CG1 . ILE   A 1 53  ? -0.940  -10.715 -0.317  1.00 13.00 ? 53  ILE   A CG1 1 
ATOM   371  C  CG2 . ILE   A 1 53  ? -0.927  -9.863  -2.697  1.00 10.92 ? 53  ILE   A CG2 1 
ATOM   372  C  CD1 . ILE   A 1 53  ? -1.421  -9.466  0.395   1.00 12.95 ? 53  ILE   A CD1 1 
ATOM   373  N  N   . ALA   A 1 54  ? -3.996  -10.236 -3.899  1.00 10.12 ? 54  ALA   A N   1 
ATOM   374  C  CA  . ALA   A 1 54  ? -4.341  -10.386 -5.317  1.00 9.73  ? 54  ALA   A CA  1 
ATOM   375  C  C   . ALA   A 1 54  ? -3.122  -10.784 -6.141  1.00 8.89  ? 54  ALA   A C   1 
ATOM   376  O  O   . ALA   A 1 54  ? -2.039  -10.258 -5.912  1.00 9.72  ? 54  ALA   A O   1 
ATOM   377  C  CB  . ALA   A 1 54  ? -4.912  -9.090  -5.811  1.00 9.40  ? 54  ALA   A CB  1 
ATOM   378  N  N   . ARG   A 1 55  ? -3.321  -11.666 -7.129  1.00 10.23 ? 55  ARG   A N   1 
ATOM   379  C  CA  . ARG   A 1 55  ? -2.277  -12.024 -8.110  1.00 9.81  ? 55  ARG   A CA  1 
ATOM   380  C  C   . ARG   A 1 55  ? -2.939  -11.869 -9.470  1.00 9.22  ? 55  ARG   A C   1 
ATOM   381  O  O   . ARG   A 1 55  ? -3.644  -12.762 -9.907  1.00 10.43 ? 55  ARG   A O   1 
ATOM   382  C  CB  . ARG   A 1 55  ? -1.723  -13.433 -7.845  1.00 10.86 ? 55  ARG   A CB  1 
ATOM   383  C  CG  . ARG   A 1 55  ? -1.136  -13.655 -6.452  1.00 11.80 ? 55  ARG   A CG  1 
ATOM   384  C  CD  . ARG   A 1 55  ? 0.079   -12.803 -6.128  1.00 11.81 ? 55  ARG   A CD  1 
ATOM   385  N  NE  . ARG   A 1 55  ? 0.513   -13.026 -4.719  1.00 12.80 ? 55  ARG   A NE  1 
ATOM   386  C  CZ  . ARG   A 1 55  ? 1.303   -12.191 -4.031  1.00 13.08 ? 55  ARG   A CZ  1 
ATOM   387  N  NH1 . ARG   A 1 55  ? 1.813   -11.140 -4.577  1.00 12.52 ? 55  ARG   A NH1 1 
ATOM   388  N  NH2 . ARG   A 1 55  ? 1.608   -12.427 -2.752  1.00 13.98 ? 55  ARG   A NH2 1 
ATOM   389  N  N   . CYS   A 1 56  ? -2.736  -10.719 -10.049 1.00 9.43  ? 56  CYS   A N   1 
ATOM   390  C  CA  . CYS   A 1 56  ? -3.547  -10.288 -11.195 1.00 9.03  ? 56  CYS   A CA  1 
ATOM   391  C  C   . CYS   A 1 56  ? -2.993  -8.981  -11.740 1.00 9.55  ? 56  CYS   A C   1 
ATOM   392  O  O   . CYS   A 1 56  ? -2.083  -8.378  -11.165 1.00 9.78  ? 56  CYS   A O   1 
ATOM   393  C  CB  . CYS   A 1 56  ? -4.995  -10.028 -10.768 1.00 8.12  ? 56  CYS   A CB  1 
ATOM   394  S  SG  . CYS   A 1 56  ? -5.141  -8.587  -9.661  1.00 9.83  ? 56  CYS   A SG  1 
ATOM   395  N  N   A ASP   A 1 57  ? -3.548  -8.506  -12.865 0.25 10.19 ? 57  ASP   A N   1 
ATOM   396  N  N   B ASP   A 1 57  ? -3.675  -8.559  -12.807 0.25 10.51 ? 57  ASP   A N   1 
ATOM   397  C  CA  A ASP   A 1 57  ? -3.290  -7.130  -13.381 0.25 10.78 ? 57  ASP   A CA  1 
ATOM   398  C  CA  B ASP   A 1 57  ? -3.406  -7.353  -13.622 0.25 11.19 ? 57  ASP   A CA  1 
ATOM   399  C  C   A ASP   A 1 57  ? -4.604  -6.350  -13.485 0.25 10.35 ? 57  ASP   A C   1 
ATOM   400  C  C   B ASP   A 1 57  ? -4.565  -6.350  -13.480 0.25 10.57 ? 57  ASP   A C   1 
ATOM   401  O  O   A ASP   A 1 57  ? -4.806  -5.570  -14.437 0.25 10.86 ? 57  ASP   A O   1 
ATOM   402  O  O   B ASP   A 1 57  ? -4.587  -5.391  -14.264 0.25 10.88 ? 57  ASP   A O   1 
ATOM   403  C  CB  A ASP   A 1 57  ? -2.553  -7.124  -14.724 0.25 11.35 ? 57  ASP   A CB  1 
ATOM   404  C  CB  B ASP   A 1 57  ? -3.147  -7.794  -15.073 0.25 12.37 ? 57  ASP   A CB  1 
ATOM   405  C  CG  A ASP   A 1 57  ? -3.334  -7.718  -15.881 0.25 12.67 ? 57  ASP   A CG  1 
ATOM   406  C  CG  B ASP   A 1 57  ? -2.517  -6.755  -15.983 0.25 14.44 ? 57  ASP   A CG  1 
ATOM   407  O  OD1 A ASP   A 1 57  ? -4.470  -8.141  -15.677 0.25 12.64 ? 57  ASP   A OD1 1 
ATOM   408  O  OD1 B ASP   A 1 57  ? -1.660  -5.998  -15.497 0.25 16.09 ? 57  ASP   A OD1 1 
ATOM   409  O  OD2 A ASP   A 1 57  ? -2.761  -7.762  -16.999 0.25 14.95 ? 57  ASP   A OD2 1 
ATOM   410  O  OD2 B ASP   A 1 57  ? -2.914  -6.703  -17.177 0.25 16.85 ? 57  ASP   A OD2 1 
ATOM   411  N  N   . CYS   A 1 58  ? -5.490  -6.534  -12.525 1.00 9.75  ? 58  CYS   A N   1 
ATOM   412  C  CA  . CYS   A 1 58  ? -6.662  -5.642  -12.432 1.00 9.59  ? 58  CYS   A CA  1 
ATOM   413  C  C   . CYS   A 1 58  ? -6.239  -4.172  -12.369 1.00 9.02  ? 58  CYS   A C   1 
ATOM   414  O  O   . CYS   A 1 58  ? -5.214  -3.819  -11.791 1.00 9.92  ? 58  CYS   A O   1 
ATOM   415  C  CB  . CYS   A 1 58  ? -7.497  -5.897  -11.199 1.00 10.15 ? 58  CYS   A CB  1 
ATOM   416  S  SG  . CYS   A 1 58  ? -8.402  -7.470  -11.260 1.00 10.80 ? 58  CYS   A SG  1 
ATOM   417  N  N   . GLN   A 1 59  ? -7.096  -3.336  -12.954 1.00 9.70  ? 59  GLN   A N   1 
ATOM   418  C  CA  . GLN   A 1 59  ? -7.029  -1.861  -12.896 1.00 9.96  ? 59  GLN   A CA  1 
ATOM   419  C  C   . GLN   A 1 59  ? -8.310  -1.277  -12.345 1.00 8.90  ? 59  GLN   A C   1 
ATOM   420  O  O   . GLN   A 1 59  ? -8.517  -0.066  -12.491 1.00 10.80 ? 59  GLN   A O   1 
ATOM   421  C  CB  . GLN   A 1 59  ? -6.689  -1.236  -14.253 1.00 11.10 ? 59  GLN   A CB  1 
ATOM   422  C  CG  . GLN   A 1 59  ? -5.251  -1.453  -14.652 1.00 13.02 ? 59  GLN   A CG  1 
ATOM   423  C  CD  . GLN   A 1 59  ? -4.868  -0.621  -15.855 1.00 12.62 ? 59  GLN   A CD  1 
ATOM   424  O  OE1 . GLN   A 1 59  ? -4.812  -1.139  -16.980 1.00 14.09 ? 59  GLN   A OE1 1 
ATOM   425  N  NE2 . GLN   A 1 59  ? -4.707  0.680   -15.694 1.00 12.66 ? 59  GLN   A NE2 1 
ATOM   426  N  N   . THR   A 1 60  ? -9.171  -2.074  -11.769 1.00 9.56  ? 60  THR   A N   1 
ATOM   427  C  CA  . THR   A 1 60  ? -10.328 -1.588  -11.024 1.00 10.31 ? 60  THR   A CA  1 
ATOM   428  C  C   . THR   A 1 60  ? -10.435 -2.252  -9.669  1.00 9.75  ? 60  THR   A C   1 
ATOM   429  O  O   . THR   A 1 60  ? -10.050 -3.424  -9.515  1.00 11.21 ? 60  THR   A O   1 
ATOM   430  C  CB  . THR   A 1 60  ? -11.632 -1.704  -11.786 1.00 12.89 ? 60  THR   A CB  1 
ATOM   431  O  OG1 . THR   A 1 60  ? -11.903 -3.080  -11.878 1.00 17.80 ? 60  THR   A OG1 1 
ATOM   432  C  CG2 . THR   A 1 60  ? -11.581 -1.039  -13.131 1.00 13.82 ? 60  THR   A CG2 1 
ATOM   433  N  N   . GLY   A 1 61  ? -10.833 -1.509  -8.666  1.00 9.76  ? 61  GLY   A N   1 
ATOM   434  C  CA  . GLY   A 1 61  ? -10.949 -2.037  -7.320  1.00 9.85  ? 61  GLY   A CA  1 
ATOM   435  C  C   . GLY   A 1 61  ? -11.673 -1.050  -6.434  1.00 9.18  ? 61  GLY   A C   1 
ATOM   436  O  O   . GLY   A 1 61  ? -12.356 -0.141  -6.930  1.00 10.26 ? 61  GLY   A O   1 
ATOM   437  N  N   . VAL   A 1 62  ? -11.521 -1.249  -5.148  1.00 8.64  ? 62  VAL   A N   1 
ATOM   438  C  CA  . VAL   A 1 62  ? -12.210 -0.447  -4.104  1.00 8.82  ? 62  VAL   A CA  1 
ATOM   439  C  C   . VAL   A 1 62  ? -11.176 -0.138  -3.075  1.00 8.85  ? 62  VAL   A C   1 
ATOM   440  O  O   . VAL   A 1 62  ? -10.477 -1.051  -2.623  1.00 9.53  ? 62  VAL   A O   1 
ATOM   441  C  CB  . VAL   A 1 62  ? -13.410 -1.176  -3.502  1.00 9.08  ? 62  VAL   A CB  1 
ATOM   442  C  CG1 . VAL   A 1 62  ? -13.981 -0.390  -2.332  1.00 10.19 ? 62  VAL   A CG1 1 
ATOM   443  C  CG2 . VAL   A 1 62  ? -14.477 -1.402  -4.551  1.00 9.98  ? 62  VAL   A CG2 1 
ATOM   444  N  N   . TYR   A 1 63  ? -11.044 1.130   -2.648  1.00 9.54  ? 63  TYR   A N   1 
ATOM   445  C  CA  . TYR   A 1 63  ? -10.095 1.458   -1.547  1.00 9.05  ? 63  TYR   A CA  1 
ATOM   446  C  C   . TYR   A 1 63  ? -10.781 2.121   -0.350  1.00 9.65  ? 63  TYR   A C   1 
ATOM   447  O  O   . TYR   A 1 63  ? -11.847 2.766   -0.535  1.00 9.93  ? 63  TYR   A O   1 
ATOM   448  C  CB  . TYR   A 1 63  ? -8.934  2.342   -2.003  1.00 9.54  ? 63  TYR   A CB  1 
ATOM   449  C  CG  . TYR   A 1 63  ? -9.205  3.833   -2.065  1.00 9.74  ? 63  TYR   A CG  1 
ATOM   450  C  CD1 . TYR   A 1 63  ? -9.972  4.396   -3.062  1.00 9.63  ? 63  TYR   A CD1 1 
ATOM   451  C  CD2 . TYR   A 1 63  ? -8.723  4.695   -1.086  1.00 9.69  ? 63  TYR   A CD2 1 
ATOM   452  C  CE1 . TYR   A 1 63  ? -10.226 5.766   -3.123  1.00 10.67 ? 63  TYR   A CE1 1 
ATOM   453  C  CE2 . TYR   A 1 63  ? -8.974  6.064   -1.131  1.00 9.84  ? 63  TYR   A CE2 1 
ATOM   454  C  CZ  . TYR   A 1 63  ? -9.738  6.602   -2.145  1.00 9.58  ? 63  TYR   A CZ  1 
ATOM   455  O  OH  . TYR   A 1 63  ? -9.990  7.947   -2.215  1.00 11.31 ? 63  TYR   A OH  1 
ATOM   456  N  N   . TYR   A 1 64  ? -10.203 1.972   0.787   1.00 9.61  ? 64  TYR   A N   1 
ATOM   457  C  CA  . TYR   A 1 64  ? -10.680 2.615   2.017   1.00 9.96  ? 64  TYR   A CA  1 
ATOM   458  C  C   . TYR   A 1 64  ? -9.980  3.944   2.227   1.00 9.43  ? 64  TYR   A C   1 
ATOM   459  O  O   . TYR   A 1 64  ? -8.745  4.038   2.280   1.00 9.16  ? 64  TYR   A O   1 
ATOM   460  C  CB  . TYR   A 1 64  ? -10.455 1.707   3.225   1.00 10.69 ? 64  TYR   A CB  1 
ATOM   461  C  CG  . TYR   A 1 64  ? -11.025 2.367   4.443   1.00 11.13 ? 64  TYR   A CG  1 
ATOM   462  C  CD1 . TYR   A 1 64  ? -12.387 2.617   4.525   1.00 11.35 ? 64  TYR   A CD1 1 
ATOM   463  C  CD2 . TYR   A 1 64  ? -10.207 2.712   5.497   1.00 11.10 ? 64  TYR   A CD2 1 
ATOM   464  C  CE1 . TYR   A 1 64  ? -12.904 3.285   5.647   1.00 12.09 ? 64  TYR   A CE1 1 
ATOM   465  C  CE2 . TYR   A 1 64  ? -10.718 3.366   6.607   1.00 12.47 ? 64  TYR   A CE2 1 
ATOM   466  C  CZ  . TYR   A 1 64  ? -12.051 3.646   6.671   1.00 12.28 ? 64  TYR   A CZ  1 
ATOM   467  O  OH  . TYR   A 1 64  ? -12.522 4.312   7.797   1.00 14.32 ? 64  TYR   A OH  1 
ATOM   468  N  N   . CYS   A 1 65  ? -10.801 4.957   2.401   1.00 9.66  ? 65  CYS   A N   1 
ATOM   469  C  CA  . CYS   A 1 65  ? -10.397 6.344   2.713   1.00 9.86  ? 65  CYS   A CA  1 
ATOM   470  C  C   . CYS   A 1 65  ? -10.798 6.718   4.142   1.00 9.49  ? 65  CYS   A C   1 
ATOM   471  O  O   . CYS   A 1 65  ? -11.986 7.103   4.393   1.00 10.01 ? 65  CYS   A O   1 
ATOM   472  C  CB  . CYS   A 1 65  ? -11.038 7.273   1.724   1.00 9.28  ? 65  CYS   A CB  1 
ATOM   473  S  SG  . CYS   A 1 65  ? -10.635 9.008   1.986   1.00 10.97 ? 65  CYS   A SG  1 
ATOM   474  N  N   . SER   A 1 66  ? -9.857  6.685   5.049   1.00 9.89  ? 66  SER   A N   1 
ATOM   475  C  CA  . SER   A 1 66  ? -10.134 6.954   6.478   1.00 11.03 ? 66  SER   A CA  1 
ATOM   476  C  C   . SER   A 1 66  ? -10.610 8.380   6.689   1.00 10.08 ? 66  SER   A C   1 
ATOM   477  O  O   . SER   A 1 66  ? -11.487 8.591   7.581   1.00 10.99 ? 66  SER   A O   1 
ATOM   478  C  CB  . SER   A 1 66  ? -8.929  6.601   7.292   1.00 12.06 ? 66  SER   A CB  1 
ATOM   479  O  OG  . SER   A 1 66  ? -7.851  7.468   7.170   1.00 16.49 ? 66  SER   A OG  1 
ATOM   480  N  N   . SER   A 1 67  ? -10.167 9.338   5.898   1.00 9.47  ? 67  SER   A N   1 
ATOM   481  C  CA  . SER   A 1 67  ? -10.519 10.771  6.063   1.00 10.14 ? 67  SER   A CA  1 
ATOM   482  C  C   . SER   A 1 67  ? -11.942 11.019  5.547   1.00 9.73  ? 67  SER   A C   1 
ATOM   483  O  O   . SER   A 1 67  ? -12.426 12.171  5.705   1.00 10.19 ? 67  SER   A O   1 
ATOM   484  C  CB  . SER   A 1 67  ? -9.531  11.677  5.471   1.00 10.31 ? 67  SER   A CB  1 
ATOM   485  O  OG  . SER   A 1 67  ? -9.482  11.532  4.051   1.00 10.42 ? 67  SER   A OG  1 
ATOM   486  N  N   . ARG   A 1 68  ? -12.640 9.996   5.040   1.00 9.99  ? 68  ARG   A N   1 
ATOM   487  C  CA  . ARG   A 1 68  ? -14.042 10.087  4.639   1.00 9.86  ? 68  ARG   A CA  1 
ATOM   488  C  C   . ARG   A 1 68  ? -14.860 9.012   5.343   1.00 9.96  ? 68  ARG   A C   1 
ATOM   489  O  O   . ARG   A 1 68  ? -16.081 8.932   5.112   1.00 11.75 ? 68  ARG   A O   1 
ATOM   490  C  CB  . ARG   A 1 68  ? -14.153 9.972   3.123   1.00 10.00 ? 68  ARG   A CB  1 
ATOM   491  C  CG  . ARG   A 1 68  ? -13.513 11.118  2.381   1.00 10.58 ? 68  ARG   A CG  1 
ATOM   492  C  CD  . ARG   A 1 68  ? -14.356 12.379  2.450   1.00 11.14 ? 68  ARG   A CD  1 
ATOM   493  N  NE  . ARG   A 1 68  ? -13.759 13.516  1.802   1.00 11.87 ? 68  ARG   A NE  1 
ATOM   494  C  CZ  . ARG   A 1 68  ? -12.870 14.355  2.319   1.00 11.87 ? 68  ARG   A CZ  1 
ATOM   495  N  NH1 . ARG   A 1 68  ? -12.561 14.273  3.599   1.00 12.47 ? 68  ARG   A NH1 1 
ATOM   496  N  NH2 . ARG   A 1 68  ? -12.399 15.351  1.604   1.00 13.38 ? 68  ARG   A NH2 1 
ATOM   497  N  N   . ARG   A 1 69  ? -14.247 8.105   6.076   1.00 10.55 ? 69  ARG   A N   1 
ATOM   498  C  CA  . ARG   A 1 69  ? -14.906 6.889   6.600   1.00 11.20 ? 69  ARG   A CA  1 
ATOM   499  C  C   . ARG   A 1 69  ? -15.671 6.213   5.481   1.00 11.99 ? 69  ARG   A C   1 
ATOM   500  O  O   . ARG   A 1 69  ? -16.820 5.766   5.707   1.00 13.76 ? 69  ARG   A O   1 
ATOM   501  C  CB  . ARG   A 1 69  ? -15.803 7.232   7.793   1.00 11.58 ? 69  ARG   A CB  1 
ATOM   502  C  CG  . ARG   A 1 69  ? -15.045 7.715   9.010   1.00 12.40 ? 69  ARG   A CG  1 
ATOM   503  C  CD  . ARG   A 1 69  ? -16.031 7.906   10.149  1.00 13.53 ? 69  ARG   A CD  1 
ATOM   504  N  NE  . ARG   A 1 69  ? -15.409 8.438   11.382  1.00 15.54 ? 69  ARG   A NE  1 
ATOM   505  C  CZ  . ARG   A 1 69  ? -15.695 9.606   11.960  1.00 14.64 ? 69  ARG   A CZ  1 
ATOM   506  N  NH1 . ARG   A 1 69  ? -16.536 10.469  11.404  1.00 15.35 ? 69  ARG   A NH1 1 
ATOM   507  N  NH2 . ARG   A 1 69  ? -15.068 9.932   13.078  1.00 15.67 ? 69  ARG   A NH2 1 
ATOM   508  N  N   . LYS   A 1 70  ? -15.032 6.021   4.317   1.00 11.99 ? 70  LYS   A N   1 
ATOM   509  C  CA  . LYS   A 1 70  ? -15.763 5.496   3.134   1.00 12.83 ? 70  LYS   A CA  1 
ATOM   510  C  C   . LYS   A 1 70  ? -14.830 4.681   2.266   1.00 11.32 ? 70  LYS   A C   1 
ATOM   511  O  O   . LYS   A 1 70  ? -13.622 5.001   2.217   1.00 12.13 ? 70  LYS   A O   1 
ATOM   512  C  CB  . LYS   A 1 70  ? -16.386 6.619   2.314   1.00 14.20 ? 70  LYS   A CB  1 
ATOM   513  C  CG  . LYS   A 1 70  ? -17.691 7.164   2.851   1.00 19.55 ? 70  LYS   A CG  1 
ATOM   514  C  CD  . LYS   A 1 70  ? -18.445 8.010   1.857   1.00 25.57 ? 70  LYS   A CD  1 
ATOM   515  C  CE  . LYS   A 1 70  ? -19.715 8.619   2.429   1.00 31.76 ? 70  LYS   A CE  1 
ATOM   516  N  NZ  . LYS   A 1 70  ? -19.416 9.623   3.483   1.00 40.78 ? 70  LYS   A NZ  1 
ATOM   517  N  N   . HIS   A 1 71  ? -15.416 3.678   1.654   1.00 11.01 ? 71  HIS   A N   1 
ATOM   518  C  CA  . HIS   A 1 71  ? -14.785 2.881   0.600   1.00 11.46 ? 71  HIS   A CA  1 
ATOM   519  C  C   . HIS   A 1 71  ? -15.243 3.422   -0.727  1.00 11.88 ? 71  HIS   A C   1 
ATOM   520  O  O   . HIS   A 1 71  ? -16.454 3.743   -0.887  1.00 15.21 ? 71  HIS   A O   1 
ATOM   521  C  CB  . HIS   A 1 71  ? -15.102 1.416   0.720   1.00 11.85 ? 71  HIS   A CB  1 
ATOM   522  C  CG  . HIS   A 1 71  ? -14.543 0.734   1.911   1.00 11.73 ? 71  HIS   A CG  1 
ATOM   523  N  ND1 . HIS   A 1 71  ? -13.420 -0.093  1.969   1.00 14.31 ? 71  HIS   A ND1 1 
ATOM   524  C  CD2 . HIS   A 1 71  ? -15.020 0.793   3.172   1.00 13.40 ? 71  HIS   A CD2 1 
ATOM   525  C  CE1 . HIS   A 1 71  ? -13.237 -0.515  3.208   1.00 12.39 ? 71  HIS   A CE1 1 
ATOM   526  N  NE2 . HIS   A 1 71  ? -14.252 -0.029  3.953   1.00 16.93 ? 71  HIS   A NE2 1 
ATOM   527  N  N   . TYR   A 1 72  ? -14.350 3.620   -1.672  1.00 10.22 ? 72  TYR   A N   1 
ATOM   528  C  CA  . TYR   A 1 72  ? -14.665 4.149   -3.008  1.00 11.40 ? 72  TYR   A CA  1 
ATOM   529  C  C   . TYR   A 1 72  ? -14.224 3.179   -4.096  1.00 10.25 ? 72  TYR   A C   1 
ATOM   530  O  O   . TYR   A 1 72  ? -13.072 2.736   -4.099  1.00 10.19 ? 72  TYR   A O   1 
ATOM   531  C  CB  . TYR   A 1 72  ? -13.920 5.461   -3.215  1.00 11.31 ? 72  TYR   A CB  1 
ATOM   532  C  CG  . TYR   A 1 72  ? -14.349 6.604   -2.335  1.00 12.08 ? 72  TYR   A CG  1 
ATOM   533  C  CD1 . TYR   A 1 72  ? -15.527 7.297   -2.606  1.00 13.81 ? 72  TYR   A CD1 1 
ATOM   534  C  CD2 . TYR   A 1 72  ? -13.617 7.001   -1.231  1.00 12.87 ? 72  TYR   A CD2 1 
ATOM   535  C  CE1 . TYR   A 1 72  ? -15.916 8.378   -1.821  1.00 13.52 ? 72  TYR   A CE1 1 
ATOM   536  C  CE2 . TYR   A 1 72  ? -14.009 8.049   -0.408  1.00 12.87 ? 72  TYR   A CE2 1 
ATOM   537  C  CZ  . TYR   A 1 72  ? -15.152 8.744   -0.738  1.00 12.70 ? 72  TYR   A CZ  1 
ATOM   538  O  OH  . TYR   A 1 72  ? -15.505 9.795   0.077   1.00 14.90 ? 72  TYR   A OH  1 
ATOM   539  N  N   . PRO   A 1 73  ? -15.073 2.929   -5.092  1.00 10.50 ? 73  PRO   A N   1 
ATOM   540  C  CA  . PRO   A 1 73  ? -14.627 2.205   -6.273  1.00 9.77  ? 73  PRO   A CA  1 
ATOM   541  C  C   . PRO   A 1 73  ? -13.774 3.135   -7.123  1.00 10.57 ? 73  PRO   A C   1 
ATOM   542  O  O   . PRO   A 1 73  ? -14.165 4.275   -7.461  1.00 12.74 ? 73  PRO   A O   1 
ATOM   543  C  CB  . PRO   A 1 73  ? -15.927 1.791   -6.969  1.00 11.12 ? 73  PRO   A CB  1 
ATOM   544  C  CG  . PRO   A 1 73  ? -16.981 2.776   -6.497  1.00 13.79 ? 73  PRO   A CG  1 
ATOM   545  C  CD  . PRO   A 1 73  ? -16.520 3.287   -5.141  1.00 11.30 ? 73  PRO   A CD  1 
ATOM   546  N  N   . VAL   A 1 74  ? -12.646 2.635   -7.619  1.00 9.76  ? 74  VAL   A N   1 
ATOM   547  C  CA  . VAL   A 1 74  ? -11.708 3.410   -8.451  1.00 9.89  ? 74  VAL   A CA  1 
ATOM   548  C  C   . VAL   A 1 74  ? -11.183 2.560   -9.601  1.00 10.12 ? 74  VAL   A C   1 
ATOM   549  O  O   . VAL   A 1 74  ? -11.007 1.324   -9.466  1.00 10.67 ? 74  VAL   A O   1 
ATOM   550  C  CB  . VAL   A 1 74  ? -10.534 3.955   -7.639  1.00 11.43 ? 74  VAL   A CB  1 
ATOM   551  C  CG1 . VAL   A 1 74  ? -10.965 5.079   -6.730  1.00 13.03 ? 74  VAL   A CG1 1 
ATOM   552  C  CG2 . VAL   A 1 74  ? -9.822  2.887   -6.856  1.00 13.02 ? 74  VAL   A CG2 1 
ATOM   553  N  N   . SER   A 1 75  ? -10.808 3.238   -10.654 1.00 9.90  ? 75  SER   A N   1 
ATOM   554  C  CA  . SER   A 1 75  ? -9.869  2.739   -11.684 1.00 9.64  ? 75  SER   A CA  1 
ATOM   555  C  C   . SER   A 1 75  ? -8.496  3.278   -11.348 1.00 9.21  ? 75  SER   A C   1 
ATOM   556  O  O   . SER   A 1 75  ? -8.354  4.405   -10.870 1.00 9.97  ? 75  SER   A O   1 
ATOM   557  C  CB  . SER   A 1 75  ? -10.276 3.210   -13.007 1.00 12.49 ? 75  SER   A CB  1 
ATOM   558  O  OG  . SER   A 1 75  ? -11.557 2.778   -13.396 1.00 18.70 ? 75  SER   A OG  1 
ATOM   559  N  N   . PHE   A 1 76  ? -7.458  2.493   -11.597 1.00 9.16  ? 76  PHE   A N   1 
ATOM   560  C  CA  . PHE   A 1 76  ? -6.099  2.880   -11.232 1.00 9.12  ? 76  PHE   A CA  1 
ATOM   561  C  C   . PHE   A 1 76  ? -5.097  2.461   -12.290 1.00 9.09  ? 76  PHE   A C   1 
ATOM   562  O  O   . PHE   A 1 76  ? -5.326  1.461   -12.997 1.00 9.70  ? 76  PHE   A O   1 
ATOM   563  C  CB  . PHE   A 1 76  ? -5.708  2.343   -9.848  1.00 8.97  ? 76  PHE   A CB  1 
ATOM   564  C  CG  . PHE   A 1 76  ? -5.888  0.867   -9.603  1.00 9.27  ? 76  PHE   A CG  1 
ATOM   565  C  CD1 . PHE   A 1 76  ? -7.081  0.361   -9.141  1.00 9.20  ? 76  PHE   A CD1 1 
ATOM   566  C  CD2 . PHE   A 1 76  ? -4.852  -0.026  -9.878  1.00 10.27 ? 76  PHE   A CD2 1 
ATOM   567  C  CE1 . PHE   A 1 76  ? -7.240  -0.992  -8.931  1.00 9.87  ? 76  PHE   A CE1 1 
ATOM   568  C  CE2 . PHE   A 1 76  ? -5.044  -1.382  -9.665  1.00 9.67  ? 76  PHE   A CE2 1 
ATOM   569  C  CZ  . PHE   A 1 76  ? -6.231  -1.852  -9.207  1.00 10.02 ? 76  PHE   A CZ  1 
ATOM   570  N  N   . SER   A 1 77  ? -4.035  3.218   -12.389 1.00 9.43  ? 77  SER   A N   1 
ATOM   571  C  CA  . SER   A 1 77  ? -2.934  2.920   -13.327 1.00 9.91  ? 77  SER   A CA  1 
ATOM   572  C  C   . SER   A 1 77  ? -2.140  1.721   -12.856 1.00 10.27 ? 77  SER   A C   1 
ATOM   573  O  O   . SER   A 1 77  ? -2.083  1.422   -11.673 1.00 10.68 ? 77  SER   A O   1 
ATOM   574  C  CB  . SER   A 1 77  ? -2.063  4.103   -13.479 1.00 10.21 ? 77  SER   A CB  1 
ATOM   575  O  OG  . SER   A 1 77  ? -1.468  4.561   -12.288 1.00 11.97 ? 77  SER   A OG  1 
ATOM   576  N  N   . LYS   A 1 78  ? -1.453  1.059   -13.790 1.00 10.46 ? 78  LYS   A N   1 
ATOM   577  C  CA  . LYS   A 1 78  ? -0.561  -0.069  -13.449 1.00 10.77 ? 78  LYS   A CA  1 
ATOM   578  C  C   . LYS   A 1 78  ? 0.625   0.467   -12.680 1.00 11.00 ? 78  LYS   A C   1 
ATOM   579  O  O   . LYS   A 1 78  ? 1.048   1.614   -12.852 1.00 11.76 ? 78  LYS   A O   1 
ATOM   580  C  CB  . LYS   A 1 78  ? -0.138  -0.795  -14.723 1.00 12.09 ? 78  LYS   A CB  1 
ATOM   581  C  CG  . LYS   A 1 78  ? -1.277  -1.507  -15.411 1.00 13.22 ? 78  LYS   A CG  1 
ATOM   582  C  CD  . LYS   A 1 78  ? -0.848  -2.290  -16.657 1.00 15.74 ? 78  LYS   A CD  1 
ATOM   583  C  CE  . LYS   A 1 78  ? -2.029  -3.056  -17.209 1.00 19.15 ? 78  LYS   A CE  1 
ATOM   584  N  NZ  . LYS   A 1 78  ? -1.659  -4.010  -18.287 1.00 23.63 ? 78  LYS   A NZ  1 
ATOM   585  N  N   . PRO   A 1 79  ? 1.222   -0.364  -11.810 1.00 11.05 ? 79  PRO   A N   1 
ATOM   586  C  CA  . PRO   A 1 79  ? 2.331   0.111   -10.984 1.00 11.43 ? 79  PRO   A CA  1 
ATOM   587  C  C   . PRO   A 1 79  ? 3.476   0.652   -11.836 1.00 11.90 ? 79  PRO   A C   1 
ATOM   588  O  O   . PRO   A 1 79  ? 3.914   -0.025  -12.786 1.00 14.78 ? 79  PRO   A O   1 
ATOM   589  C  CB  . PRO   A 1 79  ? 2.762   -1.140  -10.214 1.00 12.25 ? 79  PRO   A CB  1 
ATOM   590  C  CG  . PRO   A 1 79  ? 1.562   -2.037  -10.228 1.00 14.01 ? 79  PRO   A CG  1 
ATOM   591  C  CD  . PRO   A 1 79  ? 0.832   -1.741  -11.532 1.00 11.45 ? 79  PRO   A CD  1 
ATOM   592  N  N   A SER   A 1 80  ? 3.961   1.859   -11.503 0.25 12.64 ? 80  SER   A N   1 
ATOM   593  N  N   B SER   A 1 80  ? 4.050   1.791   -11.464 0.25 11.96 ? 80  SER   A N   1 
ATOM   594  C  CA  A SER   A 1 80  ? 4.965   2.620   -12.296 0.25 13.65 ? 80  SER   A CA  1 
ATOM   595  C  CA  B SER   A 1 80  ? 5.193   2.350   -12.223 0.25 12.34 ? 80  SER   A CA  1 
ATOM   596  C  C   A SER   A 1 80  ? 5.880   3.444   -11.381 0.25 12.86 ? 80  SER   A C   1 
ATOM   597  C  C   B SER   A 1 80  ? 5.999   3.286   -11.338 0.25 12.15 ? 80  SER   A C   1 
ATOM   598  O  O   A SER   A 1 80  ? 5.517   3.711   -10.200 0.25 12.24 ? 80  SER   A O   1 
ATOM   599  O  O   B SER   A 1 80  ? 5.691   3.419   -10.145 0.25 11.74 ? 80  SER   A O   1 
ATOM   600  C  CB  A SER   A 1 80  ? 4.295   3.548   -13.286 0.25 15.01 ? 80  SER   A CB  1 
ATOM   601  C  CB  B SER   A 1 80  ? 4.714   3.075   -13.453 0.25 12.91 ? 80  SER   A CB  1 
ATOM   602  O  OG  A SER   A 1 80  ? 3.035   3.049   -13.721 0.25 17.74 ? 80  SER   A OG  1 
ATOM   603  O  OG  B SER   A 1 80  ? 3.663   2.381   -14.088 0.25 16.03 ? 80  SER   A OG  1 
ATOM   604  N  N   . LEU   A 1 81  ? 6.992   3.931   -11.950 1.00 12.43 ? 81  LEU   A N   1 
ATOM   605  C  CA  . LEU   A 1 81  ? 7.908   4.875   -11.295 1.00 12.70 ? 81  LEU   A CA  1 
ATOM   606  C  C   . LEU   A 1 81  ? 7.361   6.261   -11.544 1.00 13.90 ? 81  LEU   A C   1 
ATOM   607  O  O   . LEU   A 1 81  ? 7.345   6.691   -12.726 1.00 15.91 ? 81  LEU   A O   1 
ATOM   608  C  CB  . LEU   A 1 81  ? 9.299   4.671   -11.901 1.00 14.96 ? 81  LEU   A CB  1 
ATOM   609  C  CG  . LEU   A 1 81  ? 10.416  5.514   -11.304 1.00 17.06 ? 81  LEU   A CG  1 
ATOM   610  C  CD1 . LEU   A 1 81  ? 10.567  5.315   -9.795  1.00 17.07 ? 81  LEU   A CD1 1 
ATOM   611  C  CD2 . LEU   A 1 81  ? 11.735  5.127   -11.999 1.00 17.72 ? 81  LEU   A CD2 1 
ATOM   612  N  N   . ILE   A 1 82  ? 6.907   6.946   -10.510 1.00 12.25 ? 82  ILE   A N   1 
ATOM   613  C  CA  . ILE   A 1 82  ? 6.123   8.191   -10.613 1.00 13.30 ? 82  ILE   A CA  1 
ATOM   614  C  C   . ILE   A 1 82  ? 6.741   9.252   -9.728  1.00 12.10 ? 82  ILE   A C   1 
ATOM   615  O  O   . ILE   A 1 82  ? 7.024   8.974   -8.560  1.00 12.10 ? 82  ILE   A O   1 
ATOM   616  C  CB  . ILE   A 1 82  ? 4.677   7.947   -10.152 1.00 15.39 ? 82  ILE   A CB  1 
ATOM   617  C  CG1 . ILE   A 1 82  ? 4.035   6.846   -10.981 1.00 15.75 ? 82  ILE   A CG1 1 
ATOM   618  C  CG2 . ILE   A 1 82  ? 3.888   9.245   -10.179 1.00 19.57 ? 82  ILE   A CG2 1 
ATOM   619  C  CD1 . ILE   A 1 82  ? 3.912   7.159   -12.454 1.00 20.07 ? 82  ILE   A CD1 1 
ATOM   620  N  N   . PHE   A 1 83  ? 6.771   10.481  -10.192 1.00 11.33 ? 83  PHE   A N   1 
ATOM   621  C  CA  . PHE   A 1 83  ? 7.175   11.602  -9.350  1.00 11.88 ? 83  PHE   A CA  1 
ATOM   622  C  C   . PHE   A 1 83  ? 6.034   11.937  -8.424  1.00 11.77 ? 83  PHE   A C   1 
ATOM   623  O  O   . PHE   A 1 83  ? 4.866   12.051  -8.874  1.00 12.94 ? 83  PHE   A O   1 
ATOM   624  C  CB  . PHE   A 1 83  ? 7.548   12.830  -10.184 1.00 12.44 ? 83  PHE   A CB  1 
ATOM   625  C  CG  . PHE   A 1 83  ? 8.188   13.892  -9.337  1.00 13.56 ? 83  PHE   A CG  1 
ATOM   626  C  CD1 . PHE   A 1 83  ? 9.436   13.652  -8.815  1.00 15.74 ? 83  PHE   A CD1 1 
ATOM   627  C  CD2 . PHE   A 1 83  ? 7.562   15.081  -9.017  1.00 16.62 ? 83  PHE   A CD2 1 
ATOM   628  C  CE1 . PHE   A 1 83  ? 10.087  14.604  -8.039  1.00 16.72 ? 83  PHE   A CE1 1 
ATOM   629  C  CE2 . PHE   A 1 83  ? 8.212   16.020  -8.229  1.00 18.70 ? 83  PHE   A CE2 1 
ATOM   630  C  CZ  . PHE   A 1 83  ? 9.450   15.769  -7.735  1.00 17.78 ? 83  PHE   A CZ  1 
ATOM   631  N  N   . VAL   A 1 84  ? 6.324   12.126  -7.145  1.00 11.39 ? 84  VAL   A N   1 
ATOM   632  C  CA  . VAL   A 1 84  ? 5.336   12.437  -6.109  1.00 11.20 ? 84  VAL   A CA  1 
ATOM   633  C  C   . VAL   A 1 84  ? 5.777   13.742  -5.477  1.00 11.46 ? 84  VAL   A C   1 
ATOM   634  O  O   . VAL   A 1 84  ? 6.920   13.863  -4.986  1.00 12.62 ? 84  VAL   A O   1 
ATOM   635  C  CB  . VAL   A 1 84  ? 5.247   11.291  -5.082  1.00 11.55 ? 84  VAL   A CB  1 
ATOM   636  C  CG1 . VAL   A 1 84  ? 4.212   11.592  -4.015  1.00 11.78 ? 84  VAL   A CG1 1 
ATOM   637  C  CG2 . VAL   A 1 84  ? 4.949   9.983   -5.785  1.00 12.10 ? 84  VAL   A CG2 1 
ATOM   638  N  N   . GLU   A 1 85  ? 4.887   14.711  -5.426  1.00 11.32 ? 85  GLU   A N   1 
ATOM   639  C  CA  . GLU   A 1 85  ? 5.204   15.976  -4.760  1.00 12.27 ? 85  GLU   A CA  1 
ATOM   640  C  C   . GLU   A 1 85  ? 5.395   15.778  -3.256  1.00 12.51 ? 85  GLU   A C   1 
ATOM   641  O  O   . GLU   A 1 85  ? 4.970   14.748  -2.670  1.00 12.40 ? 85  GLU   A O   1 
ATOM   642  C  CB  . GLU   A 1 85  ? 4.092   16.981  -5.022  1.00 12.41 ? 85  GLU   A CB  1 
ATOM   643  C  CG  . GLU   A 1 85  ? 3.940   17.351  -6.486  1.00 14.47 ? 85  GLU   A CG  1 
ATOM   644  C  CD  . GLU   A 1 85  ? 5.109   18.072  -7.128  1.00 16.63 ? 85  GLU   A CD  1 
ATOM   645  O  OE1 . GLU   A 1 85  ? 5.977   18.643  -6.430  1.00 17.15 ? 85  GLU   A OE1 1 
ATOM   646  O  OE2 . GLU   A 1 85  ? 5.173   18.054  -8.365  1.00 16.75 ? 85  GLU   A OE2 1 
ATOM   647  N  N   . ALA   A 1 86  ? 6.021   16.756  -2.608  1.00 13.27 ? 86  ALA   A N   1 
ATOM   648  C  CA  . ALA   A 1 86  ? 6.309   16.724  -1.157  1.00 13.71 ? 86  ALA   A CA  1 
ATOM   649  C  C   . ALA   A 1 86  ? 5.011   16.505  -0.383  1.00 13.82 ? 86  ALA   A C   1 
ATOM   650  O  O   . ALA   A 1 86  ? 3.994   17.109  -0.738  1.00 14.35 ? 86  ALA   A O   1 
ATOM   651  C  CB  . ALA   A 1 86  ? 6.991   18.002  -0.730  1.00 13.99 ? 86  ALA   A CB  1 
ATOM   652  N  N   . SER   A 1 87  ? 5.071   15.670  0.654   1.00 13.89 ? 87  SER   A N   1 
ATOM   653  C  CA  . SER   A 1 87  ? 3.965   15.427  1.606   1.00 14.43 ? 87  SER   A CA  1 
ATOM   654  C  C   . SER   A 1 87  ? 4.476   15.733  3.011   1.00 14.66 ? 87  SER   A C   1 
ATOM   655  O  O   . SER   A 1 87  ? 5.680   16.056  3.166   1.00 15.25 ? 87  SER   A O   1 
ATOM   656  C  CB  . SER   A 1 87  ? 3.465   14.018  1.515   1.00 13.65 ? 87  SER   A CB  1 
ATOM   657  O  OG  . SER   A 1 87  ? 4.451   13.116  1.991   1.00 13.53 ? 87  SER   A OG  1 
ATOM   658  N  N   . GLU   A 1 88  ? 3.605   15.542  3.996   0.68 15.55 ? 88  GLU   A N   1 
ATOM   659  C  CA  . GLU   A 1 88  ? 3.983   15.718  5.422   0.68 16.63 ? 88  GLU   A CA  1 
ATOM   660  C  C   . GLU   A 1 88  ? 5.045   14.695  5.823   0.68 17.55 ? 88  GLU   A C   1 
ATOM   661  O  O   . GLU   A 1 88  ? 5.692   14.921  6.852   0.68 18.21 ? 88  GLU   A O   1 
ATOM   662  C  CB  . GLU   A 1 88  ? 2.745   15.640  6.314   0.68 18.23 ? 88  GLU   A CB  1 
ATOM   663  C  CG  . GLU   A 1 88  ? 1.887   16.887  6.199   0.68 20.26 ? 88  GLU   A CG  1 
ATOM   664  C  CD  . GLU   A 1 88  ? 0.552   16.864  6.920   0.68 22.51 ? 88  GLU   A CD  1 
ATOM   665  O  OE1 . GLU   A 1 88  ? -0.047  17.948  7.054   0.68 26.23 ? 88  GLU   A OE1 1 
ATOM   666  O  OE2 . GLU   A 1 88  ? 0.139   15.781  7.382   0.68 24.71 ? 88  GLU   A OE2 1 
ATOM   667  N  N   . TYR   A 1 89  ? 5.188   13.596  5.083   1.00 14.92 ? 89  TYR   A N   1 
ATOM   668  C  CA  . TYR   A 1 89  ? 6.051   12.467  5.509   1.00 14.30 ? 89  TYR   A CA  1 
ATOM   669  C  C   . TYR   A 1 89  ? 7.186   12.127  4.550   1.00 14.35 ? 89  TYR   A C   1 
ATOM   670  O  O   . TYR   A 1 89  ? 8.092   11.362  4.917   1.00 14.18 ? 89  TYR   A O   1 
ATOM   671  C  CB  . TYR   A 1 89  ? 5.194   11.229  5.797   1.00 13.44 ? 89  TYR   A CB  1 
ATOM   672  C  CG  . TYR   A 1 89  ? 4.217   10.865  4.705   1.00 13.65 ? 89  TYR   A CG  1 
ATOM   673  C  CD1 . TYR   A 1 89  ? 2.961   11.426  4.673   1.00 13.85 ? 89  TYR   A CD1 1 
ATOM   674  C  CD2 . TYR   A 1 89  ? 4.547   9.982   3.687   1.00 13.08 ? 89  TYR   A CD2 1 
ATOM   675  C  CE1 . TYR   A 1 89  ? 2.061   11.112  3.665   1.00 13.40 ? 89  TYR   A CE1 1 
ATOM   676  C  CE2 . TYR   A 1 89  ? 3.652   9.638   2.689   1.00 13.29 ? 89  TYR   A CE2 1 
ATOM   677  C  CZ  . TYR   A 1 89  ? 2.396   10.203  2.680   1.00 12.89 ? 89  TYR   A CZ  1 
ATOM   678  O  OH  . TYR   A 1 89  ? 1.443   9.939   1.717   1.00 12.53 ? 89  TYR   A OH  1 
ATOM   679  N  N   . TYR   A 1 90  ? 7.167   12.660  3.330   1.00 13.96 ? 90  TYR   A N   1 
ATOM   680  C  CA  . TYR   A 1 90  ? 8.294   12.495  2.378   1.00 13.54 ? 90  TYR   A CA  1 
ATOM   681  C  C   . TYR   A 1 90  ? 8.545   13.782  1.614   1.00 13.46 ? 90  TYR   A C   1 
ATOM   682  O  O   . TYR   A 1 90  ? 7.626   14.554  1.360   1.00 13.68 ? 90  TYR   A O   1 
ATOM   683  C  CB  . TYR   A 1 90  ? 7.996   11.412  1.344   1.00 13.75 ? 90  TYR   A CB  1 
ATOM   684  C  CG  . TYR   A 1 90  ? 8.143   9.987   1.809   1.00 13.78 ? 90  TYR   A CG  1 
ATOM   685  C  CD1 . TYR   A 1 90  ? 9.316   9.508   2.377   1.00 14.51 ? 90  TYR   A CD1 1 
ATOM   686  C  CD2 . TYR   A 1 90  ? 7.115   9.086   1.602   1.00 13.88 ? 90  TYR   A CD2 1 
ATOM   687  C  CE1 . TYR   A 1 90  ? 9.442   8.178   2.749   1.00 14.27 ? 90  TYR   A CE1 1 
ATOM   688  C  CE2 . TYR   A 1 90  ? 7.219   7.759   1.983   1.00 13.74 ? 90  TYR   A CE2 1 
ATOM   689  C  CZ  . TYR   A 1 90  ? 8.385   7.302   2.568   1.00 13.67 ? 90  TYR   A CZ  1 
ATOM   690  O  OH  . TYR   A 1 90  ? 8.512   5.991   2.939   1.00 13.86 ? 90  TYR   A OH  1 
ATOM   691  N  N   . PRO   A 1 91  ? 9.800   14.010  1.176   1.00 13.70 ? 91  PRO   A N   1 
ATOM   692  C  CA  . PRO   A 1 91  ? 10.087  15.086  0.236   1.00 13.83 ? 91  PRO   A CA  1 
ATOM   693  C  C   . PRO   A 1 91  ? 9.494   14.734  -1.136  1.00 13.91 ? 91  PRO   A C   1 
ATOM   694  O  O   . PRO   A 1 91  ? 9.042   13.607  -1.354  1.00 13.54 ? 91  PRO   A O   1 
ATOM   695  C  CB  . PRO   A 1 91  ? 11.619  15.098  0.206   1.00 14.12 ? 91  PRO   A CB  1 
ATOM   696  C  CG  . PRO   A 1 91  ? 11.976  13.652  0.403   1.00 14.64 ? 91  PRO   A CG  1 
ATOM   697  C  CD  . PRO   A 1 91  ? 10.988  13.188  1.454   1.00 14.15 ? 91  PRO   A CD  1 
ATOM   698  N  N   . ALA   A 1 92  ? 9.524   15.700  -2.046  1.00 14.03 ? 92  ALA   A N   1 
ATOM   699  C  CA  . ALA   A 1 92  ? 9.202   15.435  -3.444  1.00 15.44 ? 92  ALA   A CA  1 
ATOM   700  C  C   . ALA   A 1 92  ? 10.219  14.410  -3.917  1.00 14.69 ? 92  ALA   A C   1 
ATOM   701  O  O   . ALA   A 1 92  ? 11.447  14.636  -3.706  1.00 18.07 ? 92  ALA   A O   1 
ATOM   702  C  CB  . ALA   A 1 92  ? 9.337   16.733  -4.208  1.00 16.33 ? 92  ALA   A CB  1 
ATOM   703  N  N   . ARG   A 1 93  ? 9.813   13.317  -4.532  1.00 14.20 ? 93  ARG   A N   1 
ATOM   704  C  CA  . ARG   A 1 93  ? 10.748  12.270  -4.969  1.00 15.96 ? 93  ARG   A CA  1 
ATOM   705  C  C   . ARG   A 1 93  ? 10.047  11.328  -5.945  1.00 14.06 ? 93  ARG   A C   1 
ATOM   706  O  O   . ARG   A 1 93  ? 8.794   11.393  -6.068  1.00 13.92 ? 93  ARG   A O   1 
ATOM   707  C  CB  . ARG   A 1 93  ? 11.249  11.546  -3.714  1.00 15.61 ? 93  ARG   A CB  1 
ATOM   708  C  CG  . ARG   A 1 93  ? 10.174  10.652  -3.128  1.00 14.68 ? 93  ARG   A CG  1 
ATOM   709  C  CD  . ARG   A 1 93  ? 10.503  9.998   -1.799  1.00 16.28 ? 93  ARG   A CD  1 
ATOM   710  N  NE  . ARG   A 1 93  ? 9.533   8.940   -1.547  1.00 15.37 ? 93  ARG   A NE  1 
ATOM   711  C  CZ  . ARG   A 1 93  ? 9.777   7.707   -1.149  1.00 15.78 ? 93  ARG   A CZ  1 
ATOM   712  N  NH1 . ARG   A 1 93  ? 11.008  7.320   -0.827  1.00 16.46 ? 93  ARG   A NH1 1 
ATOM   713  N  NH2 . ARG   A 1 93  ? 8.786   6.848   -1.104  1.00 17.18 ? 93  ARG   A NH2 1 
ATOM   714  N  N   . TYR   A 1 94  ? 10.785  10.461  -6.564  1.00 13.49 ? 94  TYR   A N   1 
ATOM   715  C  CA  . TYR   A 1 94  ? 10.241  9.350   -7.358  1.00 13.89 ? 94  TYR   A CA  1 
ATOM   716  C  C   . TYR   A 1 94  ? 9.911   8.221   -6.409  1.00 13.34 ? 94  TYR   A C   1 
ATOM   717  O  O   . TYR   A 1 94  ? 10.715  7.900   -5.501  1.00 16.83 ? 94  TYR   A O   1 
ATOM   718  C  CB  . TYR   A 1 94  ? 11.217  8.903   -8.439  1.00 14.29 ? 94  TYR   A CB  1 
ATOM   719  C  CG  . TYR   A 1 94  ? 11.163  9.833   -9.628  1.00 15.82 ? 94  TYR   A CG  1 
ATOM   720  C  CD1 . TYR   A 1 94  ? 10.171  9.641   -10.561 1.00 16.89 ? 94  TYR   A CD1 1 
ATOM   721  C  CD2 . TYR   A 1 94  ? 11.991  10.933  -9.767  1.00 18.01 ? 94  TYR   A CD2 1 
ATOM   722  C  CE1 . TYR   A 1 94  ? 9.994   10.472  -11.645 1.00 18.52 ? 94  TYR   A CE1 1 
ATOM   723  C  CE2 . TYR   A 1 94  ? 11.835  11.787  -10.874 1.00 18.47 ? 94  TYR   A CE2 1 
ATOM   724  C  CZ  . TYR   A 1 94  ? 10.838  11.542  -11.812 1.00 17.31 ? 94  TYR   A CZ  1 
ATOM   725  O  OH  . TYR   A 1 94  ? 10.613  12.313  -12.921 1.00 21.93 ? 94  TYR   A OH  1 
ATOM   726  N  N   . GLN   A 1 95  ? 8.740   7.635   -6.595  1.00 12.25 ? 95  GLN   A N   1 
ATOM   727  C  CA  . GLN   A 1 95  ? 8.307   6.426   -5.866  1.00 12.09 ? 95  GLN   A CA  1 
ATOM   728  C  C   . GLN   A 1 95  ? 8.036   5.347   -6.895  1.00 12.29 ? 95  GLN   A C   1 
ATOM   729  O  O   . GLN   A 1 95  ? 7.370   5.642   -7.927  1.00 13.33 ? 95  GLN   A O   1 
ATOM   730  C  CB  . GLN   A 1 95  ? 7.093   6.741   -5.027  1.00 12.40 ? 95  GLN   A CB  1 
ATOM   731  C  CG  . GLN   A 1 95  ? 6.605   5.579   -4.198  1.00 13.62 ? 95  GLN   A CG  1 
ATOM   732  C  CD  . GLN   A 1 95  ? 5.738   5.978   -3.027  1.00 12.62 ? 95  GLN   A CD  1 
ATOM   733  O  OE1 . GLN   A 1 95  ? 5.969   6.967   -2.364  1.00 13.45 ? 95  GLN   A OE1 1 
ATOM   734  N  NE2 . GLN   A 1 95  ? 4.810   5.099   -2.769  1.00 13.35 ? 95  GLN   A NE2 1 
ATOM   735  N  N   . SER   A 1 96  ? 8.521   4.136   -6.670  1.00 10.85 ? 96  SER   A N   1 
ATOM   736  C  CA  . SER   A 1 96  ? 8.336   3.003   -7.581  1.00 11.78 ? 96  SER   A CA  1 
ATOM   737  C  C   . SER   A 1 96  ? 7.119   2.170   -7.186  1.00 11.08 ? 96  SER   A C   1 
ATOM   738  O  O   . SER   A 1 96  ? 6.640   2.233   -6.056  1.00 10.71 ? 96  SER   A O   1 
ATOM   739  C  CB  . SER   A 1 96  ? 9.562   2.139   -7.642  1.00 13.37 ? 96  SER   A CB  1 
ATOM   740  O  OG  . SER   A 1 96  ? 9.796   1.562   -6.359  1.00 15.21 ? 96  SER   A OG  1 
ATOM   741  N  N   . HIS   A 1 97  ? 6.697   1.342   -8.112  1.00 10.71 ? 97  HIS   A N   1 
ATOM   742  C  CA  . HIS   A 1 97  ? 5.591   0.377   -7.902  1.00 10.95 ? 97  HIS   A CA  1 
ATOM   743  C  C   . HIS   A 1 97  ? 4.338   1.120   -7.374  1.00 9.42  ? 97  HIS   A C   1 
ATOM   744  O  O   . HIS   A 1 97  ? 3.582   0.549   -6.601  1.00 10.27 ? 97  HIS   A O   1 
ATOM   745  C  CB  . HIS   A 1 97  ? 6.061   -0.733  -6.966  1.00 12.05 ? 97  HIS   A CB  1 
ATOM   746  C  CG  . HIS   A 1 97  ? 7.201   -1.502  -7.512  1.00 13.04 ? 97  HIS   A CG  1 
ATOM   747  N  ND1 . HIS   A 1 97  ? 7.021   -2.684  -8.193  1.00 13.25 ? 97  HIS   A ND1 1 
ATOM   748  C  CD2 . HIS   A 1 97  ? 8.517   -1.257  -7.437  1.00 13.60 ? 97  HIS   A CD2 1 
ATOM   749  C  CE1 . HIS   A 1 97  ? 8.240   -3.167  -8.501  1.00 14.21 ? 97  HIS   A CE1 1 
ATOM   750  N  NE2 . HIS   A 1 97  ? 9.125   -2.301  -8.110  1.00 15.87 ? 97  HIS   A NE2 1 
ATOM   751  N  N   . LEU   A 1 98  ? 4.097   2.297   -7.909  1.00 9.67  ? 98  LEU   A N   1 
ATOM   752  C  CA  . LEU   A 1 98  ? 2.990   3.173   -7.476  1.00 9.70  ? 98  LEU   A CA  1 
ATOM   753  C  C   . LEU   A 1 98  ? 1.865   3.180   -8.514  1.00 9.24  ? 98  LEU   A C   1 
ATOM   754  O  O   . LEU   A 1 98  ? 2.147   3.313   -9.718  1.00 10.46 ? 98  LEU   A O   1 
ATOM   755  C  CB  . LEU   A 1 98  ? 3.537   4.584   -7.240  1.00 10.54 ? 98  LEU   A CB  1 
ATOM   756  C  CG  . LEU   A 1 98  ? 2.487   5.558   -6.706  1.00 11.25 ? 98  LEU   A CG  1 
ATOM   757  C  CD1 . LEU   A 1 98  ? 2.151   5.217   -5.276  1.00 11.85 ? 98  LEU   A CD1 1 
ATOM   758  C  CD2 . LEU   A 1 98  ? 2.964   7.007   -6.778  1.00 13.47 ? 98  LEU   A CD2 1 
ATOM   759  N  N   . MET   A 1 99  ? 0.637   3.047   -8.057  1.00 8.73  ? 99  MET   A N   1 
ATOM   760  C  CA  . MET   A 1 99  ? -0.585  3.098   -8.879  1.00 9.55  ? 99  MET   A CA  1 
ATOM   761  C  C   . MET   A 1 99  ? -1.337  4.349   -8.517  1.00 9.17  ? 99  MET   A C   1 
ATOM   762  O  O   . MET   A 1 99  ? -1.415  4.666   -7.329  1.00 10.08 ? 99  MET   A O   1 
ATOM   763  C  CB  . MET   A 1 99  ? -1.459  1.873   -8.597  1.00 9.18  ? 99  MET   A CB  1 
ATOM   764  C  CG  . MET   A 1 99  ? -0.711  0.580   -8.923  1.00 11.01 ? 99  MET   A CG  1 
ATOM   765  S  SD  . MET   A 1 99  ? -1.576  -0.903  -8.363  1.00 11.60 ? 99  MET   A SD  1 
ATOM   766  C  CE  . MET   A 1 99  ? -1.403  -0.761  -6.587  1.00 11.34 ? 99  MET   A CE  1 
ATOM   767  N  N   . LEU   A 1 100 ? -1.934  5.051   -9.467  1.00 8.53  ? 100 LEU   A N   1 
ATOM   768  C  CA  . LEU   A 1 100 ? -2.705  6.285   -9.173  1.00 9.35  ? 100 LEU   A CA  1 
ATOM   769  C  C   . LEU   A 1 100 ? -4.146  6.097   -9.591  1.00 8.56  ? 100 LEU   A C   1 
ATOM   770  O  O   . LEU   A 1 100 ? -4.438  5.482   -10.607 1.00 9.82  ? 100 LEU   A O   1 
ATOM   771  C  CB  . LEU   A 1 100 ? -2.130  7.452   -9.967  1.00 10.17 ? 100 LEU   A CB  1 
ATOM   772  C  CG  . LEU   A 1 100 ? -0.759  7.917   -9.536  1.00 10.97 ? 100 LEU   A CG  1 
ATOM   773  C  CD1 . LEU   A 1 100 ? -0.162  8.913   -10.522 1.00 12.64 ? 100 LEU   A CD1 1 
ATOM   774  C  CD2 . LEU   A 1 100 ? -0.782  8.496   -8.120  1.00 12.42 ? 100 LEU   A CD2 1 
ATOM   775  N  N   . ALA   A 1 101 ? -5.035  6.679   -8.801  1.00 8.65  ? 101 ALA   A N   1 
ATOM   776  C  CA  . ALA   A 1 101 ? -6.450  6.826   -9.100  1.00 8.91  ? 101 ALA   A CA  1 
ATOM   777  C  C   . ALA   A 1 101 ? -6.900  8.242   -8.784  1.00 8.93  ? 101 ALA   A C   1 
ATOM   778  O  O   . ALA   A 1 101 ? -6.251  8.952   -7.987  1.00 9.17  ? 101 ALA   A O   1 
ATOM   779  C  CB  . ALA   A 1 101 ? -7.248  5.849   -8.285  1.00 9.96  ? 101 ALA   A CB  1 
ATOM   780  N  N   . VAL   A 1 102 ? -8.021  8.612   -9.341  1.00 9.22  ? 102 VAL   A N   1 
ATOM   781  C  CA  . VAL   A 1 102 ? -8.680  9.897   -9.004  1.00 9.67  ? 102 VAL   A CA  1 
ATOM   782  C  C   . VAL   A 1 102 ? -9.519  9.666   -7.756  1.00 9.48  ? 102 VAL   A C   1 
ATOM   783  O  O   . VAL   A 1 102 ? -10.409 8.792   -7.755  1.00 10.44 ? 102 VAL   A O   1 
ATOM   784  C  CB  . VAL   A 1 102 ? -9.528  10.418  -10.164 1.00 9.57  ? 102 VAL   A CB  1 
ATOM   785  C  CG1 . VAL   A 1 102 ? -10.263 11.708  -9.783  1.00 9.21  ? 102 VAL   A CG1 1 
ATOM   786  C  CG2 . VAL   A 1 102 ? -8.673  10.658  -11.386 1.00 9.62  ? 102 VAL   A CG2 1 
ATOM   787  N  N   . GLY   A 1 103 ? -9.186  10.386  -6.707  1.00 9.68  ? 103 GLY   A N   1 
ATOM   788  C  CA  . GLY   A 1 103 ? -9.900  10.227  -5.439  1.00 10.50 ? 103 GLY   A CA  1 
ATOM   789  C  C   . GLY   A 1 103 ? -9.211  10.996  -4.343  1.00 10.96 ? 103 GLY   A C   1 
ATOM   790  O  O   . GLY   A 1 103 ? -8.182  11.652  -4.552  1.00 11.76 ? 103 GLY   A O   1 
ATOM   791  N  N   . HIS   A 1 104 ? -9.810  10.953  -3.165  1.00 10.52 ? 104 HIS   A N   1 
ATOM   792  C  CA  . HIS   A 1 104 ? -9.312  11.698  -1.992  1.00 10.90 ? 104 HIS   A CA  1 
ATOM   793  C  C   . HIS   A 1 104 ? -8.325  10.882  -1.179  1.00 9.52  ? 104 HIS   A C   1 
ATOM   794  O  O   . HIS   A 1 104 ? -8.601  9.733   -0.781  1.00 10.13 ? 104 HIS   A O   1 
ATOM   795  C  CB  . HIS   A 1 104 ? -10.493 12.105  -1.138  1.00 9.98  ? 104 HIS   A CB  1 
ATOM   796  C  CG  . HIS   A 1 104 ? -10.073 12.970  -0.014  1.00 11.54 ? 104 HIS   A CG  1 
ATOM   797  N  ND1 . HIS   A 1 104 ? -9.539  14.225  -0.239  1.00 12.06 ? 104 HIS   A ND1 1 
ATOM   798  C  CD2 . HIS   A 1 104 ? -9.957  12.693  1.294   1.00 11.97 ? 104 HIS   A CD2 1 
ATOM   799  C  CE1 . HIS   A 1 104 ? -9.174  14.697  0.959   1.00 12.34 ? 104 HIS   A CE1 1 
ATOM   800  N  NE2 . HIS   A 1 104 ? -9.438  13.799  1.861   1.00 12.05 ? 104 HIS   A NE2 1 
ATOM   801  N  N   . SER   A 1 105 ? -7.217  11.535  -0.830  1.00 10.35 ? 105 SER   A N   1 
ATOM   802  C  CA  . SER   A 1 105 ? -6.165  10.940  -0.001  1.00 10.27 ? 105 SER   A CA  1 
ATOM   803  C  C   . SER   A 1 105 ? -5.413  12.058  0.708   1.00 10.96 ? 105 SER   A C   1 
ATOM   804  O  O   . SER   A 1 105 ? -4.857  12.951  0.012   1.00 12.83 ? 105 SER   A O   1 
ATOM   805  C  CB  . SER   A 1 105 ? -5.233  10.099  -0.844  1.00 10.36 ? 105 SER   A CB  1 
ATOM   806  O  OG  . SER   A 1 105 ? -4.177  9.599   -0.033  1.00 11.21 ? 105 SER   A OG  1 
ATOM   807  N  N   . GLU   A 1 106 ? -5.408  11.986  2.003   1.00 10.49 ? 106 GLU   A N   1 
ATOM   808  C  CA  . GLU   A 1 106 ? -4.570  12.828  2.902   1.00 12.07 ? 106 GLU   A CA  1 
ATOM   809  C  C   . GLU   A 1 106 ? -3.569  11.938  3.592   1.00 12.36 ? 106 GLU   A C   1 
ATOM   810  O  O   . GLU   A 1 106 ? -3.670  10.720  3.569   1.00 12.12 ? 106 GLU   A O   1 
ATOM   811  C  CB  . GLU   A 1 106 ? -5.431  13.465  4.000   1.00 16.06 ? 106 GLU   A CB  1 
ATOM   812  C  CG  . GLU   A 1 106 ? -6.406  14.504  3.516   1.00 19.23 ? 106 GLU   A CG  1 
ATOM   813  C  CD  . GLU   A 1 106 ? -7.467  14.834  4.583   1.00 18.70 ? 106 GLU   A CD  1 
ATOM   814  O  OE1 . GLU   A 1 106 ? -7.157  14.814  5.819   1.00 25.42 ? 106 GLU   A OE1 1 
ATOM   815  O  OE2 . GLU   A 1 106 ? -8.587  15.018  4.241   1.00 16.78 ? 106 GLU   A OE2 1 
ATOM   816  N  N   . PRO   A 1 107 ? -2.541  12.507  4.264   1.00 12.65 ? 107 PRO   A N   1 
ATOM   817  C  CA  . PRO   A 1 107 ? -1.490  11.670  4.833   1.00 13.13 ? 107 PRO   A CA  1 
ATOM   818  C  C   . PRO   A 1 107 ? -1.988  10.541  5.738   1.00 13.00 ? 107 PRO   A C   1 
ATOM   819  O  O   . PRO   A 1 107 ? -1.502  9.390   5.676   1.00 14.38 ? 107 PRO   A O   1 
ATOM   820  C  CB  . PRO   A 1 107 ? -0.670  12.731  5.599   1.00 14.25 ? 107 PRO   A CB  1 
ATOM   821  C  CG  . PRO   A 1 107 ? -0.728  13.915  4.673   1.00 14.06 ? 107 PRO   A CG  1 
ATOM   822  C  CD  . PRO   A 1 107 ? -2.194  13.951  4.283   1.00 13.97 ? 107 PRO   A CD  1 
ATOM   823  N  N   . GLY   A 1 108 ? -2.958  10.838  6.593   1.00 12.98 ? 108 GLY   A N   1 
ATOM   824  C  CA  . GLY   A 1 108 ? -3.435  9.827   7.529   1.00 12.93 ? 108 GLY   A CA  1 
ATOM   825  C  C   . GLY   A 1 108 ? -4.226  8.706   6.858   1.00 11.85 ? 108 GLY   A C   1 
ATOM   826  O  O   . GLY   A 1 108 ? -4.544  7.701   7.517   1.00 12.32 ? 108 GLY   A O   1 
ATOM   827  N  N   . ASP   A 1 109 ? -4.536  8.855   5.558   1.00 10.92 ? 109 ASP   A N   1 
ATOM   828  C  CA  . ASP   A 1 109 ? -5.183  7.766   4.807   1.00 10.68 ? 109 ASP   A CA  1 
ATOM   829  C  C   . ASP   A 1 109 ? -4.197  6.658   4.437   1.00 9.29  ? 109 ASP   A C   1 
ATOM   830  O  O   . ASP   A 1 109 ? -4.658  5.606   4.006   1.00 9.76  ? 109 ASP   A O   1 
ATOM   831  C  CB  . ASP   A 1 109 ? -5.820  8.347   3.536   1.00 10.02 ? 109 ASP   A CB  1 
ATOM   832  C  CG  . ASP   A 1 109 ? -7.030  9.201   3.878   1.00 9.50  ? 109 ASP   A CG  1 
ATOM   833  O  OD1 . ASP   A 1 109 ? -7.765  8.794   4.808   1.00 11.57 ? 109 ASP   A OD1 1 
ATOM   834  O  OD2 . ASP   A 1 109 ? -7.255  10.207  3.232   1.00 10.16 ? 109 ASP   A OD2 1 
ATOM   835  N  N   . CYS   A 1 110 ? -2.916  6.897   4.561   1.00 9.63  ? 110 CYS   A N   1 
ATOM   836  C  CA  . CYS   A 1 110 ? -1.928  5.859   4.248   1.00 9.32  ? 110 CYS   A CA  1 
ATOM   837  C  C   . CYS   A 1 110 ? -2.229  4.604   5.022   1.00 9.68  ? 110 CYS   A C   1 
ATOM   838  O  O   . CYS   A 1 110 ? -2.539  4.649   6.233   1.00 10.38 ? 110 CYS   A O   1 
ATOM   839  C  CB  . CYS   A 1 110 ? -0.519  6.335   4.556   1.00 9.09  ? 110 CYS   A CB  1 
ATOM   840  S  SG  . CYS   A 1 110 ? 0.094   7.505   3.322   1.00 11.32 ? 110 CYS   A SG  1 
ATOM   841  N  N   . GLY   A 1 111 ? -2.161  3.469   4.326   1.00 8.96  ? 111 GLY   A N   1 
ATOM   842  C  CA  . GLY   A 1 111 ? -2.387  2.150   4.921   1.00 8.88  ? 111 GLY   A CA  1 
ATOM   843  C  C   . GLY   A 1 111 ? -3.782  1.590   4.626   1.00 9.58  ? 111 GLY   A C   1 
ATOM   844  O  O   . GLY   A 1 111 ? -4.004  0.389   4.853   1.00 10.15 ? 111 GLY   A O   1 
ATOM   845  N  N   . GLY   A 1 112 ? -4.694  2.401   4.120   1.00 9.61  ? 112 GLY   A N   1 
ATOM   846  C  CA  . GLY   A 1 112 ? -5.994  1.881   3.663   1.00 8.91  ? 112 GLY   A CA  1 
ATOM   847  C  C   . GLY   A 1 112 ? -5.800  0.889   2.541   1.00 8.65  ? 112 GLY   A C   1 
ATOM   848  O  O   . GLY   A 1 112 ? -4.971  1.124   1.643   1.00 9.19  ? 112 GLY   A O   1 
ATOM   849  N  N   . ILE   A 1 113 ? -6.590  -0.148  2.533   1.00 8.92  ? 113 ILE   A N   1 
ATOM   850  C  CA  . ILE   A 1 113 ? -6.447  -1.225  1.528   1.00 9.21  ? 113 ILE   A CA  1 
ATOM   851  C  C   . ILE   A 1 113 ? -7.160  -0.825  0.245   1.00 8.88  ? 113 ILE   A C   1 
ATOM   852  O  O   . ILE   A 1 113 ? -8.315  -0.364  0.248   1.00 9.29  ? 113 ILE   A O   1 
ATOM   853  C  CB  . ILE   A 1 113 ? -7.015  -2.525  2.098   1.00 10.83 ? 113 ILE   A CB  1 
ATOM   854  C  CG1 . ILE   A 1 113 ? -5.931  -3.108  3.023   1.00 13.29 ? 113 ILE   A CG1 1 
ATOM   855  C  CG2 . ILE   A 1 113 ? -7.411  -3.542  1.005   1.00 10.58 ? 113 ILE   A CG2 1 
ATOM   856  C  CD1 . ILE   A 1 113 ? -6.385  -4.317  3.818   1.00 15.78 ? 113 ILE   A CD1 1 
ATOM   857  N  N   . LEU   A 1 114 ? -6.515  -1.119  -0.879  1.00 8.93  ? 114 LEU   A N   1 
ATOM   858  C  CA  . LEU   A 1 114 ? -7.121  -1.230  -2.232  1.00 8.98  ? 114 LEU   A CA  1 
ATOM   859  C  C   . LEU   A 1 114 ? -7.295  -2.724  -2.517  1.00 8.80  ? 114 LEU   A C   1 
ATOM   860  O  O   . LEU   A 1 114 ? -6.318  -3.482  -2.347  1.00 9.06  ? 114 LEU   A O   1 
ATOM   861  C  CB  . LEU   A 1 114 ? -6.179  -0.580  -3.236  1.00 9.08  ? 114 LEU   A CB  1 
ATOM   862  C  CG  . LEU   A 1 114 ? -6.597  -0.795  -4.694  1.00 9.01  ? 114 LEU   A CG  1 
ATOM   863  C  CD1 . LEU   A 1 114 ? -7.878  -0.063  -5.035  1.00 9.65  ? 114 LEU   A CD1 1 
ATOM   864  C  CD2 . LEU   A 1 114 ? -5.447  -0.324  -5.611  1.00 9.39  ? 114 LEU   A CD2 1 
ATOM   865  N  N   . ARG   A 1 115 ? -8.487  -3.141  -2.873  1.00 9.24  ? 115 ARG   A N   1 
ATOM   866  C  CA  . ARG   A 1 115 ? -8.791  -4.552  -3.191  1.00 8.92  ? 115 ARG   A CA  1 
ATOM   867  C  C   . ARG   A 1 115 ? -9.536  -4.684  -4.498  1.00 9.20  ? 115 ARG   A C   1 
ATOM   868  O  O   . ARG   A 1 115 ? -10.253 -3.776  -4.905  1.00 9.21  ? 115 ARG   A O   1 
ATOM   869  C  CB  . ARG   A 1 115 ? -9.598  -5.199  -2.073  1.00 10.61 ? 115 ARG   A CB  1 
ATOM   870  C  CG  . ARG   A 1 115 ? -10.969 -4.589  -1.880  1.00 10.79 ? 115 ARG   A CG  1 
ATOM   871  C  CD  . ARG   A 1 115 ? -11.741 -5.146  -0.702  1.00 12.96 ? 115 ARG   A CD  1 
ATOM   872  N  NE  . ARG   A 1 115 ? -11.216 -4.613  0.541   1.00 16.42 ? 115 ARG   A NE  1 
ATOM   873  C  CZ  . ARG   A 1 115 ? -10.681 -5.338  1.534   1.00 17.98 ? 115 ARG   A CZ  1 
ATOM   874  N  NH1 . ARG   A 1 115 ? -10.510 -6.646  1.418   1.00 21.78 ? 115 ARG   A NH1 1 
ATOM   875  N  NH2 . ARG   A 1 115 ? -10.333 -4.742  2.654   1.00 19.93 ? 115 ARG   A NH2 1 
ATOM   876  N  N   . CYS   A 1 116 ? -9.317  -5.803  -5.157  1.00 9.46  ? 116 CYS   A N   1 
ATOM   877  C  CA  . CYS   A 1 116 ? -10.044 -6.202  -6.376  1.00 9.78  ? 116 CYS   A CA  1 
ATOM   878  C  C   . CYS   A 1 116 ? -10.716 -7.532  -6.080  1.00 10.06 ? 116 CYS   A C   1 
ATOM   879  O  O   . CYS   A 1 116 ? -10.647 -8.059  -4.996  1.00 10.79 ? 116 CYS   A O   1 
ATOM   880  C  CB  . CYS   A 1 116 ? -9.075  -6.281  -7.569  1.00 9.15  ? 116 CYS   A CB  1 
ATOM   881  S  SG  . CYS   A 1 116 ? -7.861  -7.620  -7.365  1.00 9.84  ? 116 CYS   A SG  1 
ATOM   882  N  N   . GLN   A 1 117 ? -11.280 -8.095  -7.125  1.00 11.57 ? 117 GLN   A N   1 
ATOM   883  C  CA  . GLN   A 1 117 ? -11.904 -9.422  -6.998  1.00 12.21 ? 117 GLN   A CA  1 
ATOM   884  C  C   . GLN   A 1 117 ? -10.925 -10.494 -6.547  1.00 12.30 ? 117 GLN   A C   1 
ATOM   885  O  O   . GLN   A 1 117 ? -11.375 -11.525 -6.080  1.00 15.14 ? 117 GLN   A O   1 
ATOM   886  C  CB  . GLN   A 1 117 ? -12.558 -9.816  -8.319  1.00 14.43 ? 117 GLN   A CB  1 
ATOM   887  C  CG  . GLN   A 1 117 ? -11.590 -10.128 -9.430  1.00 15.85 ? 117 GLN   A CG  1 
ATOM   888  C  CD  . GLN   A 1 117 ? -12.234 -10.484 -10.740 1.00 21.41 ? 117 GLN   A CD  1 
ATOM   889  O  OE1 . GLN   A 1 117 ? -12.435 -9.613  -11.585 1.00 25.07 ? 117 GLN   A OE1 1 
ATOM   890  N  NE2 . GLN   A 1 117 ? -12.545 -11.761 -10.862 1.00 22.49 ? 117 GLN   A NE2 1 
ATOM   891  N  N   . HIS   A 1 118 ? -9.631  -10.318 -6.742  1.00 10.85 ? 118 HIS   A N   1 
ATOM   892  C  CA  . HIS   A 1 118 ? -8.660  -11.356 -6.381  1.00 10.84 ? 118 HIS   A CA  1 
ATOM   893  C  C   . HIS   A 1 118 ? -8.096  -11.197 -4.958  1.00 12.67 ? 118 HIS   A C   1 
ATOM   894  O  O   . HIS   A 1 118 ? -7.327  -12.097 -4.537  1.00 13.21 ? 118 HIS   A O   1 
ATOM   895  C  CB  . HIS   A 1 118 ? -7.521  -11.333 -7.401  1.00 10.86 ? 118 HIS   A CB  1 
ATOM   896  C  CG  . HIS   A 1 118 ? -7.983  -11.509 -8.792  1.00 11.13 ? 118 HIS   A CG  1 
ATOM   897  N  ND1 . HIS   A 1 118 ? -8.102  -10.435 -9.674  1.00 10.02 ? 118 HIS   A ND1 1 
ATOM   898  C  CD2 . HIS   A 1 118 ? -8.389  -12.628 -9.453  1.00 12.29 ? 118 HIS   A CD2 1 
ATOM   899  C  CE1 . HIS   A 1 118 ? -8.543  -10.913 -10.848 1.00 11.57 ? 118 HIS   A CE1 1 
ATOM   900  N  NE2 . HIS   A 1 118 ? -8.696  -12.253 -10.696 1.00 13.09 ? 118 HIS   A NE2 1 
ATOM   901  N  N   . GLY   A 1 119 ? -8.378  -10.092 -4.254  1.00 10.84 ? 119 GLY   A N   1 
ATOM   902  C  CA  . GLY   A 1 119 ? -7.842  -9.808  -2.928  1.00 10.37 ? 119 GLY   A CA  1 
ATOM   903  C  C   . GLY   A 1 119 ? -7.170  -8.455  -2.868  1.00 9.21  ? 119 GLY   A C   1 
ATOM   904  O  O   . GLY   A 1 119 ? -7.557  -7.522  -3.570  1.00 9.55  ? 119 GLY   A O   1 
ATOM   905  N  N   . VAL   A 1 120 ? -6.233  -8.346  -1.949  1.00 9.72  ? 120 VAL   A N   1 
ATOM   906  C  CA  . VAL   A 1 120 ? -5.589  -7.051  -1.639  1.00 9.51  ? 120 VAL   A CA  1 
ATOM   907  C  C   . VAL   A 1 120 ? -4.593  -6.717  -2.737  1.00 9.46  ? 120 VAL   A C   1 
ATOM   908  O  O   . VAL   A 1 120 ? -3.664  -7.533  -3.028  1.00 10.22 ? 120 VAL   A O   1 
ATOM   909  C  CB  . VAL   A 1 120 ? -4.934  -7.107  -0.262  1.00 9.74  ? 120 VAL   A CB  1 
ATOM   910  C  CG1 . VAL   A 1 120 ? -4.136  -5.842  -0.017  1.00 9.68  ? 120 VAL   A CG1 1 
ATOM   911  C  CG2 . VAL   A 1 120 ? -6.005  -7.314  0.813   1.00 10.36 ? 120 VAL   A CG2 1 
ATOM   912  N  N   . VAL   A 1 121 ? -4.739  -5.556  -3.342  1.00 8.78  ? 121 VAL   A N   1 
ATOM   913  C  CA  . VAL   A 1 121 ? -3.834  -5.055  -4.410  1.00 8.74  ? 121 VAL   A CA  1 
ATOM   914  C  C   . VAL   A 1 121 ? -2.688  -4.250  -3.828  1.00 8.86  ? 121 VAL   A C   1 
ATOM   915  O  O   . VAL   A 1 121 ? -1.562  -4.302  -4.309  1.00 9.74  ? 121 VAL   A O   1 
ATOM   916  C  CB  . VAL   A 1 121 ? -4.690  -4.208  -5.351  1.00 9.22  ? 121 VAL   A CB  1 
ATOM   917  C  CG1 . VAL   A 1 121 ? -3.842  -3.526  -6.435  1.00 9.42  ? 121 VAL   A CG1 1 
ATOM   918  C  CG2 . VAL   A 1 121 ? -5.798  -5.021  -5.979  1.00 10.84 ? 121 VAL   A CG2 1 
ATOM   919  N  N   . GLY   A 1 122 ? -2.958  -3.452  -2.792  1.00 9.72  ? 122 GLY   A N   1 
ATOM   920  C  CA  . GLY   A 1 122 ? -1.959  -2.526  -2.250  1.00 9.59  ? 122 GLY   A CA  1 
ATOM   921  C  C   . GLY   A 1 122 ? -2.550  -1.676  -1.158  1.00 8.53  ? 122 GLY   A C   1 
ATOM   922  O  O   . GLY   A 1 122 ? -3.693  -1.942  -0.690  1.00 9.25  ? 122 GLY   A O   1 
ATOM   923  N  N   . ILE   A 1 123 ? -1.760  -0.724  -0.708  1.00 8.60  ? 123 ILE   A N   1 
ATOM   924  C  CA  . ILE   A 1 123 ? -2.169  0.178   0.406   1.00 9.05  ? 123 ILE   A CA  1 
ATOM   925  C  C   . ILE   A 1 123 ? -1.967  1.622   -0.043  1.00 9.23  ? 123 ILE   A C   1 
ATOM   926  O  O   . ILE   A 1 123 ? -1.024  1.937   -0.796  1.00 8.54  ? 123 ILE   A O   1 
ATOM   927  C  CB  . ILE   A 1 123 ? -1.454  -0.083  1.746   1.00 9.67  ? 123 ILE   A CB  1 
ATOM   928  C  CG1 . ILE   A 1 123 ? 0.067   -0.118  1.585   1.00 10.17 ? 123 ILE   A CG1 1 
ATOM   929  C  CG2 . ILE   A 1 123 ? -2.008  -1.335  2.389   1.00 10.13 ? 123 ILE   A CG2 1 
ATOM   930  C  CD1 . ILE   A 1 123 ? 0.808   -0.222  2.904   1.00 11.26 ? 123 ILE   A CD1 1 
ATOM   931  N  N   . VAL   A 1 124 ? -2.815  2.506   0.466   1.00 8.67  ? 124 VAL   A N   1 
ATOM   932  C  CA  . VAL   A 1 124 ? -2.648  3.944   0.190   1.00 8.58  ? 124 VAL   A CA  1 
ATOM   933  C  C   . VAL   A 1 124 ? -1.267  4.372   0.639   1.00 8.95  ? 124 VAL   A C   1 
ATOM   934  O  O   . VAL   A 1 124 ? -0.834  4.058   1.770   1.00 8.35  ? 124 VAL   A O   1 
ATOM   935  C  CB  . VAL   A 1 124 ? -3.723  4.777   0.883   1.00 8.77  ? 124 VAL   A CB  1 
ATOM   936  C  CG1 . VAL   A 1 124 ? -3.439  6.270   0.697   1.00 8.74  ? 124 VAL   A CG1 1 
ATOM   937  C  CG2 . VAL   A 1 124 ? -5.113  4.434   0.384   1.00 8.60  ? 124 VAL   A CG2 1 
ATOM   938  N  N   . SER   A 1 125 ? -0.580  5.121   -0.218  1.00 8.44  ? 125 SER   A N   1 
ATOM   939  C  CA  . SER   A 1 125 ? 0.761   5.649   0.045   1.00 8.77  ? 125 SER   A CA  1 
ATOM   940  C  C   . SER   A 1 125 ? 0.937   7.121   -0.335  1.00 9.19  ? 125 SER   A C   1 
ATOM   941  O  O   . SER   A 1 125 ? 1.847   7.758   0.251   1.00 10.20 ? 125 SER   A O   1 
ATOM   942  C  CB  . SER   A 1 125 ? 1.762   4.772   -0.653  1.00 9.18  ? 125 SER   A CB  1 
ATOM   943  O  OG  . SER   A 1 125 ? 3.095   5.243   -0.481  1.00 11.13 ? 125 SER   A OG  1 
ATOM   944  N  N   . THR   A 1 126 ? 0.169   7.658   -1.277  1.00 9.85  ? 126 THR   A N   1 
ATOM   945  C  CA  . THR   A 1 126 ? 0.298   9.080   -1.659  1.00 9.50  ? 126 THR   A CA  1 
ATOM   946  C  C   . THR   A 1 126 ? -1.069  9.734   -1.770  1.00 9.04  ? 126 THR   A C   1 
ATOM   947  O  O   . THR   A 1 126 ? -2.081  9.048   -1.856  1.00 9.10  ? 126 THR   A O   1 
ATOM   948  C  CB  . THR   A 1 126 ? 1.102   9.280   -2.970  1.00 10.23 ? 126 THR   A CB  1 
ATOM   949  O  OG1 . THR   A 1 126 ? 0.254   8.945   -4.070  1.00 10.51 ? 126 THR   A OG1 1 
ATOM   950  C  CG2 . THR   A 1 126 ? 2.370   8.444   -3.052  1.00 10.44 ? 126 THR   A CG2 1 
ATOM   951  N  N   . GLY   A 1 127 ? -1.047  11.060  -1.786  1.00 9.70  ? 127 GLY   A N   1 
ATOM   952  C  CA  . GLY   A 1 127 ? -2.260  11.838  -1.977  1.00 9.96  ? 127 GLY   A CA  1 
ATOM   953  C  C   . GLY   A 1 127 ? -1.943  13.213  -2.489  1.00 10.73 ? 127 GLY   A C   1 
ATOM   954  O  O   . GLY   A 1 127 ? -0.844  13.460  -2.970  1.00 12.05 ? 127 GLY   A O   1 
ATOM   955  N  N   . GLY   A 1 128 ? -2.934  14.078  -2.451  1.00 12.25 ? 128 GLY   A N   1 
ATOM   956  C  CA  . GLY   A 1 128 ? -2.865  15.456  -2.943  1.00 12.27 ? 128 GLY   A CA  1 
ATOM   957  C  C   . GLY   A 1 128 ? -3.280  15.589  -4.378  1.00 13.01 ? 128 GLY   A C   1 
ATOM   958  O  O   . GLY   A 1 128 ? -3.270  14.635  -5.173  1.00 12.56 ? 128 GLY   A O   1 
ATOM   959  N  N   . ASN   A 1 129 ? -3.685  16.797  -4.729  1.00 13.55 ? 129 ASN   A N   1 
ATOM   960  C  CA  . ASN   A 1 129 ? -4.053  17.172  -6.123  1.00 13.97 ? 129 ASN   A CA  1 
ATOM   961  C  C   . ASN   A 1 129 ? -5.111  16.233  -6.675  1.00 12.27 ? 129 ASN   A C   1 
ATOM   962  O  O   . ASN   A 1 129 ? -5.110  15.961  -7.903  1.00 13.34 ? 129 ASN   A O   1 
ATOM   963  C  CB  . ASN   A 1 129 ? -2.868  17.253  -7.085  1.00 16.82 ? 129 ASN   A CB  1 
ATOM   964  C  CG  . ASN   A 1 129 ? -1.953  18.424  -6.807  1.00 21.94 ? 129 ASN   A CG  1 
ATOM   965  O  OD1 . ASN   A 1 129 ? -2.435  19.535  -6.559  1.00 24.29 ? 129 ASN   A OD1 1 
ATOM   966  N  ND2 . ASN   A 1 129 ? -0.654  18.186  -6.897  1.00 21.29 ? 129 ASN   A ND2 1 
ATOM   967  N  N   . GLY   A 1 130 ? -6.023  15.766  -5.832  1.00 11.63 ? 130 GLY   A N   1 
ATOM   968  C  CA  . GLY   A 1 130 ? -7.154  14.986  -6.314  1.00 10.61 ? 130 GLY   A CA  1 
ATOM   969  C  C   . GLY   A 1 130 ? -6.834  13.568  -6.759  1.00 9.52  ? 130 GLY   A C   1 
ATOM   970  O  O   . GLY   A 1 130 ? -7.706  12.950  -7.310  1.00 9.80  ? 130 GLY   A O   1 
ATOM   971  N  N   . LEU   A 1 131 ? -5.634  13.090  -6.455  1.00 10.28 ? 131 LEU   A N   1 
ATOM   972  C  CA  . LEU   A 1 131 ? -5.261  11.698  -6.703  1.00 9.81  ? 131 LEU   A CA  1 
ATOM   973  C  C   . LEU   A 1 131 ? -5.008  10.955  -5.404  1.00 10.12 ? 131 LEU   A C   1 
ATOM   974  O  O   . LEU   A 1 131 ? -4.634  11.561  -4.388  1.00 11.35 ? 131 LEU   A O   1 
ATOM   975  C  CB  . LEU   A 1 131 ? -4.034  11.547  -7.582  1.00 10.75 ? 131 LEU   A CB  1 
ATOM   976  C  CG  . LEU   A 1 131 ? -4.053  12.279  -8.917  1.00 10.96 ? 131 LEU   A CG  1 
ATOM   977  C  CD1 . LEU   A 1 131 ? -2.794  11.890  -9.704  1.00 12.23 ? 131 LEU   A CD1 1 
ATOM   978  C  CD2 . LEU   A 1 131 ? -5.303  11.964  -9.714  1.00 11.20 ? 131 LEU   A CD2 1 
ATOM   979  N  N   . VAL   A 1 132 ? -5.189  9.643   -5.475  1.00 9.46  ? 132 VAL   A N   1 
ATOM   980  C  CA  . VAL   A 1 132 ? -4.735  8.713   -4.423  1.00 9.25  ? 132 VAL   A CA  1 
ATOM   981  C  C   . VAL   A 1 132 ? -3.747  7.757   -5.054  1.00 9.54  ? 132 VAL   A C   1 
ATOM   982  O  O   . VAL   A 1 132 ? -4.046  7.214   -6.152  1.00 10.01 ? 132 VAL   A O   1 
ATOM   983  C  CB  . VAL   A 1 132 ? -5.945  8.030   -3.776  1.00 10.03 ? 132 VAL   A CB  1 
ATOM   984  C  CG1 . VAL   A 1 132 ? -6.919  7.379   -4.731  1.00 12.08 ? 132 VAL   A CG1 1 
ATOM   985  C  CG2 . VAL   A 1 132 ? -5.462  7.045   -2.721  1.00 10.01 ? 132 VAL   A CG2 1 
ATOM   986  N  N   . GLY   A 1 133 ? -2.598  7.570   -4.424  1.00 8.67  ? 133 GLY   A N   1 
ATOM   987  C  CA  . GLY   A 1 133 ? -1.560  6.645   -4.880  1.00 8.51  ? 133 GLY   A CA  1 
ATOM   988  C  C   . GLY   A 1 133 ? -1.475  5.461   -3.969  1.00 8.37  ? 133 GLY   A C   1 
ATOM   989  O  O   . GLY   A 1 133 ? -1.606  5.617   -2.745  1.00 9.70  ? 133 GLY   A O   1 
ATOM   990  N  N   . PHE   A 1 134 ? -1.324  4.287   -4.532  1.00 8.77  ? 134 PHE   A N   1 
ATOM   991  C  CA  . PHE   A 1 134 ? -1.278  3.004   -3.835  1.00 8.24  ? 134 PHE   A CA  1 
ATOM   992  C  C   . PHE   A 1 134 ? 0.035   2.292   -4.123  1.00 8.95  ? 134 PHE   A C   1 
ATOM   993  O  O   . PHE   A 1 134 ? 0.460   2.195   -5.284  1.00 9.13  ? 134 PHE   A O   1 
ATOM   994  C  CB  . PHE   A 1 134 ? -2.401  2.072   -4.278  1.00 8.71  ? 134 PHE   A CB  1 
ATOM   995  C  CG  . PHE   A 1 134 ? -3.751  2.711   -4.263  1.00 8.66  ? 134 PHE   A CG  1 
ATOM   996  C  CD1 . PHE   A 1 134 ? -4.500  2.726   -3.094  1.00 8.73  ? 134 PHE   A CD1 1 
ATOM   997  C  CD2 . PHE   A 1 134 ? -4.299  3.269   -5.413  1.00 9.27  ? 134 PHE   A CD2 1 
ATOM   998  C  CE1 . PHE   A 1 134 ? -5.763  3.289   -3.082  1.00 9.33  ? 134 PHE   A CE1 1 
ATOM   999  C  CE2 . PHE   A 1 134 ? -5.585  3.813   -5.370  1.00 9.40  ? 134 PHE   A CE2 1 
ATOM   1000 C  CZ  . PHE   A 1 134 ? -6.314  3.824   -4.199  1.00 9.54  ? 134 PHE   A CZ  1 
ATOM   1001 N  N   . ALA   A 1 135 ? 0.682   1.825   -3.069  1.00 8.48  ? 135 ALA   A N   1 
ATOM   1002 C  CA  . ALA   A 1 135 ? 1.870   0.957   -3.164  1.00 8.57  ? 135 ALA   A CA  1 
ATOM   1003 C  C   . ALA   A 1 135 ? 1.374   -0.447  -3.500  1.00 8.39  ? 135 ALA   A C   1 
ATOM   1004 O  O   . ALA   A 1 135 ? 0.700   -1.072  -2.693  1.00 9.00  ? 135 ALA   A O   1 
ATOM   1005 C  CB  . ALA   A 1 135 ? 2.645   1.009   -1.885  1.00 8.38  ? 135 ALA   A CB  1 
ATOM   1006 N  N   . ASP   A 1 136 ? 1.748   -0.946  -4.681  1.00 8.54  ? 136 ASP   A N   1 
ATOM   1007 C  CA  . ASP   A 1 136 ? 1.371   -2.289  -5.101  1.00 8.71  ? 136 ASP   A CA  1 
ATOM   1008 C  C   . ASP   A 1 136 ? 2.089   -3.332  -4.248  1.00 8.95  ? 136 ASP   A C   1 
ATOM   1009 O  O   . ASP   A 1 136 ? 3.267   -3.131  -3.881  1.00 9.83  ? 136 ASP   A O   1 
ATOM   1010 C  CB  . ASP   A 1 136 ? 1.768   -2.518  -6.567  1.00 10.12 ? 136 ASP   A CB  1 
ATOM   1011 C  CG  . ASP   A 1 136 ? 1.309   -3.836  -7.131  1.00 10.68 ? 136 ASP   A CG  1 
ATOM   1012 O  OD1 . ASP   A 1 136 ? 0.152   -4.165  -7.031  1.00 11.23 ? 136 ASP   A OD1 1 
ATOM   1013 O  OD2 . ASP   A 1 136 ? 2.212   -4.574  -7.613  1.00 13.04 ? 136 ASP   A OD2 1 
ATOM   1014 N  N   . VAL   A 1 137 ? 1.420   -4.445  -3.984  1.00 8.95  ? 137 VAL   A N   1 
ATOM   1015 C  CA  . VAL   A 1 137 ? 2.068   -5.631  -3.361  1.00 9.64  ? 137 VAL   A CA  1 
ATOM   1016 C  C   . VAL   A 1 137 ? 1.857   -6.885  -4.204  1.00 9.88  ? 137 VAL   A C   1 
ATOM   1017 O  O   . VAL   A 1 137 ? 2.296   -7.933  -3.760  1.00 10.12 ? 137 VAL   A O   1 
ATOM   1018 C  CB  . VAL   A 1 137 ? 1.516   -5.837  -1.932  1.00 10.15 ? 137 VAL   A CB  1 
ATOM   1019 C  CG1 . VAL   A 1 137 ? 1.864   -4.646  -1.039  1.00 10.27 ? 137 VAL   A CG1 1 
ATOM   1020 C  CG2 . VAL   A 1 137 ? 0.035   -6.124  -1.896  1.00 10.41 ? 137 VAL   A CG2 1 
ATOM   1021 N  N   . ARG   A 1 138 ? 1.217   -6.810  -5.356  1.00 10.32 ? 138 ARG   A N   1 
ATOM   1022 C  CA  . ARG   A 1 138 ? 0.864   -8.037  -6.103  1.00 9.92  ? 138 ARG   A CA  1 
ATOM   1023 C  C   . ARG   A 1 138 ? 2.099   -8.713  -6.696  1.00 10.18 ? 138 ARG   A C   1 
ATOM   1024 O  O   . ARG   A 1 138 ? 1.982   -9.915  -6.994  1.00 11.14 ? 138 ARG   A O   1 
ATOM   1025 C  CB  . ARG   A 1 138 ? -0.130  -7.700  -7.206  1.00 9.42  ? 138 ARG   A CB  1 
ATOM   1026 C  CG  . ARG   A 1 138 ? -1.464  -7.192  -6.670  1.00 9.58  ? 138 ARG   A CG  1 
ATOM   1027 C  CD  . ARG   A 1 138 ? -2.322  -6.809  -7.859  1.00 9.64  ? 138 ARG   A CD  1 
ATOM   1028 N  NE  . ARG   A 1 138 ? -1.807  -5.616  -8.484  1.00 9.54  ? 138 ARG   A NE  1 
ATOM   1029 C  CZ  . ARG   A 1 138 ? -2.384  -4.981  -9.485  1.00 9.28  ? 138 ARG   A CZ  1 
ATOM   1030 N  NH1 . ARG   A 1 138 ? -3.425  -5.530  -10.103 1.00 9.41  ? 138 ARG   A NH1 1 
ATOM   1031 N  NH2 . ARG   A 1 138 ? -1.901  -3.814  -9.868  1.00 9.68  ? 138 ARG   A NH2 1 
ATOM   1032 N  N   . ASP   A 1 139 ? 3.173   -8.003  -6.864  1.00 10.08 ? 139 ASP   A N   1 
ATOM   1033 C  CA  . ASP   A 1 139 ? 4.420   -8.638  -7.343  1.00 11.22 ? 139 ASP   A CA  1 
ATOM   1034 C  C   . ASP   A 1 139 ? 5.145   -9.387  -6.212  1.00 12.39 ? 139 ASP   A C   1 
ATOM   1035 O  O   . ASP   A 1 139 ? 6.121   -10.113 -6.532  1.00 14.40 ? 139 ASP   A O   1 
ATOM   1036 C  CB  . ASP   A 1 139 ? 5.347   -7.618  -7.982  1.00 12.51 ? 139 ASP   A CB  1 
ATOM   1037 C  CG  . ASP   A 1 139 ? 5.841   -6.546  -7.035  1.00 12.55 ? 139 ASP   A CG  1 
ATOM   1038 O  OD1 . ASP   A 1 139 ? 5.036   -6.098  -6.187  1.00 12.39 ? 139 ASP   A OD1 1 
ATOM   1039 O  OD2 . ASP   A 1 139 ? 7.035   -6.137  -7.144  1.00 15.46 ? 139 ASP   A OD2 1 
ATOM   1040 N  N   . LEU   A 1 140 ? 4.776   -9.218  -4.951  1.00 11.64 ? 140 LEU   A N   1 
ATOM   1041 C  CA  . LEU   A 1 140 ? 5.574   -9.769  -3.840  1.00 11.42 ? 140 LEU   A CA  1 
ATOM   1042 C  C   . LEU   A 1 140 ? 5.057   -11.168 -3.562  1.00 11.88 ? 140 LEU   A C   1 
ATOM   1043 O  O   . LEU   A 1 140 ? 4.333   -11.419 -2.629  1.00 12.26 ? 140 LEU   A O   1 
ATOM   1044 C  CB  . LEU   A 1 140 ? 5.439   -8.838  -2.640  1.00 11.24 ? 140 LEU   A CB  1 
ATOM   1045 C  CG  . LEU   A 1 140 ? 5.918   -7.397  -2.850  1.00 12.52 ? 140 LEU   A CG  1 
ATOM   1046 C  CD1 . LEU   A 1 140 ? 5.633   -6.566  -1.609  1.00 12.54 ? 140 LEU   A CD1 1 
ATOM   1047 C  CD2 . LEU   A 1 140 ? 7.382   -7.326  -3.236  1.00 13.48 ? 140 LEU   A CD2 1 
ATOM   1048 N  N   . LEU   A 1 141 ? 5.418   -12.100 -4.474  1.00 11.95 ? 141 LEU   A N   1 
ATOM   1049 C  CA  . LEU   A 1 141 ? 4.833   -13.457 -4.415  1.00 13.00 ? 141 LEU   A CA  1 
ATOM   1050 C  C   . LEU   A 1 141 ? 5.192   -14.224 -3.140  1.00 13.61 ? 141 LEU   A C   1 
ATOM   1051 O  O   . LEU   A 1 141 ? 4.391   -15.005 -2.659  1.00 15.50 ? 141 LEU   A O   1 
ATOM   1052 C  CB  . LEU   A 1 141 ? 5.240   -14.308 -5.613  1.00 13.74 ? 141 LEU   A CB  1 
ATOM   1053 C  CG  . LEU   A 1 141 ? 5.036   -13.677 -6.978  1.00 15.49 ? 141 LEU   A CG  1 
ATOM   1054 C  CD1 . LEU   A 1 141 ? 5.232   -14.741 -8.040  1.00 17.53 ? 141 LEU   A CD1 1 
ATOM   1055 C  CD2 . LEU   A 1 141 ? 3.669   -13.073 -7.190  1.00 14.79 ? 141 LEU   A CD2 1 
ATOM   1056 N  N   . TRP   A 1 142 ? 6.347   -13.879 -2.558  1.00 13.56 ? 142 TRP   A N   1 
ATOM   1057 C  CA  . TRP   A 1 142 ? 6.845   -14.523 -1.319  1.00 15.03 ? 142 TRP   A CA  1 
ATOM   1058 C  C   . TRP   A 1 142 ? 5.914   -14.241 -0.134  1.00 14.34 ? 142 TRP   A C   1 
ATOM   1059 O  O   . TRP   A 1 142 ? 5.926   -15.008 0.869   1.00 16.03 ? 142 TRP   A O   1 
ATOM   1060 C  CB  . TRP   A 1 142 ? 8.282   -14.082 -1.082  1.00 13.61 ? 142 TRP   A CB  1 
ATOM   1061 C  CG  . TRP   A 1 142 ? 8.487   -12.598 -0.998  1.00 13.93 ? 142 TRP   A CG  1 
ATOM   1062 C  CD1 . TRP   A 1 142 ? 8.920   -11.778 -1.990  1.00 15.56 ? 142 TRP   A CD1 1 
ATOM   1063 C  CD2 . TRP   A 1 142 ? 8.246   -11.784 0.160   1.00 14.14 ? 142 TRP   A CD2 1 
ATOM   1064 N  NE1 . TRP   A 1 142 ? 9.015   -10.490 -1.527  1.00 15.75 ? 142 TRP   A NE1 1 
ATOM   1065 C  CE2 . TRP   A 1 142 ? 8.633   -10.476 -0.226  1.00 14.38 ? 142 TRP   A CE2 1 
ATOM   1066 C  CE3 . TRP   A 1 142 ? 7.872   -12.054 1.478   1.00 15.05 ? 142 TRP   A CE3 1 
ATOM   1067 C  CZ2 . TRP   A 1 142 ? 8.554   -9.414  0.674   1.00 15.09 ? 142 TRP   A CZ2 1 
ATOM   1068 C  CZ3 . TRP   A 1 142 ? 7.777   -10.995 2.360   1.00 15.19 ? 142 TRP   A CZ3 1 
ATOM   1069 C  CH2 . TRP   A 1 142 ? 8.127   -9.711  1.942   1.00 15.04 ? 142 TRP   A CH2 1 
ATOM   1070 N  N   . LEU   A 1 143 ? 5.026   -13.247 -0.205  1.00 14.33 ? 143 LEU   A N   1 
ATOM   1071 C  CA  . LEU   A 1 143 ? 4.077   -12.987 0.898   1.00 14.83 ? 143 LEU   A CA  1 
ATOM   1072 C  C   . LEU   A 1 143 ? 3.147   -14.189 1.085   1.00 17.63 ? 143 LEU   A C   1 
ATOM   1073 O  O   . LEU   A 1 143 ? 2.549   -14.314 2.153   1.00 18.10 ? 143 LEU   A O   1 
ATOM   1074 C  CB  . LEU   A 1 143 ? 3.238   -11.756 0.596   1.00 14.17 ? 143 LEU   A CB  1 
ATOM   1075 C  CG  . LEU   A 1 143 ? 3.930   -10.407 0.767   1.00 12.87 ? 143 LEU   A CG  1 
ATOM   1076 C  CD1 . LEU   A 1 143 ? 3.029   -9.308  0.251   1.00 13.16 ? 143 LEU   A CD1 1 
ATOM   1077 C  CD2 . LEU   A 1 143 ? 4.262   -10.131 2.240   1.00 14.77 ? 143 LEU   A CD2 1 
ATOM   1078 N  N   . ASP   A 1 144 ? 2.978   -15.029 0.058   1.00 17.85 ? 144 ASP   A N   1 
ATOM   1079 C  CA  . ASP   A 1 144 ? 1.965   -16.113 0.095   1.00 23.00 ? 144 ASP   A CA  1 
ATOM   1080 C  C   . ASP   A 1 144 ? 2.479   -17.420 0.696   1.00 29.02 ? 144 ASP   A C   1 
ATOM   1081 O  O   . ASP   A 1 144 ? 1.652   -18.343 0.852   1.00 26.85 ? 144 ASP   A O   1 
ATOM   1082 C  CB  . ASP   A 1 144 ? 1.480   -16.469 -1.313  1.00 22.04 ? 144 ASP   A CB  1 
ATOM   1083 C  CG  . ASP   A 1 144 ? 0.720   -15.379 -2.047  1.00 19.10 ? 144 ASP   A CG  1 
ATOM   1084 O  OD1 . ASP   A 1 144 ? 0.304   -14.399 -1.387  1.00 21.45 ? 144 ASP   A OD1 1 
ATOM   1085 O  OD2 . ASP   A 1 144 ? 0.666   -15.454 -3.302  1.00 24.18 ? 144 ASP   A OD2 1 
ATOM   1086 N  N   . GLU   A 1 145 ? 3.749   -17.483 1.109   0.66 32.23 ? 145 GLU   A N   1 
ATOM   1087 C  CA  . GLU   A 1 145 ? 4.360   -18.718 1.679   0.66 37.43 ? 145 GLU   A CA  1 
ATOM   1088 C  C   . GLU   A 1 145 ? 5.242   -18.404 2.894   0.66 39.32 ? 145 GLU   A C   1 
ATOM   1089 O  O   . GLU   A 1 145 ? 5.492   -17.211 3.170   0.66 36.33 ? 145 GLU   A O   1 
ATOM   1090 C  CB  . GLU   A 1 145 ? 5.216   -19.400 0.614   0.66 40.71 ? 145 GLU   A CB  1 
ATOM   1091 C  CG  . GLU   A 1 145 ? 6.485   -18.627 0.303   0.66 43.04 ? 145 GLU   A CG  1 
ATOM   1092 C  CD  . GLU   A 1 145 ? 6.843   -18.569 -1.171  0.66 47.27 ? 145 GLU   A CD  1 
ATOM   1093 O  OE1 . GLU   A 1 145 ? 8.021   -18.278 -1.481  0.66 48.30 ? 145 GLU   A OE1 1 
ATOM   1094 O  OE2 . GLU   A 1 145 ? 5.938   -18.802 -2.006  0.66 50.05 ? 145 GLU   A OE2 1 
ATOM   1095 N  N   . GLU   A 1 146 ? 5.699   -19.462 3.574   0.66 42.80 ? 146 GLU   A N   1 
ATOM   1096 C  CA  . GLU   A 1 146 ? 6.831   -19.449 4.540   0.66 45.16 ? 146 GLU   A CA  1 
ATOM   1097 C  C   . GLU   A 1 146 ? 6.505   -18.511 5.705   0.66 48.63 ? 146 GLU   A C   1 
ATOM   1098 O  O   . GLU   A 1 146 ? 7.251   -18.462 6.686   0.66 52.53 ? 146 GLU   A O   1 
ATOM   1099 C  CB  . GLU   A 1 146 ? 8.117   -19.038 3.819   0.66 44.50 ? 146 GLU   A CB  1 
ATOM   1100 C  CG  . GLU   A 1 146 ? 8.946   -18.013 4.572   0.66 44.99 ? 146 GLU   A CG  1 
ATOM   1101 C  CD  . GLU   A 1 146 ? 10.090  -18.566 5.408   0.66 46.73 ? 146 GLU   A CD  1 
ATOM   1102 O  OE1 . GLU   A 1 146 ? 11.090  -17.837 5.578   0.66 45.10 ? 146 GLU   A OE1 1 
ATOM   1103 O  OE2 . GLU   A 1 146 ? 9.983   -19.718 5.887   0.66 46.27 ? 146 GLU   A OE2 1 
HETATM 1104 N  N1  . A1AM6 B 2 .   ? 7.005   19.069  4.305   0.68 52.41 ? 201 A1AM6 A N1  1 
HETATM 1105 N  N3  . A1AM6 B 2 .   ? 4.711   19.082  4.626   0.68 48.64 ? 201 A1AM6 A N3  1 
HETATM 1106 C  C4  . A1AM6 B 2 .   ? 8.169   18.805  3.452   0.68 53.84 ? 201 A1AM6 A C4  1 
HETATM 1107 C  C5  . A1AM6 B 2 .   ? 7.259   18.668  5.693   0.68 51.79 ? 201 A1AM6 A C5  1 
HETATM 1108 C  C6  . A1AM6 B 2 .   ? 7.612   17.190  5.775   0.68 52.13 ? 201 A1AM6 A C6  1 
HETATM 1109 C  C7  . A1AM6 B 2 .   ? 5.748   19.217  3.778   0.68 50.19 ? 201 A1AM6 A C7  1 
HETATM 1110 C  C8  . A1AM6 B 2 .   ? 4.424   19.491  1.949   0.68 45.90 ? 201 A1AM6 A C8  1 
HETATM 1111 C  C10 . A1AM6 B 2 .   ? 3.495   19.154  4.061   0.68 47.07 ? 201 A1AM6 A C10 1 
HETATM 1112 N  N   . A1AM6 B 2 .   ? 8.661   16.809  4.814   0.68 53.58 ? 201 A1AM6 A N   1 
HETATM 1113 C  C   . A1AM6 B 2 .   ? 9.035   14.643  6.021   0.68 52.61 ? 201 A1AM6 A C   1 
HETATM 1114 C  C1  . A1AM6 B 2 .   ? 9.658   15.840  5.320   0.68 53.35 ? 201 A1AM6 A C1  1 
HETATM 1115 C  C2  . A1AM6 B 2 .   ? 10.616  15.383  4.236   0.68 52.92 ? 201 A1AM6 A C2  1 
HETATM 1116 C  C3  . A1AM6 B 2 .   ? 9.234   18.014  4.195   0.68 54.67 ? 201 A1AM6 A C3  1 
HETATM 1117 C  C9  . A1AM6 B 2 .   ? 3.289   19.348  2.713   0.68 46.08 ? 201 A1AM6 A C9  1 
HETATM 1118 N  N2  . A1AM6 B 2 .   ? 5.667   19.438  2.450   0.68 47.30 ? 201 A1AM6 A N2  1 
HETATM 1119 ZN ZN  . ZN    C 3 .   ? -7.459  -8.514  -9.417  1.00 9.92  ? 202 ZN    A ZN  1 
HETATM 1120 S  S   . DMS   D 4 .   ? -10.053 -12.490 -1.260  1.00 28.24 ? 203 DMS   A S   1 
HETATM 1121 O  O   . DMS   D 4 .   ? -10.857 -13.430 -0.331  1.00 36.27 ? 203 DMS   A O   1 
HETATM 1122 C  C1  . DMS   D 4 .   ? -11.181 -12.120 -2.614  1.00 24.61 ? 203 DMS   A C1  1 
HETATM 1123 C  C2  . DMS   D 4 .   ? -10.093 -10.966 -0.431  1.00 25.75 ? 203 DMS   A C2  1 
HETATM 1124 S  S   . DMS   E 4 .   ? 15.115  0.877   -1.831  1.00 29.12 ? 204 DMS   A S   1 
HETATM 1125 O  O   . DMS   E 4 .   ? 14.628  2.313   -1.841  1.00 23.00 ? 204 DMS   A O   1 
HETATM 1126 C  C1  . DMS   E 4 .   ? 15.179  0.414   -3.556  1.00 28.97 ? 204 DMS   A C1  1 
HETATM 1127 C  C2  . DMS   E 4 .   ? 16.880  0.916   -1.524  1.00 27.48 ? 204 DMS   A C2  1 
HETATM 1128 S  S   . DMS   F 4 .   ? -11.759 0.185   8.706   1.00 58.87 ? 205 DMS   A S   1 
HETATM 1129 O  O   . DMS   F 4 .   ? -13.174 0.606   8.981   1.00 59.37 ? 205 DMS   A O   1 
HETATM 1130 C  C1  . DMS   F 4 .   ? -11.660 -1.524  9.200   1.00 62.30 ? 205 DMS   A C1  1 
HETATM 1131 C  C2  . DMS   F 4 .   ? -11.668 -0.093  6.960   1.00 50.92 ? 205 DMS   A C2  1 
HETATM 1132 S  S   . DMS   G 4 .   ? -13.452 11.290  -7.656  1.00 38.24 ? 206 DMS   A S   1 
HETATM 1133 O  O   . DMS   G 4 .   ? -12.569 12.221  -6.891  1.00 31.10 ? 206 DMS   A O   1 
HETATM 1134 C  C1  . DMS   G 4 .   ? -14.707 10.768  -6.514  1.00 36.76 ? 206 DMS   A C1  1 
HETATM 1135 C  C2  . DMS   G 4 .   ? -14.445 12.325  -8.724  1.00 35.62 ? 206 DMS   A C2  1 
HETATM 1136 S  S   . SO4   H 5 .   ? 11.936  16.508  -11.038 0.34 33.64 ? 207 SO4   A S   1 
HETATM 1137 O  O1  . SO4   H 5 .   ? 12.531  15.658  -12.036 0.34 32.42 ? 207 SO4   A O1  1 
HETATM 1138 O  O2  . SO4   H 5 .   ? 12.363  16.088  -9.730  0.34 33.72 ? 207 SO4   A O2  1 
HETATM 1139 O  O3  . SO4   H 5 .   ? 10.474  16.463  -11.048 0.34 31.14 ? 207 SO4   A O3  1 
HETATM 1140 O  O4  . SO4   H 5 .   ? 12.350  17.865  -11.262 0.34 33.92 ? 207 SO4   A O4  1 
HETATM 1141 S  S   . SO4   I 5 .   ? 12.049  -11.769 1.064   0.66 42.93 ? 208 SO4   A S   1 
HETATM 1142 O  O1  . SO4   I 5 .   ? 11.761  -13.059 0.502   0.66 38.59 ? 208 SO4   A O1  1 
HETATM 1143 O  O2  . SO4   I 5 .   ? 13.310  -11.821 1.743   0.66 42.45 ? 208 SO4   A O2  1 
HETATM 1144 O  O3  . SO4   I 5 .   ? 11.023  -11.418 2.003   0.66 40.27 ? 208 SO4   A O3  1 
HETATM 1145 O  O4  . SO4   I 5 .   ? 12.111  -10.785 0.018   0.66 40.46 ? 208 SO4   A O4  1 
HETATM 1146 O  O   . HOH   J 6 .   ? -6.392  13.693  7.362   1.00 27.01 ? 301 HOH   A O   1 
HETATM 1147 O  O   . HOH   J 6 .   ? 10.199  -19.086 7.951   0.66 39.47 ? 302 HOH   A O   1 
HETATM 1148 O  O   . HOH   J 6 .   ? 11.981  12.912  -14.544 1.00 41.29 ? 303 HOH   A O   1 
HETATM 1149 O  O   . HOH   J 6 .   ? -3.349  -16.251 7.561   1.00 58.67 ? 304 HOH   A O   1 
HETATM 1150 O  O   . HOH   J 6 .   ? 0.708   13.958  -4.704  1.00 9.92  ? 305 HOH   A O   1 
HETATM 1151 O  O   . HOH   J 6 .   ? 10.517  11.571  4.902   0.68 69.85 ? 306 HOH   A O   1 
HETATM 1152 O  O   . HOH   J 6 .   ? 13.009  -9.719  -1.996  0.66 26.78 ? 307 HOH   A O   1 
HETATM 1153 O  O   . HOH   J 6 .   ? -6.787  -10.140 8.245   1.00 18.82 ? 308 HOH   A O   1 
HETATM 1154 O  O   . HOH   J 6 .   ? 10.026  -17.302 -2.562  1.00 41.53 ? 309 HOH   A O   1 
HETATM 1155 O  O   . HOH   J 6 .   ? 3.675   -17.533 15.414  1.00 44.02 ? 310 HOH   A O   1 
HETATM 1156 O  O   . HOH   J 6 .   ? -6.124  -3.170  -17.622 1.00 42.42 ? 311 HOH   A O   1 
HETATM 1157 O  O   . HOH   J 6 .   ? 6.034   -16.442 7.571   1.00 32.29 ? 312 HOH   A O   1 
HETATM 1158 O  O   . HOH   J 6 .   ? 1.702   2.615   -15.821 1.00 35.25 ? 313 HOH   A O   1 
HETATM 1159 O  O   . HOH   J 6 .   ? -10.973 4.758   9.806   1.00 18.85 ? 314 HOH   A O   1 
HETATM 1160 O  O   . HOH   J 6 .   ? 11.316  -10.597 18.081  0.68 29.60 ? 315 HOH   A O   1 
HETATM 1161 O  O   . HOH   J 6 .   ? -14.887 3.853   8.741   1.00 31.28 ? 316 HOH   A O   1 
HETATM 1162 O  O   . HOH   J 6 .   ? 9.842   -14.365 3.667   0.66 31.09 ? 317 HOH   A O   1 
HETATM 1163 O  O   . HOH   J 6 .   ? 12.694  6.681   3.302   1.00 23.52 ? 318 HOH   A O   1 
HETATM 1164 O  O   . HOH   J 6 .   ? -19.063 6.731   6.613   1.00 29.92 ? 319 HOH   A O   1 
HETATM 1165 O  O   . HOH   J 6 .   ? -3.331  -2.797  11.942  1.00 29.77 ? 320 HOH   A O   1 
HETATM 1166 O  O   . HOH   J 6 .   ? 6.211   -15.058 12.426  1.00 40.73 ? 321 HOH   A O   1 
HETATM 1167 O  O   . HOH   J 6 .   ? 3.860   -21.174 4.333   0.66 41.79 ? 322 HOH   A O   1 
HETATM 1168 O  O   . HOH   J 6 .   ? -6.482  -5.266  -16.437 1.00 39.12 ? 323 HOH   A O   1 
HETATM 1169 O  O   . HOH   J 6 .   ? -5.728  -5.800  7.132   1.00 19.68 ? 324 HOH   A O   1 
HETATM 1170 O  O   . HOH   J 6 .   ? 16.737  -3.765  3.909   1.00 22.82 ? 325 HOH   A O   1 
HETATM 1171 O  O   . HOH   J 6 .   ? 11.258  -11.695 12.648  0.68 28.40 ? 326 HOH   A O   1 
HETATM 1172 O  O   . HOH   J 6 .   ? 1.384   -18.317 7.811   1.00 41.55 ? 327 HOH   A O   1 
HETATM 1173 O  O   . HOH   J 6 .   ? -9.227  15.421  -2.577  1.00 24.65 ? 328 HOH   A O   1 
HETATM 1174 O  O   . HOH   J 6 .   ? -17.793 11.079  -0.266  1.00 22.92 ? 329 HOH   A O   1 
HETATM 1175 O  O   . HOH   J 6 .   ? 4.900   -4.959  14.640  1.00 25.62 ? 330 HOH   A O   1 
HETATM 1176 O  O   . HOH   J 6 .   ? 7.912   5.229   11.231  1.00 33.39 ? 331 HOH   A O   1 
HETATM 1177 O  O   . HOH   J 6 .   ? -7.850  -14.703 -4.619  1.00 24.59 ? 332 HOH   A O   1 
HETATM 1178 O  O   . HOH   J 6 .   ? 0.758   1.744   7.121   1.00 12.54 ? 333 HOH   A O   1 
HETATM 1179 O  O   . HOH   J 6 .   ? 2.251   1.444   11.858  1.00 29.31 ? 334 HOH   A O   1 
HETATM 1180 O  O   . HOH   J 6 .   ? 2.438   3.283   12.967  1.00 24.48 ? 335 HOH   A O   1 
HETATM 1181 O  O   . HOH   J 6 .   ? 5.890   17.119  8.362   0.68 34.37 ? 336 HOH   A O   1 
HETATM 1182 O  O   . HOH   J 6 .   ? 4.977   -7.486  13.166  1.00 27.65 ? 337 HOH   A O   1 
HETATM 1183 O  O   . HOH   J 6 .   ? 1.193   4.279   -12.146 1.00 13.65 ? 338 HOH   A O   1 
HETATM 1184 O  O   . HOH   J 6 .   ? -14.566 6.822   -6.716  1.00 23.29 ? 339 HOH   A O   1 
HETATM 1185 O  O   . HOH   J 6 .   ? 14.741  6.680   -0.529  1.00 27.84 ? 340 HOH   A O   1 
HETATM 1186 O  O   . HOH   J 6 .   ? 15.690  4.704   -2.448  0.68 29.64 ? 341 HOH   A O   1 
HETATM 1187 O  O   . HOH   J 6 .   ? -2.025  -18.169 6.352   1.00 37.61 ? 342 HOH   A O   1 
HETATM 1188 O  O   . HOH   J 6 .   ? -0.697  -4.503  -13.477 1.00 17.13 ? 343 HOH   A O   1 
HETATM 1189 O  O   . HOH   J 6 .   ? 6.683   19.210  -3.896  1.00 16.95 ? 344 HOH   A O   1 
HETATM 1190 O  O   . HOH   J 6 .   ? -2.560  15.799  7.410   0.68 15.98 ? 345 HOH   A O   1 
HETATM 1191 O  O   . HOH   J 6 .   ? -10.196 -11.343 5.612   1.00 28.76 ? 346 HOH   A O   1 
HETATM 1192 O  O   . HOH   J 6 .   ? -11.358 7.437   10.023  1.00 21.43 ? 347 HOH   A O   1 
HETATM 1193 O  O   . HOH   J 6 .   ? -8.597  -13.529 2.811   1.00 19.80 ? 348 HOH   A O   1 
HETATM 1194 O  O   . HOH   J 6 .   ? 9.818   3.484   13.688  1.00 21.80 ? 349 HOH   A O   1 
HETATM 1195 O  O   . HOH   J 6 .   ? -15.341 4.814   -9.839  1.00 37.52 ? 350 HOH   A O   1 
HETATM 1196 O  O   . HOH   J 6 .   ? 11.710  -11.826 14.943  0.68 32.76 ? 351 HOH   A O   1 
HETATM 1197 O  O   . HOH   J 6 .   ? 4.571   -3.730  -8.683  1.00 16.83 ? 352 HOH   A O   1 
HETATM 1198 O  O   . HOH   J 6 .   ? 4.079   -2.494  15.882  1.00 25.09 ? 353 HOH   A O   1 
HETATM 1199 O  O   . HOH   J 6 .   ? 3.579   13.993  -10.266 1.00 17.18 ? 354 HOH   A O   1 
HETATM 1200 O  O   . HOH   J 6 .   ? -3.655  -14.644 5.265   1.00 17.89 ? 355 HOH   A O   1 
HETATM 1201 O  O   . HOH   J 6 .   ? -17.523 11.266  4.534   1.00 21.72 ? 356 HOH   A O   1 
HETATM 1202 O  O   . HOH   J 6 .   ? 15.099  1.022   1.574   1.00 19.14 ? 357 HOH   A O   1 
HETATM 1203 O  O   . HOH   J 6 .   ? -1.558  -11.283 11.822  1.00 18.63 ? 358 HOH   A O   1 
HETATM 1204 O  O   . HOH   J 6 .   ? -6.287  13.278  -3.069  1.00 14.44 ? 359 HOH   A O   1 
HETATM 1205 O  O   . HOH   J 6 .   ? 8.689   9.958   7.174   1.00 17.65 ? 360 HOH   A O   1 
HETATM 1206 O  O   . HOH   J 6 .   ? -7.020  3.466   6.687   1.00 15.08 ? 361 HOH   A O   1 
HETATM 1207 O  O   . HOH   J 6 .   ? 6.115   9.130   9.275   1.00 45.86 ? 362 HOH   A O   1 
HETATM 1208 O  O   . HOH   J 6 .   ? 13.266  8.270   -4.612  1.00 31.91 ? 363 HOH   A O   1 
HETATM 1209 O  O   . HOH   J 6 .   ? 1.845   -6.048  -9.879  1.00 12.33 ? 364 HOH   A O   1 
HETATM 1210 O  O   . HOH   J 6 .   ? -12.652 8.191   -9.194  1.00 19.90 ? 365 HOH   A O   1 
HETATM 1211 O  O   . HOH   J 6 .   ? -0.600  -9.278  -17.706 1.00 24.24 ? 366 HOH   A O   1 
HETATM 1212 O  O   . HOH   J 6 .   ? 1.250   13.621  8.639   0.68 40.78 ? 367 HOH   A O   1 
HETATM 1213 O  O   . HOH   J 6 .   ? -0.562  -17.655 -4.373  1.00 23.31 ? 368 HOH   A O   1 
HETATM 1214 O  O   . HOH   J 6 .   ? 1.025   9.009   6.769   1.00 15.76 ? 369 HOH   A O   1 
HETATM 1215 O  O   . HOH   J 6 .   ? -14.393 -3.572  -12.912 1.00 41.61 ? 370 HOH   A O   1 
HETATM 1216 O  O   . HOH   J 6 .   ? 3.405   -1.899  -14.723 1.00 24.58 ? 371 HOH   A O   1 
HETATM 1217 O  O   . HOH   J 6 .   ? 13.490  -4.074  -2.856  1.00 41.72 ? 372 HOH   A O   1 
HETATM 1218 O  O   . HOH   J 6 .   ? 12.218  -0.615  -5.689  1.00 35.67 ? 373 HOH   A O   1 
HETATM 1219 O  O   . HOH   J 6 .   ? -10.986 -8.297  -0.725  1.00 31.75 ? 374 HOH   A O   1 
HETATM 1220 O  O   . HOH   J 6 .   ? 3.300   16.757  -9.906  1.00 15.09 ? 375 HOH   A O   1 
HETATM 1221 O  O   . HOH   J 6 .   ? 2.619   -16.470 3.862   1.00 35.17 ? 376 HOH   A O   1 
HETATM 1222 O  O   . HOH   J 6 .   ? -9.405  6.921   -11.250 1.00 10.17 ? 377 HOH   A O   1 
HETATM 1223 O  O   . HOH   J 6 .   ? -2.228  -14.261 -0.314  1.00 16.74 ? 378 HOH   A O   1 
HETATM 1224 O  O   . HOH   J 6 .   ? -0.086  -6.548  -11.668 1.00 12.02 ? 379 HOH   A O   1 
HETATM 1225 O  O   . HOH   J 6 .   ? 4.847   2.230   -3.905  1.00 13.58 ? 380 HOH   A O   1 
HETATM 1226 O  O   . HOH   J 6 .   ? -7.359  5.126   4.406   1.00 10.05 ? 381 HOH   A O   1 
HETATM 1227 O  O   . HOH   J 6 .   ? 3.469   -16.378 6.427   1.00 25.86 ? 382 HOH   A O   1 
HETATM 1228 O  O   . HOH   J 6 .   ? 15.298  -6.698  12.764  1.00 21.12 ? 383 HOH   A O   1 
HETATM 1229 O  O   . HOH   J 6 .   ? 13.884  13.891  -2.629  1.00 20.25 ? 384 HOH   A O   1 
HETATM 1230 O  O   . HOH   J 6 .   ? 7.657   -5.977  -9.837  1.00 24.15 ? 385 HOH   A O   1 
HETATM 1231 O  O   . HOH   J 6 .   ? 10.144  3.776   9.526   1.00 22.45 ? 386 HOH   A O   1 
HETATM 1232 O  O   . HOH   J 6 .   ? 13.870  0.914   15.798  1.00 18.34 ? 387 HOH   A O   1 
HETATM 1233 O  O   . HOH   J 6 .   ? -1.086  13.443  -6.394  1.00 13.18 ? 388 HOH   A O   1 
HETATM 1234 O  O   . HOH   J 6 .   ? -5.446  -1.549  6.216   1.00 17.86 ? 389 HOH   A O   1 
HETATM 1235 O  O   . HOH   J 6 .   ? 4.512   8.297   -0.337  1.00 12.94 ? 390 HOH   A O   1 
HETATM 1236 O  O   . HOH   J 6 .   ? -5.230  15.699  -0.230  1.00 20.29 ? 391 HOH   A O   1 
HETATM 1237 O  O   . HOH   J 6 .   ? -4.111  -20.334 10.133  1.00 51.11 ? 392 HOH   A O   1 
HETATM 1238 O  O   . HOH   J 6 .   ? -2.672  -17.788 13.962  1.00 23.40 ? 393 HOH   A O   1 
HETATM 1239 O  O   . HOH   J 6 .   ? -0.999  -18.803 0.110   1.00 45.81 ? 394 HOH   A O   1 
HETATM 1240 O  O   . HOH   J 6 .   ? -9.518  -8.754  3.551   1.00 31.53 ? 395 HOH   A O   1 
HETATM 1241 O  O   . HOH   J 6 .   ? 9.138   -7.934  -6.749  1.00 21.00 ? 396 HOH   A O   1 
HETATM 1242 O  O   . HOH   J 6 .   ? -10.320 13.911  -7.029  1.00 13.94 ? 397 HOH   A O   1 
HETATM 1243 O  O   . HOH   J 6 .   ? -2.654  -2.858  -12.404 1.00 13.91 ? 398 HOH   A O   1 
HETATM 1244 O  O   . HOH   J 6 .   ? 15.129  -9.262  13.794  1.00 24.77 ? 399 HOH   A O   1 
HETATM 1245 O  O   . HOH   J 6 .   ? -13.953 -11.719 -5.001  1.00 21.13 ? 400 HOH   A O   1 
HETATM 1246 O  O   . HOH   J 6 .   ? 12.417  -11.442 10.564  0.68 30.99 ? 401 HOH   A O   1 
HETATM 1247 O  O   . HOH   J 6 .   ? -0.653  -11.426 9.284   1.00 17.14 ? 402 HOH   A O   1 
HETATM 1248 O  O   . HOH   J 6 .   ? -3.763  18.904  -2.871  1.00 26.56 ? 403 HOH   A O   1 
HETATM 1249 O  O   . HOH   J 6 .   ? 3.517   19.615  -1.919  0.68 28.52 ? 404 HOH   A O   1 
HETATM 1250 O  O   . HOH   J 6 .   ? 8.168   -16.206 2.073   0.66 24.73 ? 405 HOH   A O   1 
HETATM 1251 O  O   . HOH   J 6 .   ? -10.819 -1.613  0.541   1.00 16.49 ? 406 HOH   A O   1 
HETATM 1252 O  O   . HOH   J 6 .   ? 2.211   14.205  -2.774  1.00 13.74 ? 407 HOH   A O   1 
HETATM 1253 O  O   . HOH   J 6 .   ? 7.433   -12.312 14.912  1.00 36.86 ? 408 HOH   A O   1 
HETATM 1254 O  O   . HOH   J 6 .   ? -3.824  13.302  7.649   1.00 19.68 ? 409 HOH   A O   1 
HETATM 1255 O  O   . HOH   J 6 .   ? -13.012 -7.275  -3.680  1.00 22.91 ? 410 HOH   A O   1 
HETATM 1256 O  O   . HOH   J 6 .   ? 10.180  5.460   5.149   1.00 16.36 ? 411 HOH   A O   1 
HETATM 1257 O  O   . HOH   J 6 .   ? 4.941   -0.860  -3.778  1.00 11.14 ? 412 HOH   A O   1 
HETATM 1258 O  O   . HOH   J 6 .   ? 3.866   4.869   13.141  0.68 27.03 ? 413 HOH   A O   1 
HETATM 1259 O  O   . HOH   J 6 .   ? -2.041  7.332   9.975   1.00 20.03 ? 414 HOH   A O   1 
HETATM 1260 O  O   . HOH   J 6 .   ? -11.799 14.533  7.131   1.00 10.90 ? 415 HOH   A O   1 
HETATM 1261 O  O   . HOH   J 6 .   ? -18.037 2.821   2.295   1.00 23.25 ? 416 HOH   A O   1 
HETATM 1262 O  O   . HOH   J 6 .   ? 1.005   16.297  -8.203  1.00 15.00 ? 417 HOH   A O   1 
HETATM 1263 O  O   . HOH   J 6 .   ? -0.407  -4.993  14.569  1.00 34.27 ? 418 HOH   A O   1 
HETATM 1264 O  O   . HOH   J 6 .   ? 2.151   11.803  -8.098  1.00 13.40 ? 419 HOH   A O   1 
HETATM 1265 O  O   . HOH   J 6 .   ? 6.446   12.502  -1.649  1.00 13.22 ? 420 HOH   A O   1 
HETATM 1266 O  O   . HOH   J 6 .   ? -18.447 5.016   -2.454  1.00 21.92 ? 421 HOH   A O   1 
HETATM 1267 O  O   . HOH   J 6 .   ? 16.779  1.193   4.864   1.00 19.05 ? 422 HOH   A O   1 
HETATM 1268 O  O   . HOH   J 6 .   ? -5.085  1.464   11.633  1.00 33.35 ? 423 HOH   A O   1 
HETATM 1269 O  O   . HOH   J 6 .   ? 7.767   0.817   -10.697 1.00 16.90 ? 424 HOH   A O   1 
HETATM 1270 O  O   . HOH   J 6 .   ? 0.269   -11.345 15.745  1.00 26.49 ? 425 HOH   A O   1 
HETATM 1271 O  O   . HOH   J 6 .   ? 1.321   16.195  -1.149  1.00 18.80 ? 426 HOH   A O   1 
HETATM 1272 O  O   . HOH   J 6 .   ? -9.334  -4.309  -14.437 1.00 23.02 ? 427 HOH   A O   1 
HETATM 1273 O  O   . HOH   J 6 .   ? -3.377  15.533  -10.132 1.00 14.47 ? 428 HOH   A O   1 
HETATM 1274 O  O   . HOH   J 6 .   ? 1.061   16.317  2.944   1.00 22.25 ? 429 HOH   A O   1 
HETATM 1275 O  O   . HOH   J 6 .   ? 6.905   9.805   -2.272  1.00 17.87 ? 430 HOH   A O   1 
HETATM 1276 O  O   . HOH   J 6 .   ? -10.712 16.761  3.448   1.00 16.27 ? 431 HOH   A O   1 
HETATM 1277 O  O   . HOH   J 6 .   ? 13.374  -8.675  17.825  1.00 23.38 ? 432 HOH   A O   1 
HETATM 1278 O  O   . HOH   J 6 .   ? -5.396  -10.439 -14.239 1.00 16.15 ? 433 HOH   A O   1 
HETATM 1279 O  O   . HOH   J 6 .   ? 7.816   3.025   -14.541 1.00 28.96 ? 434 HOH   A O   1 
HETATM 1280 O  O   . HOH   J 6 .   ? 6.900   -14.306 9.217   1.00 27.65 ? 435 HOH   A O   1 
HETATM 1281 O  O   . HOH   J 6 .   ? -14.338 13.470  -1.007  1.00 22.12 ? 436 HOH   A O   1 
HETATM 1282 O  O   . HOH   J 6 .   ? -1.517  1.693   -16.595 1.00 16.58 ? 437 HOH   A O   1 
HETATM 1283 O  O   . HOH   J 6 .   ? 7.600   5.475   -15.322 1.00 44.92 ? 438 HOH   A O   1 
HETATM 1284 O  O   . HOH   J 6 .   ? 13.795  -11.725 5.609   0.66 25.56 ? 439 HOH   A O   1 
HETATM 1285 O  O   . HOH   J 6 .   ? 0.594   11.314  -5.672  1.00 14.19 ? 440 HOH   A O   1 
HETATM 1286 O  O   . HOH   J 6 .   ? -8.253  -10.519 1.372   1.00 23.95 ? 441 HOH   A O   1 
HETATM 1287 O  O   . HOH   J 6 .   ? -11.826 2.442   -16.245 1.00 49.03 ? 442 HOH   A O   1 
HETATM 1288 O  O   . HOH   J 6 .   ? 4.323   11.206  -0.167  1.00 14.46 ? 443 HOH   A O   1 
HETATM 1289 O  O   . HOH   J 6 .   ? -9.812  16.403  6.463   1.00 13.78 ? 444 HOH   A O   1 
HETATM 1290 O  O   . HOH   J 6 .   ? 11.831  -15.456 -1.112  0.66 29.03 ? 445 HOH   A O   1 
HETATM 1291 O  O   . HOH   J 6 .   ? -6.325  6.048   9.245   1.00 21.41 ? 446 HOH   A O   1 
HETATM 1292 O  O   . HOH   J 6 .   ? -5.198  -14.043 -7.818  1.00 14.06 ? 447 HOH   A O   1 
HETATM 1293 O  O   . HOH   J 6 .   ? 7.076   -0.640  18.521  1.00 19.00 ? 448 HOH   A O   1 
HETATM 1294 O  O   . HOH   J 6 .   ? -8.659  -16.359 -0.321  1.00 32.91 ? 449 HOH   A O   1 
HETATM 1295 O  O   . HOH   J 6 .   ? -9.276  -6.027  5.039   1.00 22.68 ? 450 HOH   A O   1 
HETATM 1296 O  O   . HOH   J 6 .   ? -2.950  0.185   -18.784 1.00 25.49 ? 451 HOH   A O   1 
HETATM 1297 O  O   . HOH   J 6 .   ? 6.862   -8.584  18.867  0.68 30.37 ? 452 HOH   A O   1 
HETATM 1298 O  O   . HOH   J 6 .   ? -0.693  -11.751 18.121  1.00 43.70 ? 453 HOH   A O   1 
HETATM 1299 O  O   . HOH   J 6 .   ? -18.548 12.157  2.308   1.00 23.15 ? 454 HOH   A O   1 
HETATM 1300 O  O   . HOH   J 6 .   ? 11.050  -4.082  -5.221  1.00 25.72 ? 455 HOH   A O   1 
HETATM 1301 O  O   . HOH   J 6 .   ? -11.940 5.944   -10.787 1.00 16.73 ? 456 HOH   A O   1 
HETATM 1302 O  O   . HOH   J 6 .   ? 9.795   -4.414  19.953  0.68 35.61 ? 457 HOH   A O   1 
HETATM 1303 O  O   . HOH   J 6 .   ? 10.843  -8.607  -2.854  1.00 32.11 ? 458 HOH   A O   1 
HETATM 1304 O  O   . HOH   J 6 .   ? 10.853  18.266  -1.495  1.00 16.48 ? 459 HOH   A O   1 
HETATM 1305 O  O   . HOH   J 6 .   ? -0.733  -0.178  11.275  1.00 20.38 ? 460 HOH   A O   1 
HETATM 1306 O  O   . HOH   J 6 .   ? -21.307 11.824  2.930   1.00 34.94 ? 461 HOH   A O   1 
HETATM 1307 O  O   . HOH   J 6 .   ? -1.660  10.278  1.357   1.00 14.61 ? 462 HOH   A O   1 
HETATM 1308 O  O   . HOH   J 6 .   ? -13.095 5.205   -12.705 1.00 54.31 ? 463 HOH   A O   1 
HETATM 1309 O  O   . HOH   J 6 .   ? 13.700  10.658  -6.117  1.00 21.62 ? 464 HOH   A O   1 
HETATM 1310 O  O   . HOH   J 6 .   ? -12.385 9.502   -3.239  1.00 12.03 ? 465 HOH   A O   1 
HETATM 1311 O  O   . HOH   J 6 .   ? -6.364  15.909  -2.899  1.00 17.48 ? 466 HOH   A O   1 
HETATM 1312 O  O   . HOH   J 6 .   ? 15.472  -8.418  10.679  1.00 29.02 ? 467 HOH   A O   1 
HETATM 1313 O  O   . HOH   J 6 .   ? -13.951 0.002   -9.417  1.00 24.10 ? 468 HOH   A O   1 
HETATM 1314 O  O   . HOH   J 6 .   ? 7.535   2.921   17.131  1.00 22.27 ? 469 HOH   A O   1 
HETATM 1315 O  O   . HOH   J 6 .   ? 2.204   14.210  -6.570  1.00 12.95 ? 470 HOH   A O   1 
HETATM 1316 O  O   . HOH   J 6 .   ? -8.448  -0.717  4.767   1.00 17.07 ? 471 HOH   A O   1 
HETATM 1317 O  O   . HOH   J 6 .   ? -0.132  2.144   9.766   1.00 15.32 ? 472 HOH   A O   1 
HETATM 1318 O  O   . HOH   J 6 .   ? 2.788   -10.169 16.124  1.00 27.43 ? 473 HOH   A O   1 
HETATM 1319 O  O   . HOH   J 6 .   ? -11.332 -14.238 -7.285  1.00 42.27 ? 474 HOH   A O   1 
HETATM 1320 O  O   . HOH   J 6 .   ? -12.393 8.174   -5.628  1.00 15.44 ? 475 HOH   A O   1 
HETATM 1321 O  O   . HOH   J 6 .   ? -4.652  -10.874 -16.848 1.00 24.94 ? 476 HOH   A O   1 
HETATM 1322 O  O   . HOH   J 6 .   ? 15.934  -1.884  0.298   1.00 40.30 ? 477 HOH   A O   1 
HETATM 1323 O  O   . HOH   J 6 .   ? -6.020  -10.092 10.060  1.00 21.07 ? 478 HOH   A O   1 
HETATM 1324 O  O   . HOH   J 6 .   ? 14.800  -8.489  2.729   0.66 27.63 ? 479 HOH   A O   1 
HETATM 1325 O  O   . HOH   J 6 .   ? -4.943  -2.361  9.660   1.00 21.67 ? 480 HOH   A O   1 
HETATM 1326 O  O   . HOH   J 6 .   ? 13.019  16.730  -5.189  1.00 31.92 ? 481 HOH   A O   1 
HETATM 1327 O  O   . HOH   J 6 .   ? 1.255   -18.740 13.121  1.00 41.06 ? 482 HOH   A O   1 
HETATM 1328 O  O   . HOH   J 6 .   ? -9.138  -8.572  7.280   1.00 36.40 ? 483 HOH   A O   1 
HETATM 1329 O  O   . HOH   J 6 .   ? 0.293   16.226  -4.801  1.00 18.31 ? 484 HOH   A O   1 
HETATM 1330 O  O   . HOH   J 6 .   ? 14.922  -5.514  2.741   1.00 18.72 ? 485 HOH   A O   1 
HETATM 1331 O  O   . HOH   J 6 .   ? 1.581   20.087  -6.007  1.00 33.05 ? 486 HOH   A O   1 
HETATM 1332 O  O   . HOH   J 6 .   ? 1.735   12.076  -0.986  1.00 11.87 ? 487 HOH   A O   1 
HETATM 1333 O  O   . HOH   J 6 .   ? -11.986 -5.982  -9.238  1.00 23.71 ? 488 HOH   A O   1 
HETATM 1334 O  O   . HOH   J 6 .   ? 3.103   -16.922 -4.695  1.00 24.54 ? 489 HOH   A O   1 
HETATM 1335 O  O   . HOH   J 6 .   ? 14.041  -4.676  20.424  1.00 25.19 ? 490 HOH   A O   1 
HETATM 1336 O  O   . HOH   J 6 .   ? 6.353   -1.268  -11.312 1.00 29.61 ? 491 HOH   A O   1 
HETATM 1337 O  O   . HOH   J 6 .   ? 1.186   0.697   13.711  1.00 28.23 ? 492 HOH   A O   1 
HETATM 1338 O  O   . HOH   J 6 .   ? -10.998 -1.999  4.000   1.00 18.60 ? 493 HOH   A O   1 
HETATM 1339 O  O   . HOH   J 6 .   ? -13.898 1.917   -11.507 1.00 28.74 ? 494 HOH   A O   1 
HETATM 1340 O  O   . HOH   J 6 .   ? 6.577   -10.523 16.093  0.68 43.73 ? 495 HOH   A O   1 
HETATM 1341 O  O   . HOH   J 6 .   ? 16.883  2.899   2.361   0.68 24.59 ? 496 HOH   A O   1 
HETATM 1342 O  O   . HOH   J 6 .   ? -14.399 7.429   14.871  1.00 28.01 ? 497 HOH   A O   1 
HETATM 1343 O  O   . HOH   J 6 .   ? 5.544   -17.793 -4.988  0.66 24.83 ? 498 HOH   A O   1 
HETATM 1344 O  O   . HOH   J 6 .   ? 10.949  -7.918  19.200  0.68 29.26 ? 499 HOH   A O   1 
HETATM 1345 O  O   . HOH   J 6 .   ? 8.480   -12.259 -6.257  1.00 20.52 ? 500 HOH   A O   1 
HETATM 1346 O  O   . HOH   J 6 .   ? -0.166  12.639  1.010   1.00 17.27 ? 501 HOH   A O   1 
HETATM 1347 O  O   . HOH   J 6 .   ? -14.160 -6.989  -10.804 1.00 47.37 ? 502 HOH   A O   1 
HETATM 1348 O  O   . HOH   J 6 .   ? 5.744   13.363  9.716   0.68 40.47 ? 503 HOH   A O   1 
HETATM 1349 O  O   . HOH   J 6 .   ? 13.036  5.964   -6.820  1.00 41.58 ? 504 HOH   A O   1 
HETATM 1350 O  O   . HOH   J 6 .   ? 13.745  8.836   -1.901  1.00 24.47 ? 505 HOH   A O   1 
HETATM 1351 O  O   . HOH   J 6 .   ? 10.280  -15.911 1.347   0.66 26.75 ? 506 HOH   A O   1 
HETATM 1352 O  O   . HOH   J 6 .   ? -1.106  11.847  9.162   0.68 23.64 ? 507 HOH   A O   1 
HETATM 1353 O  O   . HOH   J 6 .   ? 5.372   7.018   12.152  0.68 33.14 ? 508 HOH   A O   1 
HETATM 1354 O  O   . HOH   J 6 .   ? 5.410   21.846  -7.318  1.00 56.80 ? 509 HOH   A O   1 
HETATM 1355 O  O   . HOH   J 6 .   ? -3.887  -16.115 3.117   1.00 54.94 ? 510 HOH   A O   1 
HETATM 1356 O  O   . HOH   J 6 .   ? -18.130 2.699   4.994   1.00 26.17 ? 511 HOH   A O   1 
HETATM 1357 O  O   . HOH   J 6 .   ? 13.877  14.994  -6.860  1.00 39.56 ? 512 HOH   A O   1 
HETATM 1358 O  O   . HOH   J 6 .   ? -16.247 2.555   6.764   1.00 49.40 ? 513 HOH   A O   1 
HETATM 1359 O  O   . HOH   J 6 .   ? 9.251   -10.017 -5.055  1.00 22.63 ? 514 HOH   A O   1 
HETATM 1360 O  O   . HOH   J 6 .   ? -4.315  16.794  5.486   1.00 23.78 ? 515 HOH   A O   1 
HETATM 1361 O  O   . HOH   J 6 .   ? -0.995  -13.965 19.565  1.00 46.20 ? 516 HOH   A O   1 
HETATM 1362 O  O   . HOH   J 6 .   ? 15.958  5.484   2.836   0.68 32.27 ? 517 HOH   A O   1 
HETATM 1363 O  O   . HOH   J 6 .   ? -0.441  -18.927 14.732  1.00 30.46 ? 518 HOH   A O   1 
HETATM 1364 O  O   . HOH   J 6 .   ? 9.201   -14.127 -4.671  1.00 27.03 ? 519 HOH   A O   1 
HETATM 1365 O  O   . HOH   J 6 .   ? -7.708  -8.887  -14.107 1.00 19.36 ? 520 HOH   A O   1 
HETATM 1366 O  O   . HOH   J 6 .   ? 13.616  10.650  -14.030 1.00 46.60 ? 521 HOH   A O   1 
HETATM 1367 O  O   . HOH   J 6 .   ? 13.185  3.150   -7.684  1.00 30.86 ? 522 HOH   A O   1 
HETATM 1368 O  O   . HOH   J 6 .   ? -10.995 14.522  -4.542  1.00 20.91 ? 523 HOH   A O   1 
HETATM 1369 O  O   . HOH   J 6 .   ? -8.283  17.274  -3.386  1.00 33.62 ? 524 HOH   A O   1 
HETATM 1370 O  O   . HOH   J 6 .   ? 1.519   -1.265  15.645  1.00 40.99 ? 525 HOH   A O   1 
HETATM 1371 O  O   . HOH   J 6 .   ? 7.455   21.517  0.003   1.00 44.69 ? 526 HOH   A O   1 
HETATM 1372 O  O   . HOH   J 6 .   ? -6.642  18.262  4.623   1.00 42.46 ? 527 HOH   A O   1 
HETATM 1373 O  O   . HOH   J 6 .   ? 5.364   -18.368 12.743  1.00 53.73 ? 528 HOH   A O   1 
HETATM 1374 O  O   . HOH   J 6 .   ? -14.184 11.564  -2.930  1.00 21.25 ? 529 HOH   A O   1 
HETATM 1375 O  O   . HOH   J 6 .   ? 8.100   -16.671 -4.854  1.00 31.52 ? 530 HOH   A O   1 
HETATM 1376 O  O   . HOH   J 6 .   ? -1.053  -17.012 17.564  1.00 49.79 ? 531 HOH   A O   1 
HETATM 1377 O  O   . HOH   J 6 .   ? -8.024  -7.035  -16.155 1.00 39.51 ? 532 HOH   A O   1 
HETATM 1378 O  O   . HOH   J 6 .   ? -18.879 7.849   12.764  1.00 30.70 ? 533 HOH   A O   1 
HETATM 1379 O  O   . HOH   J 6 .   ? -0.369  9.090   9.259   1.00 24.35 ? 534 HOH   A O   1 
HETATM 1380 O  O   . HOH   J 6 .   ? -17.205 7.131   14.514  1.00 46.24 ? 535 HOH   A O   1 
HETATM 1381 O  O   . HOH   J 6 .   ? -6.781  -12.119 12.854  0.68 20.10 ? 536 HOH   A O   1 
HETATM 1382 O  O   . HOH   J 6 .   ? 13.390  15.001  -15.708 1.00 33.58 ? 537 HOH   A O   1 
HETATM 1383 O  O   . HOH   J 6 .   ? -4.333  -10.492 12.215  1.00 21.81 ? 538 HOH   A O   1 
HETATM 1384 O  O   . HOH   J 6 .   ? -10.727 -16.934 1.322   1.00 28.08 ? 539 HOH   A O   1 
HETATM 1385 O  O   . HOH   J 6 .   ? -8.088  3.864   9.759   1.00 34.84 ? 540 HOH   A O   1 
HETATM 1386 O  O   . HOH   J 6 .   ? 4.348   -1.746  18.425  0.68 27.82 ? 541 HOH   A O   1 
HETATM 1387 O  O   . HOH   J 6 .   ? 14.769  13.038  -5.006  1.00 27.82 ? 542 HOH   A O   1 
HETATM 1388 O  O   . HOH   J 6 .   ? 12.874  -11.973 -3.653  0.66 30.24 ? 543 HOH   A O   1 
HETATM 1389 O  O   . HOH   J 6 .   ? 11.546  6.128   8.645   1.00 36.58 ? 544 HOH   A O   1 
HETATM 1390 O  O   . HOH   J 6 .   ? 6.191   5.961   13.977  1.00 38.53 ? 545 HOH   A O   1 
HETATM 1391 O  O   . HOH   J 6 .   ? -6.395  -4.873  9.479   1.00 36.70 ? 546 HOH   A O   1 
HETATM 1392 O  O   . HOH   J 6 .   ? -2.862  0.216   12.343  1.00 41.51 ? 547 HOH   A O   1 
HETATM 1393 O  O   . HOH   J 6 .   ? 6.732   2.141   18.750  1.00 41.98 ? 548 HOH   A O   1 
HETATM 1394 O  O   . HOH   J 6 .   ? 11.235  -6.579  -4.394  1.00 39.51 ? 549 HOH   A O   1 
HETATM 1395 O  O   . HOH   J 6 .   ? 3.219   -7.580  14.936  0.68 28.76 ? 550 HOH   A O   1 
HETATM 1396 O  O   . HOH   J 6 .   ? -7.841  0.715   7.054   1.00 39.21 ? 551 HOH   A O   1 
HETATM 1397 O  O   . HOH   J 6 .   ? -7.488  19.500  -6.016  1.00 44.57 ? 552 HOH   A O   1 
HETATM 1398 O  O   . HOH   J 6 .   ? -9.247  18.227  -5.487  1.00 40.06 ? 553 HOH   A O   1 
HETATM 1399 O  O   . HOH   J 6 .   ? 11.486  -14.420 -3.337  0.66 25.34 ? 554 HOH   A O   1 
HETATM 1400 O  O   . HOH   J 6 .   ? 8.346   -1.896  20.792  0.68 28.14 ? 555 HOH   A O   1 
HETATM 1401 O  O   . HOH   J 6 .   ? -2.719  16.613  0.788   1.00 21.12 ? 556 HOH   A O   1 
HETATM 1402 O  O   . HOH   J 6 .   ? -9.514  18.307  1.215   1.00 29.19 ? 557 HOH   A O   1 
HETATM 1403 O  O   . HOH   J 6 .   ? 3.634   -4.784  -11.505 1.00 25.25 ? 558 HOH   A O   1 
HETATM 1404 O  O   . HOH   J 6 .   ? 0.740   -7.388  14.203  1.00 34.22 ? 559 HOH   A O   1 
HETATM 1405 O  O   . HOH   J 6 .   ? -11.778 -12.375 3.769   1.00 22.17 ? 560 HOH   A O   1 
HETATM 1406 O  O   . HOH   J 6 .   ? -9.744  -10.674 -14.670 1.00 30.55 ? 561 HOH   A O   1 
HETATM 1407 O  O   . HOH   J 6 .   ? -0.392  15.226  0.850   1.00 20.51 ? 562 HOH   A O   1 
HETATM 1408 O  O   . HOH   J 6 .   ? -0.929  14.536  -9.065  1.00 13.29 ? 563 HOH   A O   1 
HETATM 1409 O  O   . HOH   J 6 .   ? 16.488  7.755   1.289   1.00 36.05 ? 564 HOH   A O   1 
HETATM 1410 O  O   . HOH   J 6 .   ? 13.151  -4.293  23.044  1.00 41.42 ? 565 HOH   A O   1 
HETATM 1411 O  O   . HOH   J 6 .   ? 5.093   14.320  11.042  1.00 46.31 ? 566 HOH   A O   1 
HETATM 1412 O  O   . HOH   J 6 .   ? -0.819  -9.519  14.006  1.00 25.81 ? 567 HOH   A O   1 
HETATM 1413 O  O   . HOH   J 6 .   ? 1.976   -4.076  -14.244 1.00 22.37 ? 568 HOH   A O   1 
HETATM 1414 O  O   . HOH   J 6 .   ? -16.840 11.290  -3.744  1.00 32.13 ? 569 HOH   A O   1 
HETATM 1415 O  O   . HOH   J 6 .   ? 0.921   12.896  -10.424 1.00 12.76 ? 570 HOH   A O   1 
HETATM 1416 O  O   . HOH   J 6 .   ? -7.067  17.574  1.016   1.00 27.50 ? 571 HOH   A O   1 
HETATM 1417 O  O   . HOH   J 6 .   ? 0.140   18.068  -2.563  1.00 27.22 ? 572 HOH   A O   1 
HETATM 1418 O  O   . HOH   J 6 .   ? -18.951 5.418   9.512   1.00 42.53 ? 573 HOH   A O   1 
HETATM 1419 O  O   . HOH   J 6 .   ? 2.313   11.277  8.024   0.68 16.36 ? 574 HOH   A O   1 
HETATM 1420 O  O   . HOH   J 6 .   ? 15.870  -10.787 16.793  1.00 40.83 ? 575 HOH   A O   1 
HETATM 1421 O  O   . HOH   J 6 .   ? -6.718  -0.548  9.652   1.00 38.94 ? 576 HOH   A O   1 
HETATM 1422 O  O   . HOH   J 6 .   ? -19.347 9.233   8.059   1.00 24.80 ? 577 HOH   A O   1 
HETATM 1423 O  O   . HOH   J 6 .   ? 9.386   19.915  -3.342  1.00 30.19 ? 578 HOH   A O   1 
HETATM 1424 O  O   . HOH   J 6 .   ? -9.808  -2.097  -16.253 1.00 39.01 ? 579 HOH   A O   1 
HETATM 1425 O  O   . HOH   J 6 .   ? -2.076  18.723  -1.029  1.00 28.03 ? 580 HOH   A O   1 
HETATM 1426 O  O   . HOH   J 6 .   ? 14.600  5.885   -4.589  0.68 34.76 ? 581 HOH   A O   1 
HETATM 1427 O  O   . HOH   J 6 .   ? 0.165   3.989   11.751  1.00 22.26 ? 582 HOH   A O   1 
HETATM 1428 O  O   . HOH   J 6 .   ? 5.375   21.202  -2.691  1.00 33.36 ? 583 HOH   A O   1 
HETATM 1429 O  O   . HOH   J 6 .   ? -17.086 7.518   -6.294  1.00 34.43 ? 584 HOH   A O   1 
HETATM 1430 O  O   . HOH   J 6 .   ? 3.560   4.562   15.391  1.00 34.54 ? 585 HOH   A O   1 
HETATM 1431 O  O   . HOH   J 6 .   ? 9.859   -14.003 9.036   1.00 36.74 ? 586 HOH   A O   1 
HETATM 1432 O  O   . HOH   J 6 .   ? 1.780   20.070  -3.515  1.00 28.79 ? 587 HOH   A O   1 
HETATM 1433 O  O   . HOH   J 6 .   ? -5.760  -6.544  12.122  1.00 57.29 ? 588 HOH   A O   1 
HETATM 1434 O  O   . HOH   J 6 .   ? 3.911   9.208   11.852  0.68 31.62 ? 589 HOH   A O   1 
HETATM 1435 O  O   . HOH   J 6 .   ? 13.992  -7.350  19.820  1.00 30.36 ? 590 HOH   A O   1 
HETATM 1436 O  O   . HOH   J 6 .   ? -14.113 -15.228 -8.039  1.00 38.92 ? 591 HOH   A O   1 
HETATM 1437 O  O   . HOH   J 6 .   ? -0.239  -9.045  19.071  1.00 42.67 ? 592 HOH   A O   1 
HETATM 1438 O  O   . HOH   J 6 .   ? 15.297  9.755   -8.070  1.00 42.50 ? 593 HOH   A O   1 
HETATM 1439 O  O   . HOH   J 6 .   ? 13.685  8.662   -12.178 1.00 48.68 ? 594 HOH   A O   1 
HETATM 1440 O  O   . HOH   J 6 .   ? -0.286  6.776   12.052  1.00 29.91 ? 595 HOH   A O   1 
HETATM 1441 O  O   . HOH   J 6 .   ? -3.273  17.597  3.155   1.00 33.76 ? 596 HOH   A O   1 
HETATM 1442 O  O   . HOH   J 6 .   ? -18.667 6.502   -4.736  1.00 37.55 ? 597 HOH   A O   1 
HETATM 1443 O  O   . HOH   J 6 .   ? -19.291 7.811   -2.738  1.00 35.75 ? 598 HOH   A O   1 
HETATM 1444 O  O   . HOH   J 6 .   ? 3.725   3.050   17.652  0.68 36.01 ? 599 HOH   A O   1 
HETATM 1445 O  O   . HOH   J 6 .   ? -18.042 9.371   -4.710  1.00 39.61 ? 600 HOH   A O   1 
HETATM 1446 O  O   . HOH   J 6 .   ? 14.227  7.624   -9.759  1.00 41.95 ? 601 HOH   A O   1 
HETATM 1447 O  O   . HOH   J 6 .   ? -2.778  -23.706 13.933  1.00 48.79 ? 602 HOH   A O   1 
HETATM 1448 O  O   . HOH   J 6 .   ? -18.592 -10.028 -12.745 1.00 47.38 ? 603 HOH   A O   1 
HETATM 1449 O  O   . HOH   J 6 .   ? -4.603  -0.694  15.966  1.00 53.83 ? 604 HOH   A O   1 
HETATM 1450 O  O   . HOH   J 6 .   ? 0.995   9.094   11.659  1.00 28.09 ? 605 HOH   A O   1 
HETATM 1451 O  O   . HOH   J 6 .   ? 10.821  -14.834 20.229  0.68 39.87 ? 606 HOH   A O   1 
HETATM 1452 O  O   . HOH   J 6 .   ? 9.864   1.963   -18.617 1.00 49.34 ? 607 HOH   A O   1 
HETATM 1453 O  O   . HOH   J 6 .   ? -22.323 6.295   -5.200  1.00 38.18 ? 608 HOH   A O   1 
HETATM 1454 O  O   . HOH   J 6 .   ? 15.246  5.730   -13.309 1.00 42.04 ? 609 HOH   A O   1 
HETATM 1455 O  O   . HOH   J 6 .   ? -21.598 -11.257 -17.709 1.00 56.17 ? 610 HOH   A O   1 
# 
